data_5H05
#
_entry.id   5H05
#
_cell.length_a   63.104
_cell.length_b   209.894
_cell.length_c   113.532
_cell.angle_alpha   90.000
_cell.angle_beta   93.140
_cell.angle_gamma   90.000
#
_symmetry.space_group_name_H-M   'P 1 21 1'
#
loop_
_entity.id
_entity.type
_entity.pdbx_description
1 polymer AmyP
2 branched alpha-D-glucopyranose-(1-4)-alpha-D-glucopyranose-(1-4)-alpha-D-glucopyranose
3 non-polymer 'CALCIUM ION'
4 water water
#
_entity_poly.entity_id   1
_entity_poly.type   'polypeptide(L)'
_entity_poly.pdbx_seq_one_letter_code
;HMCDSALTAQANDLRIYQVMVESFVNGDDAIGHGTGYGTSHHKGDLQGIIDSLDYIESLGMNAIWLTPIFDSIPVEGQDH
WADRLDATGYFTSNYFAVDPRFGTMEQAKELVEKAHEKGLYVFFDGVFGHHKDNVVPSPEGRLPVGENNPVSYPESLAFY
QEVATFWIEELKIDGWRLDQAYQVPTEAWTAIRASVDEASKSVTYVNSKGEAVNPLGYMVAQIWNNENYIKETGYGAEGE
PALCSAFDFPVRYRVVETFAANENGIGNKGGKWLDEGMNLHRLYPSHAQPNLMLGNHDLVRFGDLLQRGNIASPEQAEYW
ERHKAALSFQAAYSGPITLYYGEEIGDELEGYAQKVEQDCAVQGLCDDHVARTSANIDGLTVNLNEKQRDLKQYVSQLMT
LRAAHPALSRGERTNIVANETVYIDHKQADDDALIYMVSTTADQDTVELKASDIASDGQLVDLLTGKVHSAINGEYQISL
APFEAKFLLIETPSASGLTKVATVSAASSLIGEGFMAQCDNPTIEGDGPIGKTLYVVGDFADASWKQKPHRAYRYVGENT
YQAVVDEKAGAFRMQYASKDWSPQFTADGLELTPGKTASLKRGGYGQDTAVTLPEAGQYVWSLKFTDSGDPEQIMVSKCP
;
_entity_poly.pdbx_strand_id   A,B,C,D
#
# COMPACT_ATOMS: atom_id res chain seq x y z
N HIS A 1 23.87 -9.09 42.25
CA HIS A 1 24.62 -10.21 41.68
C HIS A 1 25.59 -9.77 40.59
N MET A 2 26.89 -9.99 40.81
CA MET A 2 27.87 -9.73 39.77
C MET A 2 27.71 -10.71 38.62
N CYS A 3 28.43 -10.43 37.53
CA CYS A 3 28.57 -11.38 36.44
C CYS A 3 29.44 -12.56 36.88
N ASP A 4 29.18 -13.71 36.27
CA ASP A 4 29.90 -14.93 36.57
C ASP A 4 31.21 -14.96 35.78
N SER A 5 32.33 -15.09 36.48
CA SER A 5 33.62 -15.01 35.79
C SER A 5 33.91 -16.26 34.96
N ALA A 6 33.36 -17.41 35.35
CA ALA A 6 33.51 -18.59 34.49
C ALA A 6 32.78 -18.38 33.18
N LEU A 7 31.61 -17.76 33.21
CA LEU A 7 30.88 -17.54 31.96
C LEU A 7 31.59 -16.49 31.10
N THR A 8 32.09 -15.42 31.72
CA THR A 8 32.84 -14.43 30.94
C THR A 8 33.99 -15.06 30.21
N ALA A 9 34.74 -15.94 30.89
CA ALA A 9 35.85 -16.61 30.23
C ALA A 9 35.36 -17.43 29.04
N GLN A 10 34.26 -18.17 29.23
CA GLN A 10 33.73 -18.98 28.15
C GLN A 10 33.18 -18.11 27.02
N ALA A 11 32.57 -16.98 27.35
CA ALA A 11 31.92 -16.14 26.35
C ALA A 11 32.92 -15.59 25.34
N ASN A 12 34.15 -15.29 25.76
CA ASN A 12 35.16 -14.77 24.83
C ASN A 12 35.41 -15.71 23.65
N ASP A 13 35.14 -17.00 23.79
CA ASP A 13 35.36 -17.93 22.69
C ASP A 13 34.14 -18.12 21.80
N LEU A 14 33.08 -17.37 22.02
CA LEU A 14 31.87 -17.53 21.20
C LEU A 14 32.10 -16.99 19.79
N ARG A 15 31.97 -17.86 18.80
CA ARG A 15 31.94 -17.45 17.41
C ARG A 15 30.54 -17.82 16.91
N ILE A 16 29.66 -16.84 16.82
CA ILE A 16 28.23 -17.06 16.71
C ILE A 16 27.76 -16.82 15.27
N TYR A 17 27.05 -17.79 14.71
CA TYR A 17 26.45 -17.66 13.38
C TYR A 17 24.97 -17.37 13.53
N GLN A 18 24.51 -16.23 13.01
CA GLN A 18 23.12 -15.81 13.20
C GLN A 18 22.25 -16.28 12.05
N VAL A 19 21.09 -16.82 12.37
CA VAL A 19 20.18 -17.36 11.37
C VAL A 19 18.81 -16.73 11.59
N MET A 20 18.34 -15.98 10.61
CA MET A 20 16.94 -15.53 10.61
C MET A 20 16.10 -16.65 10.00
N VAL A 21 15.24 -17.27 10.82
CA VAL A 21 14.72 -18.60 10.49
C VAL A 21 13.86 -18.58 9.24
N GLU A 22 12.92 -17.63 9.12
CA GLU A 22 11.99 -17.67 8.00
C GLU A 22 12.70 -17.57 6.66
N SER A 23 13.81 -16.83 6.58
CA SER A 23 14.45 -16.53 5.31
C SER A 23 15.69 -17.39 5.04
N PHE A 24 15.93 -18.39 5.87
CA PHE A 24 17.17 -19.15 5.79
C PHE A 24 17.03 -20.30 4.79
N VAL A 25 16.96 -21.54 5.26
CA VAL A 25 16.84 -22.70 4.37
C VAL A 25 15.43 -23.29 4.50
N ASN A 26 14.73 -23.35 3.36
CA ASN A 26 13.47 -24.09 3.28
C ASN A 26 13.80 -25.58 3.19
N GLY A 27 13.82 -26.25 4.36
CA GLY A 27 14.22 -27.64 4.42
C GLY A 27 13.09 -28.63 4.33
N ASP A 28 11.85 -28.19 4.57
CA ASP A 28 10.66 -29.05 4.53
C ASP A 28 9.62 -28.30 3.71
N ASP A 29 9.57 -28.58 2.41
CA ASP A 29 8.77 -27.70 1.58
C ASP A 29 7.28 -27.78 1.89
N ALA A 30 6.88 -28.61 2.84
CA ALA A 30 5.48 -28.73 3.20
C ALA A 30 5.05 -27.70 4.24
N ILE A 31 5.97 -27.00 4.88
CA ILE A 31 5.63 -26.06 5.94
C ILE A 31 6.31 -24.73 5.67
N GLY A 32 5.75 -23.68 6.25
CA GLY A 32 6.38 -22.38 6.22
C GLY A 32 5.38 -21.26 6.08
N HIS A 33 5.80 -20.06 6.47
CA HIS A 33 4.90 -18.90 6.44
C HIS A 33 4.54 -18.50 5.01
N GLY A 34 5.50 -18.56 4.10
CA GLY A 34 5.23 -18.17 2.73
C GLY A 34 4.95 -16.70 2.54
N THR A 35 4.95 -15.92 3.61
CA THR A 35 5.00 -14.47 3.51
C THR A 35 5.95 -14.00 4.59
N GLY A 36 6.25 -12.70 4.57
CA GLY A 36 7.20 -12.17 5.52
C GLY A 36 7.69 -10.82 5.05
N TYR A 37 8.71 -10.33 5.76
CA TYR A 37 9.33 -9.05 5.47
C TYR A 37 10.71 -9.35 4.93
N GLY A 38 10.94 -9.01 3.67
CA GLY A 38 12.14 -9.40 2.93
C GLY A 38 11.78 -10.04 1.61
N THR A 39 12.81 -10.43 0.88
CA THR A 39 12.64 -10.98 -0.46
C THR A 39 12.81 -12.48 -0.54
N SER A 40 13.03 -13.16 0.59
CA SER A 40 13.35 -14.58 0.57
C SER A 40 12.11 -15.42 0.27
N HIS A 41 12.31 -16.75 0.22
CA HIS A 41 11.22 -17.70 0.03
C HIS A 41 10.21 -17.69 1.18
N HIS A 42 10.56 -17.15 2.34
CA HIS A 42 9.66 -17.09 3.52
C HIS A 42 9.21 -18.47 3.99
N LYS A 43 10.02 -19.49 3.71
CA LYS A 43 9.66 -20.86 4.08
C LYS A 43 10.79 -21.55 4.82
N GLY A 44 11.72 -20.79 5.40
CA GLY A 44 12.72 -21.41 6.25
C GLY A 44 12.09 -22.04 7.47
N ASP A 45 12.77 -23.05 8.01
CA ASP A 45 12.20 -23.91 9.05
C ASP A 45 13.33 -24.60 9.81
N LEU A 46 12.95 -25.42 10.79
CA LEU A 46 13.98 -26.05 11.62
C LEU A 46 14.71 -27.15 10.88
N GLN A 47 14.06 -27.77 9.90
CA GLN A 47 14.74 -28.80 9.12
C GLN A 47 15.86 -28.19 8.31
N GLY A 48 15.64 -26.99 7.76
CA GLY A 48 16.69 -26.31 7.02
C GLY A 48 17.91 -26.02 7.87
N ILE A 49 17.71 -25.48 9.06
CA ILE A 49 18.84 -25.25 9.95
C ILE A 49 19.53 -26.57 10.29
N ILE A 50 18.76 -27.61 10.63
CA ILE A 50 19.33 -28.94 10.93
C ILE A 50 20.19 -29.41 9.76
N ASP A 51 19.69 -29.26 8.53
CA ASP A 51 20.47 -29.61 7.37
C ASP A 51 21.70 -28.73 7.21
N SER A 52 21.82 -27.62 7.94
CA SER A 52 22.90 -26.68 7.71
C SER A 52 23.94 -26.69 8.82
N LEU A 53 23.79 -27.53 9.84
CA LEU A 53 24.73 -27.52 10.97
C LEU A 53 26.13 -27.90 10.53
N ASP A 54 26.27 -28.90 9.66
CA ASP A 54 27.61 -29.32 9.23
C ASP A 54 28.31 -28.18 8.50
N TYR A 55 27.60 -27.54 7.55
CA TYR A 55 28.12 -26.33 6.92
C TYR A 55 28.59 -25.30 7.96
N ILE A 56 27.74 -25.02 8.96
CA ILE A 56 28.06 -23.98 9.91
C ILE A 56 29.29 -24.36 10.71
N GLU A 57 29.40 -25.64 11.06
CA GLU A 57 30.53 -26.09 11.86
C GLU A 57 31.82 -26.00 11.06
N SER A 58 31.79 -26.36 9.79
CA SER A 58 32.99 -26.31 8.96
C SER A 58 33.43 -24.87 8.70
N LEU A 59 32.56 -23.91 8.92
CA LEU A 59 32.95 -22.51 8.87
C LEU A 59 33.97 -22.17 9.94
N GLY A 60 34.00 -22.93 11.03
CA GLY A 60 34.75 -22.57 12.21
C GLY A 60 33.91 -21.97 13.32
N MET A 61 32.61 -21.82 13.11
CA MET A 61 31.72 -21.29 14.13
C MET A 61 31.53 -22.32 15.23
N ASN A 62 31.26 -21.85 16.47
CA ASN A 62 30.94 -22.77 17.55
C ASN A 62 29.65 -22.41 18.27
N ALA A 63 28.77 -21.65 17.63
CA ALA A 63 27.46 -21.38 18.21
C ALA A 63 26.53 -20.96 17.08
N ILE A 64 25.22 -21.16 17.29
CA ILE A 64 24.17 -20.57 16.45
C ILE A 64 23.20 -19.78 17.31
N TRP A 65 22.74 -18.67 16.77
CA TRP A 65 21.67 -17.86 17.35
C TRP A 65 20.51 -17.86 16.35
N LEU A 66 19.34 -18.31 16.80
CA LEU A 66 18.13 -18.30 16.00
C LEU A 66 17.23 -17.15 16.45
N THR A 67 16.68 -16.43 15.46
CA THR A 67 15.60 -15.49 15.73
C THR A 67 14.41 -16.27 16.29
N PRO A 68 13.45 -15.60 16.94
CA PRO A 68 12.44 -16.34 17.70
C PRO A 68 11.71 -17.40 16.86
N ILE A 69 11.55 -18.58 17.45
CA ILE A 69 10.84 -19.69 16.83
C ILE A 69 9.56 -20.03 17.55
N PHE A 70 9.07 -19.18 18.45
CA PHE A 70 7.89 -19.53 19.21
C PHE A 70 6.61 -19.15 18.46
N ASP A 71 5.49 -19.68 18.94
CA ASP A 71 4.25 -19.74 18.17
C ASP A 71 3.59 -18.36 18.09
N SER A 72 3.52 -17.80 16.88
CA SER A 72 2.81 -16.55 16.63
C SER A 72 1.47 -16.94 16.02
N ILE A 73 0.44 -17.01 16.86
CA ILE A 73 -0.83 -17.60 16.45
C ILE A 73 -1.61 -16.58 15.62
N PRO A 74 -2.07 -16.95 14.42
CA PRO A 74 -2.87 -16.03 13.61
C PRO A 74 -4.23 -15.74 14.24
N VAL A 75 -4.62 -14.47 14.18
CA VAL A 75 -5.93 -14.01 14.63
C VAL A 75 -6.85 -13.91 13.43
N GLU A 76 -8.05 -14.48 13.53
CA GLU A 76 -8.93 -14.56 12.38
C GLU A 76 -9.27 -13.17 11.87
N GLY A 77 -9.05 -12.96 10.58
CA GLY A 77 -9.26 -11.65 9.98
C GLY A 77 -8.07 -10.72 9.99
N GLN A 78 -6.90 -11.17 10.47
CA GLN A 78 -5.77 -10.25 10.57
C GLN A 78 -5.25 -9.87 9.19
N ASP A 79 -4.78 -8.62 9.07
CA ASP A 79 -4.36 -8.13 7.76
C ASP A 79 -3.01 -8.72 7.34
N HIS A 80 -2.61 -8.42 6.11
CA HIS A 80 -1.40 -9.03 5.56
C HIS A 80 -0.16 -8.60 6.34
N TRP A 81 -0.17 -7.41 6.93
CA TRP A 81 0.95 -6.97 7.76
C TRP A 81 1.15 -7.92 8.95
N ALA A 82 0.05 -8.28 9.62
CA ALA A 82 0.13 -9.23 10.72
C ALA A 82 0.57 -10.64 10.29
N ASP A 83 0.30 -11.05 9.04
CA ASP A 83 0.88 -12.33 8.59
C ASP A 83 2.40 -12.19 8.42
N ARG A 84 2.88 -11.06 7.87
CA ARG A 84 4.32 -10.90 7.71
C ARG A 84 5.01 -10.85 9.05
N LEU A 85 4.44 -10.10 10.01
CA LEU A 85 5.00 -10.03 11.36
C LEU A 85 5.09 -11.41 11.98
N ASP A 86 4.07 -12.23 11.78
CA ASP A 86 4.08 -13.57 12.36
C ASP A 86 5.30 -14.37 11.88
N ALA A 87 5.77 -14.12 10.65
CA ALA A 87 6.92 -14.87 10.15
C ALA A 87 8.24 -14.43 10.77
N THR A 88 8.31 -13.24 11.38
CA THR A 88 9.55 -12.78 11.99
C THR A 88 9.80 -13.40 13.36
N GLY A 89 8.71 -13.78 14.07
CA GLY A 89 8.79 -14.29 15.42
C GLY A 89 8.88 -13.24 16.52
N TYR A 90 8.92 -11.95 16.18
CA TYR A 90 9.23 -10.93 17.17
C TYR A 90 8.00 -10.45 17.94
N PHE A 91 6.81 -10.92 17.58
CA PHE A 91 5.58 -10.55 18.26
C PHE A 91 4.77 -11.84 18.44
N THR A 92 5.17 -12.64 19.42
CA THR A 92 4.69 -14.01 19.52
C THR A 92 3.44 -14.12 20.40
N SER A 93 2.81 -15.30 20.36
CA SER A 93 1.61 -15.59 21.11
C SER A 93 1.87 -16.62 22.20
N ASN A 94 2.53 -17.72 21.89
CA ASN A 94 2.79 -18.79 22.85
C ASN A 94 4.30 -18.94 23.01
N TYR A 95 4.84 -18.40 24.10
CA TYR A 95 6.28 -18.51 24.33
C TYR A 95 6.72 -19.93 24.64
N PHE A 96 5.78 -20.86 24.83
CA PHE A 96 6.12 -22.21 25.27
C PHE A 96 5.84 -23.26 24.23
N ALA A 97 5.56 -22.85 22.99
CA ALA A 97 5.35 -23.75 21.88
C ALA A 97 6.17 -23.31 20.68
N VAL A 98 6.61 -24.25 19.90
CA VAL A 98 7.29 -23.91 18.66
C VAL A 98 6.25 -23.62 17.58
N ASP A 99 6.46 -22.53 16.82
CA ASP A 99 5.55 -22.15 15.75
C ASP A 99 5.52 -23.25 14.69
N PRO A 100 4.35 -23.81 14.39
CA PRO A 100 4.30 -24.96 13.47
C PRO A 100 4.68 -24.61 12.03
N ARG A 101 4.75 -23.33 11.65
CA ARG A 101 5.34 -22.99 10.37
C ARG A 101 6.85 -23.25 10.35
N PHE A 102 7.49 -23.30 11.52
CA PHE A 102 8.91 -23.64 11.60
C PHE A 102 9.19 -25.10 11.90
N GLY A 103 8.32 -25.76 12.66
CA GLY A 103 8.50 -27.17 12.98
C GLY A 103 7.80 -27.55 14.27
N THR A 104 8.17 -28.72 14.78
CA THR A 104 7.59 -29.27 15.99
C THR A 104 8.56 -29.11 17.16
N MET A 105 8.02 -29.33 18.36
CA MET A 105 8.86 -29.35 19.54
C MET A 105 9.90 -30.45 19.44
N GLU A 106 9.50 -31.62 18.92
CA GLU A 106 10.47 -32.69 18.78
C GLU A 106 11.61 -32.30 17.84
N GLN A 107 11.31 -31.50 16.80
CA GLN A 107 12.35 -31.08 15.86
C GLN A 107 13.29 -30.06 16.50
N ALA A 108 12.75 -29.17 17.33
CA ALA A 108 13.61 -28.30 18.11
C ALA A 108 14.57 -29.11 18.99
N LYS A 109 14.03 -30.08 19.72
CA LYS A 109 14.90 -30.93 20.54
C LYS A 109 15.95 -31.64 19.69
N GLU A 110 15.58 -32.08 18.49
CA GLU A 110 16.57 -32.69 17.60
C GLU A 110 17.61 -31.67 17.14
N LEU A 111 17.17 -30.44 16.84
CA LEU A 111 18.11 -29.41 16.42
C LEU A 111 19.16 -29.17 17.48
N VAL A 112 18.73 -28.92 18.73
CA VAL A 112 19.68 -28.60 19.79
C VAL A 112 20.59 -29.78 20.08
N GLU A 113 20.02 -31.00 20.15
CA GLU A 113 20.85 -32.17 20.39
C GLU A 113 21.88 -32.37 19.27
N LYS A 114 21.49 -32.17 18.02
CA LYS A 114 22.44 -32.37 16.94
C LYS A 114 23.49 -31.27 16.91
N ALA A 115 23.10 -30.02 17.18
CA ALA A 115 24.10 -28.96 17.24
C ALA A 115 25.09 -29.19 18.36
N HIS A 116 24.60 -29.70 19.50
CA HIS A 116 25.49 -30.04 20.59
C HIS A 116 26.45 -31.16 20.20
N GLU A 117 25.99 -32.13 19.39
CA GLU A 117 26.87 -33.20 18.92
C GLU A 117 28.00 -32.63 18.08
N LYS A 118 27.68 -31.73 17.15
CA LYS A 118 28.66 -31.20 16.21
C LYS A 118 29.53 -30.10 16.79
N GLY A 119 29.40 -29.77 18.07
CA GLY A 119 30.27 -28.77 18.66
C GLY A 119 29.77 -27.35 18.60
N LEU A 120 28.46 -27.13 18.62
CA LEU A 120 27.86 -25.80 18.53
C LEU A 120 26.97 -25.54 19.75
N TYR A 121 27.11 -24.35 20.33
CA TYR A 121 26.10 -23.88 21.27
C TYR A 121 24.86 -23.39 20.51
N VAL A 122 23.73 -23.34 21.20
CA VAL A 122 22.48 -22.85 20.64
C VAL A 122 21.96 -21.71 21.51
N PHE A 123 21.63 -20.58 20.88
CA PHE A 123 21.00 -19.45 21.54
C PHE A 123 19.64 -19.16 20.91
N PHE A 124 18.66 -18.85 21.74
CA PHE A 124 17.34 -18.44 21.28
C PHE A 124 17.18 -16.93 21.46
N ASP A 125 16.15 -16.39 20.80
CA ASP A 125 15.89 -14.96 20.80
C ASP A 125 14.71 -14.68 21.73
N GLY A 126 14.98 -14.06 22.87
CA GLY A 126 13.96 -13.79 23.86
C GLY A 126 13.46 -12.37 23.76
N VAL A 127 12.15 -12.24 23.49
CA VAL A 127 11.52 -10.93 23.41
C VAL A 127 10.72 -10.75 24.69
N PHE A 128 11.32 -10.11 25.68
CA PHE A 128 10.71 -10.04 27.01
C PHE A 128 10.09 -8.68 27.29
N GLY A 129 9.97 -7.83 26.27
CA GLY A 129 9.37 -6.52 26.48
C GLY A 129 8.09 -6.28 25.71
N HIS A 130 7.75 -7.16 24.77
CA HIS A 130 6.53 -6.98 23.99
C HIS A 130 6.13 -8.33 23.40
N HIS A 131 4.90 -8.40 22.89
CA HIS A 131 4.30 -9.63 22.39
C HIS A 131 3.02 -9.29 21.63
N LYS A 132 2.50 -10.29 20.92
CA LYS A 132 1.22 -10.14 20.23
C LYS A 132 0.05 -10.06 21.21
N ASP A 133 -1.07 -9.50 20.76
CA ASP A 133 -2.21 -9.27 21.65
C ASP A 133 -2.83 -10.57 22.15
N ASN A 134 -2.72 -11.66 21.40
CA ASN A 134 -3.37 -12.90 21.83
C ASN A 134 -2.44 -13.81 22.60
N VAL A 135 -1.59 -13.23 23.47
CA VAL A 135 -0.62 -14.03 24.19
C VAL A 135 -1.32 -15.09 25.04
N VAL A 136 -0.73 -16.28 25.10
CA VAL A 136 -1.34 -17.48 25.68
C VAL A 136 -0.74 -17.69 27.07
N PRO A 137 -1.51 -18.13 28.06
CA PRO A 137 -0.96 -18.27 29.42
C PRO A 137 0.09 -19.37 29.50
N SER A 138 0.99 -19.21 30.47
CA SER A 138 2.16 -20.08 30.62
C SER A 138 1.75 -21.44 31.14
N PRO A 139 2.64 -22.42 31.12
CA PRO A 139 2.30 -23.68 31.81
C PRO A 139 1.93 -23.50 33.28
N GLU A 140 2.63 -22.66 34.01
CA GLU A 140 2.27 -22.45 35.40
C GLU A 140 1.18 -21.42 35.59
N GLY A 141 0.49 -21.03 34.51
CA GLY A 141 -0.67 -20.15 34.59
C GLY A 141 -0.39 -18.65 34.63
N ARG A 142 0.79 -18.20 34.24
CA ARG A 142 1.09 -16.77 34.29
C ARG A 142 0.84 -16.11 32.93
N LEU A 143 0.65 -14.79 32.98
CA LEU A 143 0.51 -13.91 31.83
C LEU A 143 1.31 -12.62 32.07
N PRO A 144 1.84 -12.02 31.01
CA PRO A 144 2.52 -10.72 31.19
C PRO A 144 1.47 -9.66 31.42
N VAL A 145 1.88 -8.54 31.99
CA VAL A 145 0.96 -7.54 32.52
C VAL A 145 1.14 -6.23 31.77
N GLY A 146 0.03 -5.54 31.53
CA GLY A 146 0.08 -4.22 30.92
C GLY A 146 -0.14 -4.22 29.42
N GLU A 147 0.41 -3.22 28.74
CA GLU A 147 0.27 -3.14 27.31
C GLU A 147 0.97 -4.30 26.62
N ASN A 148 0.65 -4.50 25.34
CA ASN A 148 1.42 -5.48 24.58
C ASN A 148 2.82 -4.97 24.26
N ASN A 149 3.03 -3.66 24.25
CA ASN A 149 4.28 -3.08 23.79
C ASN A 149 4.48 -1.66 24.29
N PRO A 150 5.30 -1.48 25.35
CA PRO A 150 5.98 -2.50 26.17
C PRO A 150 5.09 -3.08 27.29
N VAL A 151 5.48 -4.24 27.81
CA VAL A 151 4.81 -4.80 28.98
C VAL A 151 5.27 -4.06 30.24
N SER A 152 4.53 -4.24 31.34
CA SER A 152 4.86 -3.56 32.58
C SER A 152 5.78 -4.42 33.45
N TYR A 153 6.86 -3.82 33.93
CA TYR A 153 7.66 -4.46 34.97
C TYR A 153 7.48 -3.65 36.25
N PRO A 154 7.63 -4.31 37.40
CA PRO A 154 8.00 -5.71 37.59
C PRO A 154 6.86 -6.74 37.50
N GLU A 155 5.62 -6.30 37.24
CA GLU A 155 4.49 -7.24 37.21
C GLU A 155 4.71 -8.40 36.23
N SER A 156 5.35 -8.15 35.09
CA SER A 156 5.53 -9.21 34.11
C SER A 156 6.73 -10.09 34.38
N LEU A 157 7.46 -9.84 35.47
CA LEU A 157 8.75 -10.49 35.65
C LEU A 157 8.58 -11.98 35.87
N ALA A 158 7.59 -12.39 36.68
CA ALA A 158 7.42 -13.82 36.92
C ALA A 158 7.17 -14.56 35.60
N PHE A 159 6.37 -13.95 34.73
CA PHE A 159 6.06 -14.57 33.44
C PHE A 159 7.32 -14.78 32.61
N TYR A 160 8.17 -13.75 32.50
CA TYR A 160 9.31 -13.86 31.61
C TYR A 160 10.44 -14.66 32.23
N GLN A 161 10.54 -14.68 33.56
CA GLN A 161 11.42 -15.65 34.21
C GLN A 161 11.03 -17.08 33.83
N GLU A 162 9.73 -17.34 33.70
CA GLU A 162 9.29 -18.68 33.34
C GLU A 162 9.65 -19.01 31.90
N VAL A 163 9.50 -18.03 30.98
CA VAL A 163 9.96 -18.19 29.60
C VAL A 163 11.46 -18.50 29.57
N ALA A 164 12.26 -17.65 30.20
CA ALA A 164 13.71 -17.78 30.10
C ALA A 164 14.19 -19.12 30.63
N THR A 165 13.55 -19.65 31.67
CA THR A 165 14.03 -20.91 32.23
C THR A 165 13.47 -22.11 31.49
N PHE A 166 12.27 -21.99 30.92
CA PHE A 166 11.60 -23.14 30.30
C PHE A 166 12.46 -23.77 29.22
N TRP A 167 12.96 -22.98 28.27
CA TRP A 167 13.71 -23.58 27.17
C TRP A 167 15.09 -24.08 27.59
N ILE A 168 15.64 -23.57 28.69
CA ILE A 168 16.90 -24.14 29.18
C ILE A 168 16.65 -25.50 29.82
N GLU A 169 15.64 -25.59 30.69
CA GLU A 169 15.33 -26.87 31.32
C GLU A 169 14.89 -27.90 30.28
N GLU A 170 14.01 -27.50 29.34
CA GLU A 170 13.38 -28.44 28.41
C GLU A 170 14.32 -28.89 27.28
N LEU A 171 14.94 -27.93 26.58
CA LEU A 171 15.83 -28.29 25.47
C LEU A 171 17.31 -28.10 25.77
N LYS A 172 17.65 -27.53 26.93
CA LYS A 172 19.03 -27.26 27.29
C LYS A 172 19.70 -26.36 26.25
N ILE A 173 18.99 -25.29 25.84
CA ILE A 173 19.65 -24.24 25.06
C ILE A 173 20.70 -23.55 25.94
N ASP A 174 21.66 -22.91 25.28
CA ASP A 174 22.82 -22.36 25.98
C ASP A 174 22.68 -20.89 26.32
N GLY A 175 21.57 -20.23 25.97
CA GLY A 175 21.43 -18.84 26.31
C GLY A 175 20.43 -18.10 25.44
N TRP A 176 20.48 -16.78 25.58
CA TRP A 176 19.42 -15.90 25.11
C TRP A 176 20.02 -14.63 24.51
N ARG A 177 19.60 -14.30 23.30
CA ARG A 177 19.75 -12.96 22.79
C ARG A 177 18.49 -12.17 23.17
N LEU A 178 18.68 -10.96 23.70
CA LEU A 178 17.61 -10.28 24.44
C LEU A 178 17.12 -9.08 23.65
N ASP A 179 15.96 -9.24 23.02
CA ASP A 179 15.51 -8.28 22.04
C ASP A 179 15.08 -6.97 22.68
N GLN A 180 15.39 -5.85 22.00
CA GLN A 180 15.14 -4.50 22.49
C GLN A 180 15.26 -4.37 24.01
N ALA A 181 16.41 -4.75 24.53
CA ALA A 181 16.55 -4.97 25.96
C ALA A 181 16.28 -3.73 26.81
N TYR A 182 16.31 -2.52 26.23
CA TYR A 182 16.00 -1.34 27.03
C TYR A 182 14.54 -1.29 27.47
N GLN A 183 13.66 -2.13 26.89
CA GLN A 183 12.27 -2.14 27.33
C GLN A 183 12.12 -2.77 28.70
N VAL A 184 13.05 -3.63 29.10
CA VAL A 184 13.04 -4.27 30.42
C VAL A 184 14.00 -3.52 31.34
N PRO A 185 13.55 -3.06 32.51
CA PRO A 185 14.43 -2.29 33.39
C PRO A 185 15.57 -3.13 33.94
N THR A 186 16.66 -2.44 34.30
CA THR A 186 17.91 -3.13 34.65
C THR A 186 17.71 -4.06 35.85
N GLU A 187 16.97 -3.59 36.86
CA GLU A 187 16.60 -4.43 37.99
C GLU A 187 16.12 -5.80 37.53
N ALA A 188 15.14 -5.81 36.62
CA ALA A 188 14.55 -7.07 36.15
C ALA A 188 15.55 -7.94 35.39
N TRP A 189 16.47 -7.32 34.63
CA TRP A 189 17.49 -8.13 33.94
C TRP A 189 18.31 -8.93 34.93
N THR A 190 18.66 -8.31 36.07
CA THR A 190 19.41 -9.03 37.08
C THR A 190 18.64 -10.25 37.56
N ALA A 191 17.35 -10.06 37.84
CA ALA A 191 16.52 -11.17 38.28
C ALA A 191 16.39 -12.24 37.20
N ILE A 192 16.18 -11.83 35.94
CA ILE A 192 16.09 -12.83 34.87
C ILE A 192 17.44 -13.52 34.69
N ARG A 193 18.54 -12.78 34.85
CA ARG A 193 19.86 -13.40 34.79
C ARG A 193 20.03 -14.43 35.89
N ALA A 194 19.47 -14.19 37.09
CA ALA A 194 19.58 -15.17 38.16
C ALA A 194 18.82 -16.44 37.84
N SER A 195 17.63 -16.30 37.26
CA SER A 195 16.87 -17.49 36.88
C SER A 195 17.62 -18.27 35.82
N VAL A 196 18.17 -17.57 34.82
CA VAL A 196 18.87 -18.25 33.74
C VAL A 196 20.09 -18.99 34.28
N ASP A 197 20.85 -18.34 35.16
CA ASP A 197 22.03 -18.98 35.75
C ASP A 197 21.63 -20.17 36.61
N GLU A 198 20.51 -20.06 37.34
CA GLU A 198 20.03 -21.18 38.13
C GLU A 198 19.52 -22.31 37.24
N ALA A 199 18.65 -21.99 36.28
CA ALA A 199 18.17 -22.99 35.35
C ALA A 199 19.31 -23.68 34.61
N SER A 200 20.36 -22.94 34.28
CA SER A 200 21.45 -23.53 33.50
C SER A 200 22.30 -24.49 34.32
N LYS A 201 22.44 -24.24 35.62
CA LYS A 201 23.22 -25.10 36.51
C LYS A 201 22.41 -26.30 37.00
N SER A 202 21.13 -26.40 36.63
CA SER A 202 20.28 -27.48 37.09
C SER A 202 20.07 -28.55 36.02
N VAL A 203 20.80 -28.51 34.91
CA VAL A 203 20.67 -29.49 33.83
C VAL A 203 22.03 -29.66 33.18
N THR A 204 22.22 -30.78 32.49
CA THR A 204 23.48 -31.06 31.82
C THR A 204 23.25 -31.78 30.50
N TYR A 205 24.28 -31.76 29.67
CA TYR A 205 24.26 -32.52 28.44
C TYR A 205 25.69 -32.88 28.10
N VAL A 206 25.84 -33.86 27.21
CA VAL A 206 27.14 -34.34 26.78
C VAL A 206 27.57 -33.56 25.55
N ASN A 207 28.71 -32.87 25.64
CA ASN A 207 29.18 -32.06 24.53
C ASN A 207 29.83 -32.95 23.47
N SER A 208 30.39 -32.32 22.44
CA SER A 208 31.01 -33.04 21.33
C SER A 208 32.31 -33.74 21.71
N LYS A 209 32.79 -33.57 22.94
CA LYS A 209 34.02 -34.20 23.39
C LYS A 209 33.79 -35.20 24.52
N GLY A 210 32.54 -35.66 24.70
CA GLY A 210 32.21 -36.58 25.76
C GLY A 210 31.91 -35.95 27.11
N GLU A 211 32.40 -34.74 27.38
CA GLU A 211 32.25 -34.13 28.69
C GLU A 211 30.80 -33.70 28.95
N ALA A 212 30.34 -33.91 30.18
CA ALA A 212 29.04 -33.43 30.61
C ALA A 212 29.18 -32.01 31.13
N VAL A 213 28.39 -31.09 30.57
CA VAL A 213 28.50 -29.68 30.88
C VAL A 213 27.11 -29.14 31.19
N ASN A 214 27.09 -28.03 31.89
CA ASN A 214 25.87 -27.23 31.97
C ASN A 214 25.75 -26.37 30.72
N PRO A 215 24.53 -26.06 30.30
CA PRO A 215 24.34 -24.99 29.32
C PRO A 215 25.03 -23.72 29.82
N LEU A 216 25.51 -22.91 28.87
CA LEU A 216 26.37 -21.77 29.20
C LEU A 216 25.66 -20.75 30.08
N GLY A 217 24.38 -20.46 29.79
CA GLY A 217 23.73 -19.31 30.37
C GLY A 217 24.18 -17.98 29.79
N TYR A 218 24.63 -17.96 28.55
CA TYR A 218 25.03 -16.71 27.93
C TYR A 218 23.82 -15.80 27.73
N MET A 219 23.99 -14.51 27.98
CA MET A 219 22.95 -13.56 27.65
C MET A 219 23.56 -12.30 27.03
N VAL A 220 23.04 -11.89 25.87
CA VAL A 220 23.57 -10.73 25.18
C VAL A 220 22.39 -9.83 24.78
N ALA A 221 22.43 -8.59 25.27
CA ALA A 221 21.37 -7.62 25.02
C ALA A 221 21.51 -6.98 23.65
N GLN A 222 20.41 -6.85 22.94
CA GLN A 222 20.39 -6.01 21.76
C GLN A 222 19.86 -4.63 22.15
N ILE A 223 20.74 -3.64 22.06
CA ILE A 223 20.42 -2.26 22.35
C ILE A 223 21.02 -1.47 21.19
N TRP A 224 20.18 -1.02 20.28
CA TRP A 224 20.60 -0.33 19.06
C TRP A 224 20.79 1.16 19.36
N ASN A 225 21.91 1.48 19.99
CA ASN A 225 22.17 2.84 20.44
C ASN A 225 23.67 3.02 20.64
N ASN A 226 24.09 4.17 21.17
CA ASN A 226 25.50 4.41 21.40
C ASN A 226 25.91 3.94 22.80
N GLU A 227 27.16 4.23 23.18
CA GLU A 227 27.78 3.62 24.36
C GLU A 227 27.11 4.05 25.67
N ASN A 228 26.74 5.31 25.80
CA ASN A 228 26.10 5.73 27.04
C ASN A 228 24.75 5.06 27.23
N TYR A 229 24.02 4.81 26.15
CA TYR A 229 22.72 4.16 26.30
C TYR A 229 22.86 2.66 26.50
N ILE A 230 23.80 2.01 25.80
CA ILE A 230 24.10 0.62 26.09
C ILE A 230 24.56 0.48 27.54
N LYS A 231 25.28 1.46 28.06
CA LYS A 231 25.66 1.39 29.47
C LYS A 231 24.45 1.55 30.36
N GLU A 232 23.65 2.60 30.14
CA GLU A 232 22.58 2.92 31.07
C GLU A 232 21.48 1.86 31.08
N THR A 233 21.07 1.38 29.90
CA THR A 233 19.94 0.46 29.81
C THR A 233 20.35 -1.00 29.79
N GLY A 234 21.63 -1.32 29.56
CA GLY A 234 22.05 -2.70 29.41
C GLY A 234 23.11 -3.15 30.41
N TYR A 235 24.30 -2.55 30.38
CA TYR A 235 25.36 -3.02 31.26
C TYR A 235 25.08 -2.65 32.70
N GLY A 236 24.51 -1.47 32.96
CA GLY A 236 24.36 -0.96 34.31
C GLY A 236 25.63 -0.32 34.85
N ALA A 237 25.60 -0.01 36.14
CA ALA A 237 26.68 0.75 36.75
C ALA A 237 27.89 -0.13 37.09
N GLU A 238 29.02 0.52 37.33
CA GLU A 238 30.18 -0.19 37.87
C GLU A 238 29.81 -0.79 39.22
N GLY A 239 30.09 -2.08 39.39
CA GLY A 239 29.74 -2.77 40.60
C GLY A 239 28.29 -3.22 40.72
N GLU A 240 27.40 -2.83 39.81
CA GLU A 240 25.98 -3.18 39.89
C GLU A 240 25.48 -3.71 38.55
N PRO A 241 26.05 -4.81 38.06
CA PRO A 241 25.76 -5.23 36.68
C PRO A 241 24.28 -5.57 36.49
N ALA A 242 23.75 -5.15 35.35
CA ALA A 242 22.46 -5.62 34.87
C ALA A 242 22.66 -6.80 33.93
N LEU A 243 23.03 -6.55 32.69
CA LEU A 243 23.47 -7.62 31.80
C LEU A 243 24.98 -7.52 31.63
N CYS A 244 25.59 -8.63 31.16
CA CYS A 244 27.04 -8.69 31.05
C CYS A 244 27.54 -8.60 29.62
N SER A 245 26.66 -8.75 28.62
CA SER A 245 27.07 -8.70 27.24
C SER A 245 26.01 -8.01 26.39
N ALA A 246 26.45 -7.10 25.53
CA ALA A 246 25.57 -6.42 24.59
C ALA A 246 26.27 -6.37 23.25
N PHE A 247 25.48 -6.24 22.20
CA PHE A 247 26.07 -6.16 20.88
C PHE A 247 26.80 -4.84 20.72
N ASP A 248 27.93 -4.87 20.00
CA ASP A 248 28.79 -3.69 19.88
C ASP A 248 28.40 -2.89 18.63
N PHE A 249 27.20 -2.29 18.68
CA PHE A 249 26.78 -1.46 17.56
C PHE A 249 27.75 -0.32 17.26
N PRO A 250 28.32 0.39 18.25
CA PRO A 250 29.25 1.48 17.89
C PRO A 250 30.45 1.03 17.10
N VAL A 251 31.06 -0.11 17.44
CA VAL A 251 32.21 -0.51 16.68
C VAL A 251 31.77 -1.10 15.33
N ARG A 252 30.60 -1.75 15.27
CA ARG A 252 30.06 -2.19 13.99
C ARG A 252 30.01 -1.03 13.01
N TYR A 253 29.53 0.13 13.47
CA TYR A 253 29.47 1.28 12.58
C TYR A 253 30.86 1.74 12.17
N ARG A 254 31.81 1.82 13.11
CA ARG A 254 33.18 2.17 12.74
C ARG A 254 33.71 1.25 11.66
N VAL A 255 33.44 -0.05 11.78
CA VAL A 255 33.96 -0.98 10.77
C VAL A 255 33.39 -0.67 9.39
N VAL A 256 32.05 -0.61 9.28
CA VAL A 256 31.50 -0.40 7.94
C VAL A 256 31.83 1.01 7.44
N GLU A 257 31.96 1.99 8.33
CA GLU A 257 32.39 3.32 7.89
C GLU A 257 33.86 3.35 7.49
N THR A 258 34.66 2.40 7.95
CA THR A 258 36.04 2.34 7.47
C THR A 258 36.15 1.55 6.17
N PHE A 259 35.60 0.35 6.11
CA PHE A 259 35.79 -0.52 4.96
C PHE A 259 34.65 -0.47 3.96
N ALA A 260 33.65 0.37 4.19
CA ALA A 260 32.58 0.59 3.22
C ALA A 260 31.96 1.96 3.49
N ALA A 261 30.65 1.97 3.69
CA ALA A 261 29.92 3.13 4.18
C ALA A 261 28.75 2.62 4.98
N ASN A 262 28.21 3.44 5.88
CA ASN A 262 27.04 2.95 6.58
C ASN A 262 25.79 3.19 5.75
N GLU A 263 24.64 2.72 6.26
CA GLU A 263 23.37 2.89 5.56
C GLU A 263 23.13 4.33 5.11
N ASN A 264 23.67 5.31 5.83
CA ASN A 264 23.49 6.73 5.53
C ASN A 264 24.59 7.31 4.64
N GLY A 265 25.60 6.53 4.25
CA GLY A 265 26.58 7.00 3.31
C GLY A 265 27.90 7.49 3.89
N ILE A 266 27.96 7.72 5.21
CA ILE A 266 29.22 8.07 5.87
C ILE A 266 30.20 6.94 5.66
N GLY A 267 31.33 7.22 5.00
CA GLY A 267 32.27 6.18 4.60
C GLY A 267 33.67 6.69 4.39
N ASN A 268 34.54 5.77 3.96
CA ASN A 268 35.93 6.05 3.62
C ASN A 268 36.70 6.69 4.78
N LYS A 269 36.37 6.31 6.01
CA LYS A 269 37.20 6.69 7.15
C LYS A 269 38.44 5.81 7.19
N GLY A 270 39.36 6.15 8.08
CA GLY A 270 40.62 5.41 8.09
C GLY A 270 40.86 4.59 9.35
N GLY A 271 42.13 4.33 9.67
CA GLY A 271 42.46 3.59 10.87
C GLY A 271 42.22 4.37 12.15
N LYS A 272 42.36 5.69 12.10
CA LYS A 272 42.03 6.48 13.27
C LYS A 272 40.57 6.25 13.67
N TRP A 273 39.69 6.00 12.70
CA TRP A 273 38.27 5.87 13.00
C TRP A 273 37.98 4.57 13.74
N LEU A 274 38.57 3.47 13.29
CA LEU A 274 38.53 2.23 14.04
C LEU A 274 39.04 2.42 15.46
N ASP A 275 40.20 3.07 15.61
CA ASP A 275 40.83 3.14 16.92
C ASP A 275 39.99 3.95 17.90
N GLU A 276 39.36 5.03 17.44
CA GLU A 276 38.55 5.81 18.36
C GLU A 276 37.36 5.00 18.86
N GLY A 277 36.80 4.13 18.01
CA GLY A 277 35.69 3.32 18.44
C GLY A 277 36.11 2.33 19.51
N MET A 278 37.28 1.72 19.35
CA MET A 278 37.73 0.78 20.36
C MET A 278 38.05 1.49 21.67
N ASN A 279 38.63 2.69 21.60
CA ASN A 279 38.89 3.46 22.81
C ASN A 279 37.61 3.84 23.54
N LEU A 280 36.48 3.94 22.86
CA LEU A 280 35.25 4.29 23.55
C LEU A 280 34.71 3.16 24.42
N HIS A 281 35.30 1.96 24.33
CA HIS A 281 35.00 0.92 25.31
C HIS A 281 35.30 1.38 26.73
N ARG A 282 36.17 2.39 26.90
CA ARG A 282 36.40 2.93 28.23
C ARG A 282 35.12 3.50 28.86
N LEU A 283 34.11 3.83 28.07
CA LEU A 283 32.88 4.28 28.71
C LEU A 283 32.08 3.16 29.36
N TYR A 284 32.39 1.89 29.07
CA TYR A 284 31.68 0.77 29.67
C TYR A 284 32.26 0.45 31.05
N PRO A 285 31.43 -0.06 31.96
CA PRO A 285 31.98 -0.57 33.23
C PRO A 285 32.82 -1.81 33.01
N SER A 286 33.61 -2.14 34.04
CA SER A 286 34.64 -3.17 33.87
C SER A 286 34.07 -4.54 33.58
N HIS A 287 32.81 -4.80 33.90
CA HIS A 287 32.21 -6.11 33.67
C HIS A 287 31.67 -6.28 32.27
N ALA A 288 31.70 -5.23 31.45
CA ALA A 288 31.02 -5.24 30.17
C ALA A 288 31.77 -6.10 29.18
N GLN A 289 31.03 -6.92 28.45
CA GLN A 289 31.59 -7.79 27.42
C GLN A 289 30.83 -7.55 26.12
N PRO A 290 31.24 -6.55 25.33
CA PRO A 290 30.57 -6.31 24.04
C PRO A 290 30.79 -7.44 23.06
N ASN A 291 29.82 -7.60 22.16
CA ASN A 291 29.77 -8.67 21.17
C ASN A 291 29.70 -8.03 19.79
N LEU A 292 30.78 -8.17 19.00
CA LEU A 292 30.90 -7.48 17.73
C LEU A 292 30.25 -8.28 16.61
N MET A 293 29.24 -7.70 15.97
CA MET A 293 28.73 -8.23 14.71
C MET A 293 28.96 -7.20 13.61
N LEU A 294 29.02 -7.67 12.38
CA LEU A 294 29.12 -6.76 11.24
C LEU A 294 27.75 -6.40 10.66
N GLY A 295 26.78 -7.29 10.79
CA GLY A 295 25.42 -7.06 10.32
C GLY A 295 24.49 -7.97 11.07
N ASN A 296 23.21 -7.77 10.83
CA ASN A 296 22.19 -8.67 11.35
C ASN A 296 20.98 -8.54 10.43
N HIS A 297 19.87 -9.13 10.85
CA HIS A 297 18.64 -9.09 10.08
C HIS A 297 18.00 -7.70 10.02
N ASP A 298 18.52 -6.69 10.73
CA ASP A 298 17.96 -5.33 10.71
C ASP A 298 18.85 -4.37 9.95
N LEU A 299 20.00 -4.81 9.49
CA LEU A 299 20.98 -3.94 8.86
C LEU A 299 21.18 -4.36 7.41
N VAL A 300 21.44 -3.38 6.55
CA VAL A 300 21.77 -3.69 5.17
C VAL A 300 23.05 -4.50 5.12
N ARG A 301 23.11 -5.46 4.20
CA ARG A 301 24.30 -6.28 4.04
C ARG A 301 25.51 -5.43 3.66
N PHE A 302 26.65 -5.86 4.16
CA PHE A 302 27.93 -5.25 3.80
C PHE A 302 28.05 -5.09 2.29
N GLY A 303 27.82 -6.19 1.55
CA GLY A 303 27.94 -6.15 0.10
C GLY A 303 27.08 -5.08 -0.54
N ASP A 304 25.87 -4.87 -0.01
CA ASP A 304 25.01 -3.82 -0.56
C ASP A 304 25.44 -2.42 -0.13
N LEU A 305 26.03 -2.26 1.06
CA LEU A 305 26.60 -0.97 1.42
C LEU A 305 27.78 -0.58 0.51
N LEU A 306 28.60 -1.55 0.11
CA LEU A 306 29.67 -1.30 -0.84
C LEU A 306 29.11 -0.77 -2.15
N GLN A 307 28.03 -1.40 -2.63
CA GLN A 307 27.37 -0.95 -3.83
C GLN A 307 26.61 0.34 -3.57
N ARG A 308 26.01 0.49 -2.39
CA ARG A 308 25.24 1.70 -2.13
C ARG A 308 26.14 2.92 -2.24
N GLY A 309 27.30 2.89 -1.58
CA GLY A 309 28.30 3.93 -1.61
C GLY A 309 29.07 4.03 -2.90
N ASN A 310 28.72 3.24 -3.92
CA ASN A 310 29.47 3.24 -5.17
C ASN A 310 30.95 2.97 -4.93
N ILE A 311 31.24 2.13 -3.95
CA ILE A 311 32.62 1.83 -3.58
C ILE A 311 33.17 0.64 -4.37
N ALA A 312 32.35 -0.39 -4.55
CA ALA A 312 32.82 -1.64 -5.12
C ALA A 312 31.62 -2.53 -5.43
N SER A 313 31.83 -3.46 -6.33
CA SER A 313 30.78 -4.34 -6.80
C SER A 313 31.34 -5.75 -6.93
N PRO A 314 30.50 -6.78 -6.86
CA PRO A 314 31.00 -8.16 -6.82
C PRO A 314 31.92 -8.56 -7.96
N GLU A 315 31.86 -7.87 -9.11
CA GLU A 315 32.80 -8.15 -10.19
C GLU A 315 34.21 -7.66 -9.86
N GLN A 316 34.32 -6.59 -9.07
CA GLN A 316 35.60 -5.95 -8.79
C GLN A 316 36.31 -6.63 -7.63
N ALA A 317 37.63 -6.57 -7.66
CA ALA A 317 38.41 -7.20 -6.60
C ALA A 317 38.30 -6.46 -5.28
N GLU A 318 38.14 -5.13 -5.30
CA GLU A 318 38.06 -4.39 -4.03
C GLU A 318 36.86 -4.84 -3.20
N TYR A 319 35.77 -5.24 -3.84
CA TYR A 319 34.59 -5.72 -3.12
C TYR A 319 34.95 -6.92 -2.24
N TRP A 320 35.78 -7.82 -2.76
CA TRP A 320 36.17 -8.98 -1.98
C TRP A 320 37.26 -8.63 -0.96
N GLU A 321 38.20 -7.77 -1.35
CA GLU A 321 39.24 -7.34 -0.41
CA GLU A 321 39.23 -7.41 -0.38
C GLU A 321 38.64 -6.60 0.78
N ARG A 322 37.61 -5.78 0.53
CA ARG A 322 37.01 -5.01 1.60
C ARG A 322 36.21 -5.91 2.55
N HIS A 323 35.53 -6.93 2.05
CA HIS A 323 34.93 -7.93 2.94
C HIS A 323 35.98 -8.52 3.88
N LYS A 324 37.10 -8.99 3.32
CA LYS A 324 38.13 -9.64 4.13
C LYS A 324 38.67 -8.71 5.21
N ALA A 325 38.87 -7.42 4.87
CA ALA A 325 39.39 -6.47 5.85
C ALA A 325 38.45 -6.34 7.05
N ALA A 326 37.17 -6.12 6.79
CA ALA A 326 36.19 -6.01 7.87
C ALA A 326 36.12 -7.30 8.67
N LEU A 327 35.96 -8.45 7.98
CA LEU A 327 35.93 -9.72 8.70
C LEU A 327 37.22 -9.97 9.48
N SER A 328 38.36 -9.48 8.98
CA SER A 328 39.59 -9.67 9.73
C SER A 328 39.59 -8.83 11.00
N PHE A 329 39.02 -7.62 10.93
CA PHE A 329 38.93 -6.83 12.14
C PHE A 329 38.15 -7.56 13.21
N GLN A 330 37.04 -8.17 12.83
CA GLN A 330 36.25 -8.94 13.77
C GLN A 330 37.07 -10.09 14.36
N ALA A 331 37.83 -10.80 13.52
CA ALA A 331 38.59 -11.96 13.98
C ALA A 331 39.69 -11.58 14.95
N ALA A 332 40.08 -10.31 15.01
CA ALA A 332 41.09 -9.82 15.93
C ALA A 332 40.50 -9.17 17.16
N TYR A 333 39.17 -9.05 17.21
CA TYR A 333 38.48 -8.33 18.26
C TYR A 333 38.32 -9.24 19.48
N SER A 334 38.75 -8.76 20.64
CA SER A 334 38.64 -9.55 21.87
C SER A 334 37.19 -9.53 22.33
N GLY A 335 36.68 -10.71 22.70
CA GLY A 335 35.32 -10.82 23.13
C GLY A 335 34.54 -11.71 22.18
N PRO A 336 33.27 -11.94 22.48
CA PRO A 336 32.43 -12.73 21.58
C PRO A 336 32.17 -11.98 20.28
N ILE A 337 32.01 -12.74 19.19
CA ILE A 337 31.77 -12.19 17.87
C ILE A 337 30.64 -12.96 17.17
N THR A 338 29.93 -12.26 16.29
CA THR A 338 28.75 -12.82 15.66
C THR A 338 28.78 -12.53 14.17
N LEU A 339 28.49 -13.54 13.38
CA LEU A 339 28.48 -13.45 11.92
C LEU A 339 27.07 -13.70 11.40
N TYR A 340 26.54 -12.75 10.64
CA TYR A 340 25.23 -12.86 10.02
C TYR A 340 25.33 -13.76 8.79
N TYR A 341 24.35 -14.64 8.60
CA TYR A 341 24.47 -15.63 7.52
C TYR A 341 24.59 -14.94 6.17
N GLY A 342 25.56 -15.38 5.37
CA GLY A 342 25.79 -14.84 4.05
C GLY A 342 26.96 -13.88 3.95
N GLU A 343 27.34 -13.22 5.06
CA GLU A 343 28.54 -12.41 5.05
C GLU A 343 29.75 -13.23 4.64
N GLU A 344 29.80 -14.50 5.04
CA GLU A 344 30.94 -15.34 4.70
C GLU A 344 31.06 -15.64 3.20
N ILE A 345 30.08 -15.26 2.37
CA ILE A 345 30.23 -15.41 0.92
C ILE A 345 29.95 -14.09 0.22
N GLY A 346 30.01 -12.99 0.96
CA GLY A 346 29.82 -11.67 0.38
C GLY A 346 28.48 -11.49 -0.28
N ASP A 347 27.44 -12.05 0.31
CA ASP A 347 26.11 -12.03 -0.29
C ASP A 347 25.60 -10.61 -0.45
N GLU A 348 24.77 -10.42 -1.48
CA GLU A 348 24.11 -9.16 -1.68
C GLU A 348 22.85 -9.43 -2.51
N LEU A 349 21.90 -8.50 -2.44
CA LEU A 349 20.63 -8.64 -3.12
C LEU A 349 20.74 -8.10 -4.53
N GLU A 350 20.70 -8.99 -5.52
CA GLU A 350 20.85 -8.58 -6.91
C GLU A 350 19.81 -7.51 -7.28
N GLY A 351 20.28 -6.44 -7.90
CA GLY A 351 19.37 -5.40 -8.33
C GLY A 351 19.01 -4.40 -7.27
N TYR A 352 19.63 -4.46 -6.10
CA TYR A 352 19.33 -3.55 -5.01
C TYR A 352 20.63 -2.91 -4.52
N ALA A 353 20.56 -1.62 -4.21
CA ALA A 353 21.69 -0.99 -3.54
C ALA A 353 21.24 0.29 -2.85
N GLN A 354 20.73 1.23 -3.64
CA GLN A 354 20.26 2.49 -3.09
C GLN A 354 19.11 2.25 -2.11
N LYS A 355 19.00 3.12 -1.11
CA LYS A 355 17.90 3.03 -0.17
C LYS A 355 16.56 3.20 -0.87
N VAL A 356 15.60 2.40 -0.47
CA VAL A 356 14.25 2.42 -1.02
C VAL A 356 13.30 2.78 0.11
N GLU A 357 12.57 3.89 -0.04
CA GLU A 357 11.75 4.43 1.04
C GLU A 357 10.26 4.20 0.81
N GLN A 358 9.71 4.79 -0.24
CA GLN A 358 8.28 4.69 -0.48
C GLN A 358 7.91 3.25 -0.82
N ASP A 359 6.90 2.72 -0.12
CA ASP A 359 6.30 1.44 -0.44
C ASP A 359 7.33 0.30 -0.34
N CYS A 360 8.26 0.41 0.61
CA CYS A 360 9.37 -0.54 0.63
C CYS A 360 9.01 -1.86 1.31
N ALA A 361 8.16 -1.84 2.34
CA ALA A 361 7.87 -3.08 3.06
C ALA A 361 7.29 -4.15 2.13
N VAL A 362 6.29 -3.80 1.31
CA VAL A 362 5.68 -4.79 0.43
C VAL A 362 6.69 -5.29 -0.60
N GLN A 363 7.65 -4.47 -0.97
CA GLN A 363 8.68 -4.95 -1.88
C GLN A 363 9.78 -5.73 -1.18
N GLY A 364 9.80 -5.71 0.16
CA GLY A 364 10.86 -6.39 0.88
C GLY A 364 12.20 -5.68 0.80
N LEU A 365 12.18 -4.35 0.77
CA LEU A 365 13.42 -3.61 0.52
C LEU A 365 13.71 -2.49 1.52
N CYS A 366 13.00 -2.39 2.65
CA CYS A 366 13.41 -1.41 3.65
C CYS A 366 14.77 -1.80 4.21
N ASP A 367 15.52 -0.78 4.61
CA ASP A 367 16.83 -1.01 5.22
C ASP A 367 16.75 -1.95 6.43
N ASP A 368 15.63 -1.98 7.15
CA ASP A 368 15.59 -2.75 8.38
C ASP A 368 15.23 -4.21 8.15
N HIS A 369 14.97 -4.65 6.91
CA HIS A 369 14.75 -6.07 6.68
C HIS A 369 15.24 -6.53 5.31
N VAL A 370 15.95 -5.70 4.55
CA VAL A 370 16.42 -6.14 3.23
C VAL A 370 17.51 -7.20 3.31
N ALA A 371 18.13 -7.39 4.45
CA ALA A 371 19.16 -8.42 4.53
C ALA A 371 18.57 -9.80 4.70
N ARG A 372 17.25 -9.91 4.83
CA ARG A 372 16.57 -11.18 5.05
C ARG A 372 16.32 -11.84 3.68
N THR A 373 17.43 -12.19 3.04
CA THR A 373 17.47 -12.86 1.75
C THR A 373 17.63 -14.37 1.93
N SER A 374 17.20 -15.12 0.92
CA SER A 374 17.27 -16.58 0.99
C SER A 374 18.71 -17.05 1.17
N ALA A 375 18.90 -18.01 2.06
CA ALA A 375 20.25 -18.44 2.41
C ALA A 375 20.89 -19.22 1.26
N ASN A 376 22.05 -18.76 0.82
CA ASN A 376 22.91 -19.53 -0.09
C ASN A 376 23.87 -20.35 0.75
N ILE A 377 23.55 -21.63 0.95
CA ILE A 377 24.41 -22.57 1.68
C ILE A 377 25.04 -23.54 0.67
N ASP A 378 26.37 -23.53 0.59
CA ASP A 378 27.06 -24.33 -0.42
C ASP A 378 26.82 -25.82 -0.19
N GLY A 379 26.51 -26.53 -1.27
CA GLY A 379 26.23 -27.95 -1.15
C GLY A 379 24.81 -28.30 -0.76
N LEU A 380 23.94 -27.31 -0.56
CA LEU A 380 22.61 -27.53 0.00
C LEU A 380 21.55 -26.75 -0.75
N THR A 381 21.79 -25.46 -0.97
CA THR A 381 20.88 -24.61 -1.71
C THR A 381 21.54 -23.91 -2.89
N VAL A 382 22.85 -24.09 -3.08
CA VAL A 382 23.59 -23.30 -4.06
C VAL A 382 24.93 -23.99 -4.28
N ASN A 383 25.50 -23.83 -5.47
CA ASN A 383 26.91 -24.12 -5.73
C ASN A 383 27.67 -22.80 -5.82
N LEU A 384 28.59 -22.57 -4.89
CA LEU A 384 29.28 -21.29 -4.85
C LEU A 384 30.22 -21.10 -6.05
N ASN A 385 30.37 -19.85 -6.49
CA ASN A 385 31.39 -19.52 -7.47
C ASN A 385 32.74 -19.32 -6.79
N GLU A 386 33.78 -19.10 -7.59
CA GLU A 386 35.15 -19.15 -7.08
C GLU A 386 35.43 -18.03 -6.08
N LYS A 387 34.84 -16.85 -6.28
CA LYS A 387 35.08 -15.75 -5.35
C LYS A 387 34.35 -15.97 -4.03
N GLN A 388 33.11 -16.47 -4.09
CA GLN A 388 32.40 -16.79 -2.86
C GLN A 388 33.14 -17.85 -2.04
N ARG A 389 33.61 -18.91 -2.70
CA ARG A 389 34.32 -19.97 -1.98
C ARG A 389 35.63 -19.45 -1.39
N ASP A 390 36.35 -18.62 -2.15
CA ASP A 390 37.59 -18.03 -1.63
C ASP A 390 37.34 -17.23 -0.36
N LEU A 391 36.21 -16.50 -0.28
CA LEU A 391 35.91 -15.76 0.94
C LEU A 391 35.53 -16.70 2.08
N LYS A 392 34.69 -17.71 1.81
CA LYS A 392 34.31 -18.66 2.84
C LYS A 392 35.53 -19.37 3.41
N GLN A 393 36.45 -19.76 2.54
CA GLN A 393 37.69 -20.39 3.02
C GLN A 393 38.45 -19.46 3.94
N TYR A 394 38.50 -18.18 3.58
CA TYR A 394 39.17 -17.17 4.40
C TYR A 394 38.49 -16.99 5.74
N VAL A 395 37.15 -16.96 5.77
CA VAL A 395 36.48 -16.89 7.06
C VAL A 395 36.83 -18.11 7.90
N SER A 396 36.91 -19.28 7.27
CA SER A 396 37.35 -20.47 7.99
C SER A 396 38.74 -20.31 8.56
N GLN A 397 39.68 -19.77 7.77
CA GLN A 397 41.03 -19.59 8.31
C GLN A 397 41.03 -18.64 9.50
N LEU A 398 40.28 -17.53 9.41
CA LEU A 398 40.20 -16.60 10.53
C LEU A 398 39.62 -17.28 11.77
N MET A 399 38.52 -18.01 11.62
CA MET A 399 37.88 -18.62 12.79
C MET A 399 38.76 -19.73 13.37
N THR A 400 39.38 -20.53 12.52
CA THR A 400 40.34 -21.52 13.02
C THR A 400 41.51 -20.86 13.72
N LEU A 401 42.09 -19.83 13.09
CA LEU A 401 43.15 -19.06 13.72
C LEU A 401 42.71 -18.52 15.08
N ARG A 402 41.51 -17.96 15.14
CA ARG A 402 41.01 -17.37 16.37
C ARG A 402 40.85 -18.40 17.48
N ALA A 403 40.35 -19.59 17.12
CA ALA A 403 40.21 -20.66 18.11
C ALA A 403 41.55 -21.11 18.68
N ALA A 404 42.66 -20.86 17.97
CA ALA A 404 43.96 -21.35 18.39
C ALA A 404 44.75 -20.34 19.19
N HIS A 405 44.51 -19.06 19.02
CA HIS A 405 45.33 -18.04 19.65
C HIS A 405 44.54 -17.19 20.63
N PRO A 406 44.70 -17.44 21.93
CA PRO A 406 44.01 -16.63 22.95
C PRO A 406 44.13 -15.12 22.77
N ALA A 407 45.25 -14.64 22.24
CA ALA A 407 45.41 -13.20 22.08
C ALA A 407 44.31 -12.59 21.21
N LEU A 408 43.75 -13.37 20.25
CA LEU A 408 42.67 -12.83 19.44
C LEU A 408 41.37 -12.74 20.22
N SER A 409 41.01 -13.80 20.97
CA SER A 409 39.70 -13.84 21.63
C SER A 409 39.69 -13.12 22.98
N ARG A 410 40.78 -13.15 23.74
CA ARG A 410 40.74 -12.52 25.05
C ARG A 410 41.98 -11.69 25.34
N GLY A 411 42.75 -11.33 24.32
CA GLY A 411 43.97 -10.61 24.55
C GLY A 411 43.71 -9.19 25.04
N GLU A 412 44.64 -8.70 25.86
CA GLU A 412 44.77 -7.27 26.06
C GLU A 412 45.17 -6.61 24.75
N ARG A 413 44.56 -5.48 24.45
CA ARG A 413 44.80 -4.78 23.20
C ARG A 413 45.59 -3.51 23.48
N THR A 414 46.63 -3.28 22.68
CA THR A 414 47.37 -2.02 22.69
C THR A 414 47.53 -1.54 21.25
N ASN A 415 47.08 -0.33 20.98
CA ASN A 415 47.16 0.18 19.63
C ASN A 415 48.56 0.69 19.35
N ILE A 416 49.11 0.32 18.21
CA ILE A 416 50.43 0.73 17.80
C ILE A 416 50.36 1.88 16.81
N VAL A 417 49.59 1.72 15.74
CA VAL A 417 49.39 2.75 14.71
C VAL A 417 47.91 2.83 14.38
N ALA A 418 47.41 4.05 14.25
CA ALA A 418 46.09 4.28 13.66
C ALA A 418 46.14 5.58 12.85
N ASN A 419 46.24 5.47 11.53
CA ASN A 419 46.25 6.67 10.69
C ASN A 419 45.35 6.45 9.48
N GLU A 420 45.44 7.35 8.52
CA GLU A 420 44.50 7.29 7.40
C GLU A 420 44.64 6.02 6.57
N THR A 421 45.77 5.31 6.67
CA THR A 421 46.07 4.22 5.75
C THR A 421 46.24 2.86 6.41
N VAL A 422 46.52 2.80 7.71
CA VAL A 422 46.74 1.51 8.36
C VAL A 422 46.25 1.57 9.80
N TYR A 423 45.99 0.38 10.35
CA TYR A 423 45.55 0.17 11.72
C TYR A 423 46.32 -1.04 12.23
N ILE A 424 47.07 -0.85 13.31
CA ILE A 424 47.99 -1.87 13.82
C ILE A 424 47.77 -2.01 15.33
N ASP A 425 47.25 -3.15 15.75
CA ASP A 425 47.08 -3.47 17.15
C ASP A 425 48.09 -4.53 17.59
N HIS A 426 48.47 -4.43 18.86
CA HIS A 426 49.23 -5.47 19.55
C HIS A 426 48.26 -6.20 20.47
N LYS A 427 48.16 -7.53 20.30
CA LYS A 427 47.34 -8.37 21.17
C LYS A 427 48.25 -9.33 21.95
N GLN A 428 48.03 -9.41 23.28
CA GLN A 428 48.80 -10.27 24.16
C GLN A 428 47.86 -10.97 25.15
N ALA A 429 47.98 -12.28 25.23
CA ALA A 429 47.20 -13.07 26.18
C ALA A 429 48.09 -14.20 26.65
N ASP A 430 48.42 -14.21 27.94
CA ASP A 430 49.39 -15.15 28.51
C ASP A 430 50.71 -14.93 27.76
N ASP A 431 51.28 -15.94 27.12
CA ASP A 431 52.47 -15.79 26.29
C ASP A 431 52.15 -15.92 24.79
N ASP A 432 50.89 -15.73 24.42
CA ASP A 432 50.48 -15.61 23.03
C ASP A 432 50.46 -14.11 22.71
N ALA A 433 51.40 -13.67 21.88
CA ALA A 433 51.48 -12.27 21.50
C ALA A 433 51.53 -12.17 19.98
N LEU A 434 50.73 -11.26 19.43
CA LEU A 434 50.75 -11.10 17.99
C LEU A 434 50.47 -9.65 17.66
N ILE A 435 50.71 -9.32 16.39
CA ILE A 435 50.40 -8.03 15.81
C ILE A 435 49.30 -8.25 14.80
N TYR A 436 48.25 -7.43 14.89
CA TYR A 436 47.20 -7.40 13.88
C TYR A 436 47.36 -6.13 13.07
N MET A 437 47.52 -6.26 11.74
CA MET A 437 47.61 -5.07 10.91
C MET A 437 46.66 -5.18 9.74
N VAL A 438 45.93 -4.09 9.48
CA VAL A 438 44.99 -4.06 8.35
C VAL A 438 45.14 -2.72 7.64
N SER A 439 45.20 -2.78 6.31
CA SER A 439 45.20 -1.57 5.49
C SER A 439 43.79 -0.98 5.39
N THR A 440 43.70 0.34 5.51
CA THR A 440 42.44 1.06 5.35
C THR A 440 42.47 1.98 4.13
N THR A 441 43.19 1.59 3.08
CA THR A 441 43.39 2.46 1.92
C THR A 441 43.46 1.60 0.67
N ALA A 442 43.12 2.19 -0.47
CA ALA A 442 43.14 1.43 -1.70
C ALA A 442 44.52 1.36 -2.32
N ASP A 443 45.51 2.02 -1.74
CA ASP A 443 46.88 2.00 -2.26
C ASP A 443 47.72 1.00 -1.49
N GLN A 444 48.67 0.38 -2.21
CA GLN A 444 49.64 -0.49 -1.57
C GLN A 444 50.63 0.34 -0.73
N ASP A 445 51.21 -0.30 0.29
CA ASP A 445 52.01 0.42 1.26
C ASP A 445 53.02 -0.51 1.88
N THR A 446 54.04 0.09 2.50
CA THR A 446 54.99 -0.64 3.31
C THR A 446 54.96 -0.07 4.71
N VAL A 447 54.93 -0.96 5.71
CA VAL A 447 54.78 -0.59 7.10
C VAL A 447 56.12 -0.78 7.80
N GLU A 448 56.57 0.25 8.51
CA GLU A 448 57.80 0.20 9.30
C GLU A 448 57.42 0.01 10.76
N LEU A 449 57.97 -1.03 11.38
CA LEU A 449 57.62 -1.44 12.75
C LEU A 449 58.88 -1.56 13.59
N LYS A 450 59.07 -0.65 14.54
CA LYS A 450 60.24 -0.78 15.43
C LYS A 450 60.03 -1.94 16.39
N ALA A 451 60.97 -2.88 16.38
CA ALA A 451 60.90 -4.08 17.24
C ALA A 451 60.68 -3.74 18.70
N SER A 452 61.26 -2.64 19.18
CA SER A 452 61.10 -2.28 20.58
C SER A 452 59.72 -1.72 20.88
N ASP A 453 59.08 -1.06 19.91
CA ASP A 453 57.74 -0.50 20.15
C ASP A 453 56.67 -1.57 20.24
N ILE A 454 56.90 -2.77 19.72
CA ILE A 454 55.93 -3.85 19.79
C ILE A 454 56.39 -4.98 20.70
N ALA A 455 57.43 -4.74 21.52
CA ALA A 455 57.92 -5.73 22.50
C ALA A 455 58.30 -7.04 21.83
N SER A 456 58.99 -6.95 20.69
CA SER A 456 59.44 -8.12 19.94
C SER A 456 60.95 -8.22 20.01
N ASP A 457 61.46 -9.43 20.25
CA ASP A 457 62.90 -9.67 20.29
C ASP A 457 63.38 -10.58 19.17
N GLY A 458 62.51 -11.34 18.55
CA GLY A 458 62.91 -12.28 17.54
C GLY A 458 62.25 -11.97 16.22
N GLN A 459 61.55 -12.94 15.66
CA GLN A 459 60.94 -12.77 14.35
C GLN A 459 59.43 -12.62 14.47
N LEU A 460 58.84 -12.14 13.38
CA LEU A 460 57.41 -12.15 13.15
C LEU A 460 57.09 -13.24 12.14
N VAL A 461 56.07 -14.04 12.41
CA VAL A 461 55.67 -15.10 11.49
C VAL A 461 54.23 -14.84 11.08
N ASP A 462 54.00 -14.69 9.78
CA ASP A 462 52.65 -14.60 9.26
C ASP A 462 51.91 -15.89 9.62
N LEU A 463 50.84 -15.76 10.39
CA LEU A 463 50.12 -16.93 10.87
C LEU A 463 49.25 -17.57 9.80
N LEU A 464 49.09 -16.93 8.65
CA LEU A 464 48.31 -17.51 7.58
C LEU A 464 49.14 -17.97 6.40
N THR A 465 50.22 -17.26 6.07
CA THR A 465 51.09 -17.69 4.96
C THR A 465 52.38 -18.34 5.41
N GLY A 466 52.83 -18.10 6.65
CA GLY A 466 54.06 -18.68 7.14
C GLY A 466 55.30 -17.85 6.87
N LYS A 467 55.18 -16.73 6.16
CA LYS A 467 56.34 -15.92 5.83
C LYS A 467 56.98 -15.37 7.10
N VAL A 468 58.27 -15.66 7.30
CA VAL A 468 59.02 -15.08 8.39
C VAL A 468 59.43 -13.66 8.00
N HIS A 469 59.26 -12.72 8.93
CA HIS A 469 59.79 -11.36 8.80
C HIS A 469 60.87 -11.19 9.85
N SER A 470 62.03 -10.70 9.44
CA SER A 470 63.16 -10.52 10.33
C SER A 470 63.45 -9.04 10.48
N ALA A 471 63.83 -8.63 11.69
CA ALA A 471 64.12 -7.23 11.93
C ALA A 471 65.53 -6.90 11.43
N ILE A 472 65.69 -5.70 10.89
CA ILE A 472 66.98 -5.22 10.43
C ILE A 472 67.16 -3.84 11.05
N ASN A 473 68.23 -3.68 11.82
CA ASN A 473 68.49 -2.45 12.55
C ASN A 473 67.30 -2.06 13.40
N GLY A 474 66.68 -3.07 14.03
CA GLY A 474 65.58 -2.84 14.93
C GLY A 474 64.26 -2.52 14.28
N GLU A 475 64.08 -2.82 12.99
CA GLU A 475 62.85 -2.50 12.28
C GLU A 475 62.40 -3.67 11.44
N TYR A 476 61.10 -3.90 11.45
CA TYR A 476 60.44 -4.80 10.51
C TYR A 476 59.86 -3.96 9.37
N GLN A 477 59.91 -4.52 8.17
CA GLN A 477 59.31 -3.88 6.99
C GLN A 477 58.32 -4.87 6.40
N ILE A 478 57.04 -4.55 6.50
CA ILE A 478 55.97 -5.40 5.98
C ILE A 478 55.23 -4.60 4.93
N SER A 479 55.00 -5.21 3.77
CA SER A 479 54.19 -4.59 2.73
C SER A 479 52.73 -4.98 2.91
N LEU A 480 51.84 -4.00 2.79
CA LEU A 480 50.39 -4.23 2.86
C LEU A 480 49.75 -3.88 1.52
N ALA A 481 49.20 -4.90 0.85
CA ALA A 481 48.34 -4.67 -0.30
C ALA A 481 47.09 -3.88 0.14
N PRO A 482 46.36 -3.28 -0.82
CA PRO A 482 45.18 -2.48 -0.45
C PRO A 482 44.12 -3.27 0.31
N PHE A 483 43.80 -2.77 1.52
CA PHE A 483 42.85 -3.41 2.42
C PHE A 483 43.25 -4.83 2.76
N GLU A 484 44.54 -5.08 2.87
CA GLU A 484 45.03 -6.40 3.23
C GLU A 484 45.29 -6.44 4.74
N ALA A 485 44.90 -7.54 5.36
CA ALA A 485 45.17 -7.78 6.77
C ALA A 485 46.21 -8.87 6.93
N LYS A 486 47.10 -8.70 7.90
CA LYS A 486 48.05 -9.74 8.28
C LYS A 486 47.97 -9.96 9.78
N PHE A 487 47.99 -11.22 10.20
CA PHE A 487 48.17 -11.61 11.59
C PHE A 487 49.61 -12.09 11.73
N LEU A 488 50.39 -11.42 12.58
CA LEU A 488 51.82 -11.69 12.71
C LEU A 488 52.10 -12.17 14.13
N LEU A 489 52.55 -13.40 14.25
CA LEU A 489 52.94 -13.93 15.55
C LEU A 489 54.27 -13.30 15.96
N ILE A 490 54.27 -12.66 17.14
CA ILE A 490 55.51 -12.17 17.75
C ILE A 490 56.18 -13.41 18.36
N GLU A 491 57.15 -13.98 17.63
CA GLU A 491 57.62 -15.32 17.98
C GLU A 491 58.43 -15.35 19.28
N THR A 492 59.03 -14.23 19.69
CA THR A 492 59.82 -14.18 20.92
C THR A 492 59.60 -12.85 21.59
N PRO A 493 58.52 -12.72 22.36
CA PRO A 493 58.21 -11.41 22.99
C PRO A 493 59.25 -10.98 24.02
N SER A 494 59.32 -9.67 24.22
CA SER A 494 60.27 -9.06 25.14
C SER A 494 59.95 -9.44 26.59
N ALA A 495 60.80 -8.94 27.50
CA ALA A 495 60.69 -9.28 28.93
C ALA A 495 59.32 -8.91 29.50
N SER A 496 58.88 -7.66 29.26
CA SER A 496 57.48 -7.30 29.51
C SER A 496 56.75 -7.01 28.20
N GLY A 497 56.05 -5.88 28.10
CA GLY A 497 55.30 -5.53 26.89
C GLY A 497 54.83 -4.09 26.75
N HIS B 1 39.66 29.07 7.26
CA HIS B 1 38.90 30.19 7.80
C HIS B 1 38.36 29.88 9.19
N MET B 2 38.72 30.72 10.16
CA MET B 2 38.18 30.60 11.50
C MET B 2 36.72 31.05 11.52
N CYS B 3 35.98 30.61 12.55
CA CYS B 3 34.61 31.07 12.73
C CYS B 3 34.60 32.56 13.03
N ASP B 4 33.72 33.30 12.34
CA ASP B 4 33.53 34.73 12.54
C ASP B 4 33.25 35.05 14.00
N SER B 5 34.08 35.90 14.59
CA SER B 5 33.95 36.16 16.02
C SER B 5 32.66 36.93 16.33
N ALA B 6 32.34 37.93 15.50
CA ALA B 6 31.17 38.77 15.74
C ALA B 6 29.89 37.95 15.72
N LEU B 7 29.75 37.09 14.69
CA LEU B 7 28.58 36.23 14.54
C LEU B 7 28.41 35.32 15.76
N THR B 8 29.50 34.75 16.27
CA THR B 8 29.41 33.85 17.42
C THR B 8 28.78 34.57 18.62
N ALA B 9 29.24 35.78 18.92
CA ALA B 9 28.62 36.54 20.00
C ALA B 9 27.12 36.73 19.76
N GLN B 10 26.74 37.06 18.53
CA GLN B 10 25.32 37.25 18.21
C GLN B 10 24.55 35.94 18.27
N ALA B 11 25.14 34.83 17.81
CA ALA B 11 24.39 33.59 17.70
C ALA B 11 23.92 33.08 19.06
N ASN B 12 24.62 33.41 20.15
CA ASN B 12 24.13 33.04 21.47
C ASN B 12 22.80 33.71 21.83
N ASP B 13 22.47 34.83 21.19
CA ASP B 13 21.23 35.53 21.44
C ASP B 13 20.07 34.95 20.65
N LEU B 14 20.30 33.96 19.79
CA LEU B 14 19.23 33.49 18.91
C LEU B 14 18.19 32.70 19.71
N ARG B 15 16.92 33.03 19.48
CA ARG B 15 15.75 32.37 20.05
C ARG B 15 14.84 32.12 18.84
N ILE B 16 14.96 30.93 18.25
CA ILE B 16 14.47 30.65 16.90
C ILE B 16 13.14 29.92 16.98
N TYR B 17 12.14 30.44 16.28
CA TYR B 17 10.82 29.81 16.15
C TYR B 17 10.76 29.08 14.82
N GLN B 18 10.50 27.77 14.85
CA GLN B 18 10.53 26.96 13.64
C GLN B 18 9.12 26.80 13.09
N VAL B 19 8.99 26.97 11.77
CA VAL B 19 7.73 26.84 11.07
C VAL B 19 7.89 25.80 9.96
N MET B 20 7.06 24.76 9.98
CA MET B 20 6.89 23.89 8.81
C MET B 20 5.83 24.53 7.93
N VAL B 21 6.23 25.05 6.77
CA VAL B 21 5.41 26.00 6.01
C VAL B 21 4.06 25.41 5.61
N GLU B 22 4.07 24.25 4.92
CA GLU B 22 2.82 23.71 4.39
C GLU B 22 1.80 23.47 5.47
N SER B 23 2.23 23.19 6.69
CA SER B 23 1.32 22.79 7.76
C SER B 23 1.15 23.88 8.80
N PHE B 24 1.69 25.06 8.55
CA PHE B 24 1.55 26.15 9.51
C PHE B 24 0.20 26.84 9.35
N VAL B 25 0.14 27.96 8.63
CA VAL B 25 -1.07 28.77 8.58
C VAL B 25 -1.46 28.99 7.13
N ASN B 26 -2.65 28.55 6.78
CA ASN B 26 -3.25 28.80 5.48
C ASN B 26 -3.78 30.23 5.46
N GLY B 27 -2.93 31.16 5.03
CA GLY B 27 -3.26 32.57 5.12
C GLY B 27 -3.97 33.09 3.89
N ASP B 28 -3.91 32.32 2.80
CA ASP B 28 -4.55 32.67 1.53
C ASP B 28 -5.17 31.40 0.98
N ASP B 29 -6.47 31.23 1.20
CA ASP B 29 -7.11 29.96 0.90
C ASP B 29 -7.07 29.61 -0.59
N ALA B 30 -6.64 30.52 -1.46
CA ALA B 30 -6.61 30.19 -2.88
C ALA B 30 -5.41 29.31 -3.28
N ILE B 31 -4.32 29.29 -2.52
CA ILE B 31 -3.17 28.47 -2.87
C ILE B 31 -2.92 27.46 -1.77
N GLY B 32 -2.05 26.52 -2.06
CA GLY B 32 -1.65 25.52 -1.09
C GLY B 32 -1.47 24.19 -1.78
N HIS B 33 -0.61 23.35 -1.19
CA HIS B 33 -0.39 22.03 -1.75
C HIS B 33 -1.62 21.14 -1.61
N GLY B 34 -2.33 21.25 -0.48
CA GLY B 34 -3.50 20.42 -0.23
C GLY B 34 -3.24 18.94 -0.04
N THR B 35 -1.98 18.53 -0.15
CA THR B 35 -1.55 17.19 0.23
C THR B 35 -0.21 17.36 0.93
N GLY B 36 0.33 16.27 1.46
CA GLY B 36 1.58 16.33 2.20
C GLY B 36 1.74 15.12 3.08
N TYR B 37 2.73 15.19 3.98
CA TYR B 37 2.95 14.16 4.99
C TYR B 37 2.61 14.74 6.35
N GLY B 38 1.63 14.15 7.00
CA GLY B 38 1.06 14.67 8.22
C GLY B 38 -0.44 14.90 8.05
N THR B 39 -1.06 15.37 9.13
CA THR B 39 -2.50 15.51 9.22
C THR B 39 -2.96 16.95 9.16
N SER B 40 -2.12 17.86 8.68
CA SER B 40 -2.50 19.26 8.66
C SER B 40 -3.37 19.57 7.44
N HIS B 41 -3.84 20.82 7.34
CA HIS B 41 -4.57 21.26 6.17
C HIS B 41 -3.74 21.23 4.89
N HIS B 42 -2.40 21.21 4.99
CA HIS B 42 -1.51 21.13 3.83
C HIS B 42 -1.65 22.35 2.92
N LYS B 43 -2.03 23.48 3.50
CA LYS B 43 -2.25 24.70 2.73
C LYS B 43 -1.59 25.90 3.36
N GLY B 44 -0.70 25.71 4.34
CA GLY B 44 0.05 26.82 4.87
C GLY B 44 0.84 27.51 3.78
N ASP B 45 0.99 28.83 3.91
CA ASP B 45 1.60 29.61 2.85
C ASP B 45 2.41 30.74 3.47
N LEU B 46 3.02 31.56 2.61
CA LEU B 46 3.79 32.69 3.12
C LEU B 46 2.90 33.73 3.78
N GLN B 47 1.64 33.85 3.30
CA GLN B 47 0.72 34.82 3.87
C GLN B 47 0.45 34.50 5.33
N GLY B 48 0.21 33.23 5.64
CA GLY B 48 -0.03 32.85 7.02
C GLY B 48 1.13 33.21 7.94
N ILE B 49 2.36 33.06 7.45
CA ILE B 49 3.53 33.39 8.26
C ILE B 49 3.61 34.89 8.48
N ILE B 50 3.35 35.68 7.43
CA ILE B 50 3.26 37.13 7.60
C ILE B 50 2.20 37.49 8.65
N ASP B 51 1.04 36.85 8.60
CA ASP B 51 0.01 37.12 9.58
C ASP B 51 0.42 36.72 10.99
N SER B 52 1.42 35.86 11.14
CA SER B 52 1.78 35.35 12.45
C SER B 52 2.97 36.08 13.09
N LEU B 53 3.55 37.08 12.40
CA LEU B 53 4.80 37.66 12.88
C LEU B 53 4.63 38.40 14.19
N ASP B 54 3.53 39.15 14.35
CA ASP B 54 3.29 39.79 15.64
C ASP B 54 3.23 38.76 16.75
N TYR B 55 2.49 37.66 16.53
CA TYR B 55 2.40 36.59 17.52
C TYR B 55 3.80 36.05 17.87
N ILE B 56 4.53 35.59 16.85
CA ILE B 56 5.85 35.00 17.09
C ILE B 56 6.73 35.95 17.90
N GLU B 57 6.63 37.24 17.61
CA GLU B 57 7.48 38.20 18.30
C GLU B 57 7.01 38.43 19.72
N SER B 58 5.69 38.44 19.95
CA SER B 58 5.14 38.55 21.30
C SER B 58 5.51 37.36 22.18
N LEU B 59 6.03 36.29 21.60
CA LEU B 59 6.56 35.18 22.37
C LEU B 59 7.91 35.49 22.98
N GLY B 60 8.64 36.45 22.42
CA GLY B 60 10.00 36.70 22.85
C GLY B 60 11.06 36.15 21.93
N MET B 61 10.70 35.71 20.74
CA MET B 61 11.66 35.19 19.78
C MET B 61 12.25 36.33 18.97
N ASN B 62 13.51 36.19 18.59
CA ASN B 62 14.14 37.15 17.70
C ASN B 62 14.49 36.54 16.36
N ALA B 63 13.99 35.34 16.06
CA ALA B 63 14.26 34.74 14.77
C ALA B 63 13.14 33.79 14.39
N ILE B 64 12.96 33.57 13.09
CA ILE B 64 12.12 32.49 12.58
C ILE B 64 12.91 31.71 11.54
N TRP B 65 12.79 30.39 11.59
CA TRP B 65 13.38 29.51 10.59
C TRP B 65 12.25 28.85 9.81
N LEU B 66 12.19 29.15 8.51
CA LEU B 66 11.29 28.49 7.57
C LEU B 66 11.94 27.25 6.96
N THR B 67 11.14 26.18 6.87
CA THR B 67 11.46 25.02 6.04
C THR B 67 11.46 25.42 4.57
N PRO B 68 12.02 24.58 3.67
CA PRO B 68 12.27 25.05 2.29
C PRO B 68 11.02 25.60 1.59
N ILE B 69 11.16 26.79 0.99
CA ILE B 69 10.09 27.42 0.23
C ILE B 69 10.38 27.39 -1.27
N PHE B 70 11.42 26.69 -1.69
CA PHE B 70 11.81 26.74 -3.08
C PHE B 70 10.95 25.81 -3.93
N ASP B 71 11.03 25.99 -5.24
CA ASP B 71 10.01 25.50 -6.15
C ASP B 71 10.22 24.02 -6.45
N SER B 72 9.35 23.17 -5.89
CA SER B 72 9.29 21.76 -6.25
C SER B 72 8.29 21.60 -7.39
N ILE B 73 8.79 21.43 -8.61
CA ILE B 73 7.96 21.44 -9.81
C ILE B 73 7.44 20.03 -10.04
N PRO B 74 6.12 19.83 -10.12
CA PRO B 74 5.59 18.49 -10.36
C PRO B 74 5.86 18.02 -11.79
N VAL B 75 6.11 16.73 -11.91
CA VAL B 75 6.38 16.07 -13.19
C VAL B 75 5.14 15.34 -13.63
N GLU B 76 4.80 15.43 -14.92
CA GLU B 76 3.59 14.80 -15.41
C GLU B 76 3.63 13.31 -15.13
N GLY B 77 2.60 12.81 -14.45
CA GLY B 77 2.49 11.41 -14.13
C GLY B 77 3.04 11.01 -12.77
N GLN B 78 3.70 11.92 -12.06
CA GLN B 78 4.32 11.54 -10.78
C GLN B 78 3.24 11.00 -9.84
N ASP B 79 3.63 10.07 -8.97
CA ASP B 79 2.62 9.43 -8.13
C ASP B 79 2.25 10.34 -6.96
N HIS B 80 1.36 9.86 -6.12
CA HIS B 80 0.88 10.70 -5.03
C HIS B 80 1.94 10.88 -3.95
N TRP B 81 2.86 9.92 -3.81
CA TRP B 81 3.99 10.14 -2.92
C TRP B 81 4.80 11.37 -3.35
N ALA B 82 5.06 11.50 -4.65
CA ALA B 82 5.78 12.68 -5.14
C ALA B 82 4.97 13.96 -4.91
N ASP B 83 3.65 13.92 -5.00
CA ASP B 83 2.85 15.11 -4.69
C ASP B 83 3.06 15.54 -3.25
N ARG B 84 3.13 14.58 -2.33
CA ARG B 84 3.31 14.87 -0.90
C ARG B 84 4.71 15.40 -0.63
N LEU B 85 5.73 14.77 -1.23
CA LEU B 85 7.11 15.26 -1.06
C LEU B 85 7.21 16.72 -1.46
N ASP B 86 6.60 17.10 -2.60
CA ASP B 86 6.61 18.48 -3.05
C ASP B 86 6.12 19.43 -1.95
N ALA B 87 5.16 18.99 -1.14
CA ALA B 87 4.66 19.87 -0.09
C ALA B 87 5.67 20.10 1.03
N THR B 88 6.63 19.17 1.21
CA THR B 88 7.61 19.34 2.27
C THR B 88 8.72 20.29 1.86
N GLY B 89 9.02 20.35 0.56
CA GLY B 89 10.04 21.23 0.02
C GLY B 89 11.45 20.70 0.08
N TYR B 90 11.68 19.53 0.64
CA TYR B 90 13.04 19.05 0.83
C TYR B 90 13.63 18.44 -0.43
N PHE B 91 12.84 18.26 -1.49
CA PHE B 91 13.34 17.74 -2.77
C PHE B 91 12.88 18.71 -3.85
N THR B 92 13.54 19.85 -3.95
CA THR B 92 13.05 20.93 -4.78
C THR B 92 13.60 20.84 -6.21
N SER B 93 13.13 21.76 -7.05
CA SER B 93 13.45 21.78 -8.47
C SER B 93 14.19 23.03 -8.87
N ASN B 94 13.72 24.19 -8.44
CA ASN B 94 14.34 25.46 -8.78
C ASN B 94 14.63 26.19 -7.48
N TYR B 95 15.89 26.14 -7.06
CA TYR B 95 16.31 26.80 -5.83
C TYR B 95 16.23 28.32 -5.89
N PHE B 96 15.95 28.91 -7.05
CA PHE B 96 15.97 30.37 -7.19
C PHE B 96 14.56 30.92 -7.40
N ALA B 97 13.56 30.20 -6.92
CA ALA B 97 12.18 30.65 -7.08
C ALA B 97 11.35 30.16 -5.91
N VAL B 98 10.40 30.98 -5.47
CA VAL B 98 9.41 30.54 -4.51
C VAL B 98 8.45 29.58 -5.17
N ASP B 99 8.16 28.48 -4.49
CA ASP B 99 7.10 27.58 -4.93
C ASP B 99 5.75 28.32 -4.92
N PRO B 100 5.02 28.34 -6.04
CA PRO B 100 3.73 29.08 -6.08
C PRO B 100 2.62 28.53 -5.19
N ARG B 101 2.76 27.32 -4.64
CA ARG B 101 1.83 26.85 -3.62
C ARG B 101 2.03 27.54 -2.27
N PHE B 102 3.20 28.17 -2.03
CA PHE B 102 3.40 29.01 -0.84
C PHE B 102 3.23 30.50 -1.13
N GLY B 103 3.60 30.97 -2.31
CA GLY B 103 3.49 32.39 -2.61
C GLY B 103 4.36 32.79 -3.78
N THR B 104 4.63 34.10 -3.85
CA THR B 104 5.45 34.72 -4.88
C THR B 104 6.71 35.29 -4.26
N MET B 105 7.67 35.59 -5.13
CA MET B 105 8.91 36.23 -4.68
C MET B 105 8.62 37.55 -3.97
N GLU B 106 7.59 38.27 -4.40
CA GLU B 106 7.22 39.51 -3.73
C GLU B 106 6.76 39.25 -2.29
N GLN B 107 5.93 38.22 -2.10
CA GLN B 107 5.49 37.90 -0.74
C GLN B 107 6.64 37.44 0.13
N ALA B 108 7.62 36.74 -0.44
CA ALA B 108 8.80 36.36 0.33
C ALA B 108 9.63 37.59 0.70
N LYS B 109 9.85 38.48 -0.28
CA LYS B 109 10.51 39.76 0.03
C LYS B 109 9.69 40.57 1.01
N GLU B 110 8.35 40.52 0.89
CA GLU B 110 7.50 41.14 1.90
C GLU B 110 7.74 40.52 3.27
N LEU B 111 7.74 39.18 3.34
CA LEU B 111 7.91 38.49 4.60
C LEU B 111 9.21 38.89 5.31
N VAL B 112 10.34 38.86 4.58
CA VAL B 112 11.62 39.14 5.25
C VAL B 112 11.68 40.58 5.74
N GLU B 113 11.15 41.52 4.95
CA GLU B 113 11.17 42.93 5.34
C GLU B 113 10.37 43.15 6.62
N LYS B 114 9.16 42.59 6.71
CA LYS B 114 8.33 42.78 7.88
C LYS B 114 8.92 42.11 9.11
N ALA B 115 9.53 40.94 8.95
CA ALA B 115 10.14 40.28 10.09
C ALA B 115 11.33 41.07 10.59
N HIS B 116 12.12 41.60 9.66
CA HIS B 116 13.22 42.48 10.05
C HIS B 116 12.72 43.66 10.86
N GLU B 117 11.53 44.17 10.49
CA GLU B 117 10.93 45.35 11.10
C GLU B 117 10.31 45.07 12.45
N LYS B 118 10.02 43.81 12.77
CA LYS B 118 9.52 43.46 14.10
C LYS B 118 10.60 42.89 15.00
N GLY B 119 11.86 42.91 14.58
CA GLY B 119 12.94 42.41 15.39
C GLY B 119 13.27 40.96 15.21
N LEU B 120 12.91 40.36 14.08
CA LEU B 120 13.12 38.95 13.84
C LEU B 120 14.16 38.76 12.74
N TYR B 121 15.17 37.93 13.02
CA TYR B 121 15.99 37.40 11.95
C TYR B 121 15.20 36.34 11.17
N VAL B 122 15.64 36.04 9.95
CA VAL B 122 14.97 35.05 9.12
C VAL B 122 16.01 34.08 8.57
N PHE B 123 15.75 32.79 8.77
CA PHE B 123 16.61 31.74 8.24
C PHE B 123 15.81 30.88 7.27
N PHE B 124 16.45 30.49 6.16
CA PHE B 124 15.85 29.56 5.20
C PHE B 124 16.48 28.18 5.39
N ASP B 125 15.79 27.17 4.87
CA ASP B 125 16.19 25.78 4.96
C ASP B 125 16.86 25.36 3.66
N GLY B 126 18.16 25.05 3.72
CA GLY B 126 18.93 24.82 2.52
C GLY B 126 19.34 23.36 2.37
N VAL B 127 18.88 22.71 1.31
CA VAL B 127 19.16 21.31 1.08
C VAL B 127 20.24 21.25 0.00
N PHE B 128 21.50 21.16 0.42
CA PHE B 128 22.62 21.23 -0.49
C PHE B 128 23.20 19.87 -0.86
N GLY B 129 22.49 18.81 -0.52
CA GLY B 129 22.98 17.46 -0.73
C GLY B 129 22.09 16.65 -1.65
N HIS B 130 20.91 17.14 -1.99
CA HIS B 130 20.02 16.40 -2.87
C HIS B 130 18.93 17.32 -3.39
N HIS B 131 18.20 16.83 -4.38
CA HIS B 131 17.19 17.60 -5.09
C HIS B 131 16.29 16.67 -5.87
N LYS B 132 15.14 17.20 -6.29
CA LYS B 132 14.28 16.47 -7.22
C LYS B 132 14.97 16.30 -8.58
N ASP B 133 14.63 15.23 -9.29
CA ASP B 133 15.37 14.90 -10.49
C ASP B 133 15.23 15.95 -11.60
N ASN B 134 14.20 16.78 -11.55
CA ASN B 134 13.90 17.72 -12.62
C ASN B 134 14.46 19.10 -12.29
N VAL B 135 15.71 19.16 -11.90
CA VAL B 135 16.28 20.36 -11.31
C VAL B 135 16.54 21.40 -12.41
N VAL B 136 16.29 22.66 -12.11
CA VAL B 136 16.36 23.75 -13.07
C VAL B 136 17.71 24.45 -12.98
N PRO B 137 18.32 24.84 -14.10
CA PRO B 137 19.61 25.55 -14.05
C PRO B 137 19.51 26.87 -13.29
N SER B 138 20.62 27.23 -12.67
CA SER B 138 20.72 28.47 -11.91
C SER B 138 20.68 29.67 -12.86
N PRO B 139 20.45 30.88 -12.34
CA PRO B 139 20.59 32.06 -13.20
C PRO B 139 21.94 32.14 -13.89
N GLU B 140 23.00 31.94 -13.17
CA GLU B 140 24.28 31.94 -13.86
C GLU B 140 24.53 30.64 -14.72
N GLY B 141 23.52 29.83 -14.96
CA GLY B 141 23.68 28.70 -15.85
C GLY B 141 24.24 27.44 -15.23
N ARG B 142 24.26 27.32 -13.92
CA ARG B 142 24.85 26.16 -13.28
C ARG B 142 23.79 25.08 -12.96
N LEU B 143 24.30 23.86 -12.76
CA LEU B 143 23.52 22.71 -12.33
C LEU B 143 24.35 21.93 -11.33
N PRO B 144 23.71 21.31 -10.33
CA PRO B 144 24.41 20.33 -9.49
C PRO B 144 24.84 19.14 -10.32
N VAL B 145 25.80 18.37 -9.80
CA VAL B 145 26.41 17.27 -10.54
C VAL B 145 26.35 15.97 -9.73
N GLY B 146 26.07 14.88 -10.41
CA GLY B 146 26.09 13.57 -9.81
C GLY B 146 24.71 12.96 -9.74
N GLU B 147 24.57 12.03 -8.80
CA GLU B 147 23.27 11.48 -8.46
C GLU B 147 22.35 12.59 -7.96
N ASN B 148 21.06 12.27 -7.88
CA ASN B 148 20.11 13.22 -7.31
C ASN B 148 20.19 13.25 -5.80
N ASN B 149 20.77 12.22 -5.18
CA ASN B 149 20.77 12.05 -3.75
C ASN B 149 21.71 10.91 -3.42
N PRO B 150 22.90 11.21 -2.88
CA PRO B 150 23.40 12.58 -2.68
C PRO B 150 24.16 13.08 -3.91
N VAL B 151 24.39 14.38 -3.99
CA VAL B 151 25.09 14.98 -5.12
C VAL B 151 26.59 14.88 -4.89
N SER B 152 27.37 15.16 -5.94
CA SER B 152 28.82 15.01 -5.87
C SER B 152 29.47 16.34 -5.55
N TYR B 153 30.41 16.33 -4.61
CA TYR B 153 31.26 17.48 -4.39
C TYR B 153 32.67 17.04 -4.75
N PRO B 154 33.53 17.97 -5.19
CA PRO B 154 33.29 19.42 -5.36
C PRO B 154 32.55 19.81 -6.65
N GLU B 155 32.11 18.83 -7.43
CA GLU B 155 31.44 19.11 -8.70
C GLU B 155 30.25 20.06 -8.52
N SER B 156 29.51 19.92 -7.43
CA SER B 156 28.32 20.73 -7.21
C SER B 156 28.58 21.96 -6.36
N LEU B 157 29.85 22.21 -5.99
CA LEU B 157 30.14 23.28 -5.05
C LEU B 157 29.66 24.63 -5.55
N ALA B 158 29.88 24.93 -6.84
CA ALA B 158 29.55 26.27 -7.34
C ALA B 158 28.05 26.48 -7.40
N PHE B 159 27.31 25.46 -7.81
CA PHE B 159 25.85 25.59 -7.82
C PHE B 159 25.33 25.93 -6.44
N TYR B 160 25.87 25.31 -5.40
CA TYR B 160 25.26 25.51 -4.09
C TYR B 160 25.80 26.74 -3.39
N GLN B 161 26.99 27.22 -3.77
CA GLN B 161 27.39 28.57 -3.37
C GLN B 161 26.48 29.60 -4.01
N GLU B 162 26.10 29.39 -5.27
CA GLU B 162 25.19 30.32 -5.91
C GLU B 162 23.86 30.36 -5.20
N VAL B 163 23.34 29.20 -4.79
CA VAL B 163 22.06 29.16 -4.04
C VAL B 163 22.22 29.89 -2.71
N ALA B 164 23.26 29.55 -1.95
CA ALA B 164 23.40 30.13 -0.61
C ALA B 164 23.54 31.64 -0.66
N THR B 165 24.22 32.17 -1.67
CA THR B 165 24.42 33.62 -1.74
C THR B 165 23.23 34.33 -2.38
N PHE B 166 22.46 33.62 -3.20
CA PHE B 166 21.38 34.26 -3.96
C PHE B 166 20.35 34.87 -3.02
N TRP B 167 19.92 34.12 -2.02
CA TRP B 167 18.83 34.60 -1.19
C TRP B 167 19.31 35.57 -0.13
N ILE B 168 20.61 35.60 0.14
CA ILE B 168 21.14 36.62 1.02
C ILE B 168 21.17 37.96 0.30
N GLU B 169 21.53 37.96 -0.97
CA GLU B 169 21.59 39.21 -1.72
C GLU B 169 20.20 39.71 -2.12
N GLU B 170 19.36 38.81 -2.65
CA GLU B 170 18.04 39.22 -3.14
C GLU B 170 17.12 39.65 -2.01
N LEU B 171 17.02 38.84 -0.95
CA LEU B 171 16.02 39.02 0.09
C LEU B 171 16.61 39.45 1.43
N LYS B 172 17.93 39.42 1.58
CA LYS B 172 18.64 39.81 2.81
C LYS B 172 18.30 38.88 3.98
N ILE B 173 18.25 37.56 3.71
CA ILE B 173 18.05 36.61 4.81
C ILE B 173 19.30 36.54 5.67
N ASP B 174 19.13 36.13 6.92
CA ASP B 174 20.19 36.18 7.91
C ASP B 174 20.95 34.86 8.05
N GLY B 175 20.68 33.87 7.19
CA GLY B 175 21.46 32.66 7.17
C GLY B 175 20.61 31.44 6.89
N TRP B 176 21.13 30.27 7.26
CA TRP B 176 20.69 29.00 6.70
C TRP B 176 20.69 27.88 7.73
N ARG B 177 19.63 27.10 7.72
CA ARG B 177 19.63 25.78 8.34
C ARG B 177 20.00 24.76 7.26
N LEU B 178 20.97 23.90 7.53
CA LEU B 178 21.61 23.08 6.51
C LEU B 178 21.19 21.64 6.66
N ASP B 179 20.41 21.16 5.71
CA ASP B 179 19.79 19.86 5.83
C ASP B 179 20.77 18.73 5.60
N GLN B 180 20.57 17.63 6.34
CA GLN B 180 21.42 16.44 6.31
C GLN B 180 22.87 16.78 6.03
N ALA B 181 23.45 17.63 6.88
CA ALA B 181 24.71 18.28 6.53
C ALA B 181 25.80 17.29 6.20
N TYR B 182 25.74 16.06 6.73
CA TYR B 182 26.78 15.06 6.50
C TYR B 182 26.87 14.60 5.05
N GLN B 183 25.83 14.84 4.23
CA GLN B 183 25.91 14.61 2.80
C GLN B 183 26.87 15.53 2.09
N VAL B 184 27.39 16.55 2.74
CA VAL B 184 28.23 17.57 2.13
C VAL B 184 29.55 17.54 2.88
N PRO B 185 30.68 17.31 2.21
CA PRO B 185 31.96 17.17 2.93
C PRO B 185 32.36 18.46 3.62
N THR B 186 33.13 18.29 4.71
CA THR B 186 33.57 19.44 5.51
C THR B 186 34.38 20.44 4.68
N GLU B 187 35.23 19.96 3.77
CA GLU B 187 35.96 20.91 2.93
C GLU B 187 35.00 21.77 2.12
N ALA B 188 33.88 21.20 1.68
CA ALA B 188 32.91 21.99 0.92
C ALA B 188 32.16 22.97 1.82
N TRP B 189 31.82 22.58 3.06
CA TRP B 189 31.09 23.49 3.95
C TRP B 189 31.94 24.71 4.30
N THR B 190 33.26 24.54 4.43
CA THR B 190 34.11 25.71 4.63
C THR B 190 33.98 26.68 3.47
N ALA B 191 33.93 26.16 2.23
CA ALA B 191 33.82 27.03 1.06
C ALA B 191 32.45 27.67 0.97
N ILE B 192 31.40 26.93 1.32
CA ILE B 192 30.07 27.55 1.37
C ILE B 192 30.04 28.60 2.46
N ARG B 193 30.57 28.29 3.64
CA ARG B 193 30.56 29.27 4.72
C ARG B 193 31.28 30.54 4.29
N ALA B 194 32.31 30.41 3.45
CA ALA B 194 33.00 31.58 2.94
C ALA B 194 32.05 32.42 2.09
N SER B 195 31.37 31.79 1.12
CA SER B 195 30.42 32.50 0.28
C SER B 195 29.37 33.23 1.09
N VAL B 196 28.93 32.63 2.19
CA VAL B 196 27.85 33.18 2.99
C VAL B 196 28.31 34.43 3.74
N ASP B 197 29.52 34.40 4.32
CA ASP B 197 30.06 35.59 4.97
C ASP B 197 30.31 36.69 3.95
N GLU B 198 30.86 36.34 2.79
CA GLU B 198 31.08 37.32 1.74
C GLU B 198 29.78 38.00 1.36
N ALA B 199 28.74 37.20 1.12
CA ALA B 199 27.48 37.74 0.64
C ALA B 199 26.74 38.51 1.73
N SER B 200 26.87 38.08 2.98
CA SER B 200 26.18 38.76 4.06
C SER B 200 26.78 40.15 4.31
N LYS B 201 28.10 40.27 4.19
CA LYS B 201 28.75 41.55 4.40
C LYS B 201 28.59 42.49 3.22
N SER B 202 28.02 42.02 2.12
CA SER B 202 27.89 42.83 0.93
C SER B 202 26.57 43.57 0.84
N VAL B 203 25.63 43.30 1.74
CA VAL B 203 24.31 43.92 1.73
C VAL B 203 23.97 44.38 3.14
N THR B 204 22.95 45.24 3.25
CA THR B 204 22.45 45.69 4.53
C THR B 204 20.94 45.89 4.45
N TYR B 205 20.35 46.09 5.62
CA TYR B 205 18.95 46.42 5.76
C TYR B 205 18.82 47.21 7.06
N VAL B 206 17.76 47.99 7.17
CA VAL B 206 17.48 48.69 8.41
C VAL B 206 16.78 47.73 9.35
N ASN B 207 17.18 47.72 10.62
CA ASN B 207 16.58 46.80 11.57
C ASN B 207 15.50 47.51 12.39
N SER B 208 15.00 46.81 13.41
CA SER B 208 13.91 47.31 14.24
C SER B 208 14.33 48.46 15.14
N LYS B 209 15.63 48.62 15.42
CA LYS B 209 16.14 49.75 16.17
C LYS B 209 16.62 50.88 15.27
N GLY B 210 16.25 50.86 13.99
CA GLY B 210 16.67 51.87 13.04
C GLY B 210 18.05 51.66 12.44
N GLU B 211 18.96 50.96 13.10
CA GLU B 211 20.33 50.84 12.59
C GLU B 211 20.37 49.97 11.33
N ALA B 212 21.36 50.24 10.47
CA ALA B 212 21.63 49.43 9.28
C ALA B 212 22.66 48.36 9.64
N VAL B 213 22.37 47.11 9.27
CA VAL B 213 23.15 45.96 9.74
C VAL B 213 23.47 45.03 8.58
N ASN B 214 24.53 44.25 8.76
CA ASN B 214 24.54 43.19 7.77
C ASN B 214 23.72 41.99 8.24
N PRO B 215 23.15 41.23 7.31
CA PRO B 215 22.58 39.93 7.68
C PRO B 215 23.55 39.12 8.53
N LEU B 216 23.01 38.28 9.41
CA LEU B 216 23.84 37.54 10.36
C LEU B 216 24.87 36.65 9.67
N GLY B 217 24.48 35.94 8.61
CA GLY B 217 25.33 34.88 8.11
C GLY B 217 25.35 33.65 8.99
N TYR B 218 24.33 33.46 9.83
CA TYR B 218 24.27 32.28 10.70
C TYR B 218 24.03 31.03 9.88
N MET B 219 24.70 29.94 10.25
CA MET B 219 24.47 28.65 9.58
C MET B 219 24.42 27.57 10.64
N VAL B 220 23.40 26.71 10.59
CA VAL B 220 23.25 25.66 11.59
C VAL B 220 23.01 24.34 10.88
N ALA B 221 23.79 23.32 11.24
CA ALA B 221 23.74 22.02 10.59
C ALA B 221 22.72 21.12 11.27
N GLN B 222 22.01 20.32 10.47
CA GLN B 222 21.19 19.25 11.01
C GLN B 222 21.95 17.94 10.78
N ILE B 223 22.50 17.39 11.86
CA ILE B 223 23.15 16.08 11.85
C ILE B 223 22.51 15.28 12.98
N TRP B 224 21.47 14.53 12.66
CA TRP B 224 20.72 13.68 13.59
C TRP B 224 21.58 12.49 14.00
N ASN B 225 22.47 12.73 14.96
CA ASN B 225 23.42 11.72 15.38
C ASN B 225 24.00 12.11 16.72
N ASN B 226 24.92 11.29 17.24
CA ASN B 226 25.52 11.59 18.54
C ASN B 226 26.73 12.53 18.37
N GLU B 227 27.38 12.85 19.49
CA GLU B 227 28.39 13.92 19.52
C GLU B 227 29.53 13.66 18.55
N ASN B 228 30.07 12.44 18.54
CA ASN B 228 31.23 12.18 17.69
C ASN B 228 30.91 12.43 16.23
N TYR B 229 29.74 12.01 15.78
CA TYR B 229 29.42 12.14 14.36
C TYR B 229 29.12 13.59 14.01
N ILE B 230 28.51 14.34 14.92
CA ILE B 230 28.34 15.77 14.71
C ILE B 230 29.70 16.45 14.61
N LYS B 231 30.69 15.98 15.39
CA LYS B 231 32.02 16.54 15.24
C LYS B 231 32.64 16.14 13.91
N GLU B 232 32.67 14.85 13.61
CA GLU B 232 33.34 14.37 12.43
C GLU B 232 32.78 14.96 11.13
N THR B 233 31.47 15.12 11.03
CA THR B 233 30.84 15.53 9.78
C THR B 233 30.34 16.97 9.80
N GLY B 234 30.36 17.66 10.94
CA GLY B 234 29.82 18.99 11.04
C GLY B 234 30.80 20.06 11.51
N TYR B 235 31.18 19.99 12.79
CA TYR B 235 32.06 21.01 13.35
C TYR B 235 33.47 20.91 12.77
N GLY B 236 33.95 19.71 12.50
CA GLY B 236 35.31 19.52 12.08
C GLY B 236 36.29 19.53 13.25
N ALA B 237 37.53 19.23 12.93
CA ALA B 237 38.55 19.12 13.96
C ALA B 237 38.88 20.48 14.59
N GLU B 238 39.46 20.42 15.78
CA GLU B 238 39.93 21.63 16.46
C GLU B 238 40.93 22.39 15.61
N GLY B 239 40.71 23.69 15.47
CA GLY B 239 41.60 24.52 14.67
C GLY B 239 41.35 24.49 13.18
N GLU B 240 40.59 23.50 12.67
CA GLU B 240 40.20 23.42 11.27
C GLU B 240 38.67 23.38 11.17
N PRO B 241 38.00 24.49 11.47
CA PRO B 241 36.53 24.45 11.57
C PRO B 241 35.85 24.37 10.22
N ALA B 242 34.87 23.47 10.12
CA ALA B 242 34.02 23.39 8.94
C ALA B 242 32.80 24.28 9.16
N LEU B 243 31.79 23.77 9.87
CA LEU B 243 30.68 24.61 10.31
C LEU B 243 30.85 24.95 11.78
N CYS B 244 30.10 25.95 12.22
CA CYS B 244 30.26 26.48 13.56
C CYS B 244 29.09 26.17 14.47
N SER B 245 27.97 25.73 13.92
CA SER B 245 26.80 25.47 14.74
C SER B 245 26.04 24.26 14.21
N ALA B 246 25.57 23.43 15.13
CA ALA B 246 24.77 22.27 14.79
C ALA B 246 23.71 22.07 15.85
N PHE B 247 22.62 21.42 15.45
CA PHE B 247 21.57 21.14 16.40
C PHE B 247 22.06 20.14 17.43
N ASP B 248 21.65 20.37 18.68
CA ASP B 248 22.06 19.53 19.80
C ASP B 248 21.05 18.39 19.98
N PHE B 249 21.08 17.43 19.05
CA PHE B 249 20.28 16.22 19.24
C PHE B 249 20.62 15.48 20.52
N PRO B 250 21.88 15.29 20.92
CA PRO B 250 22.15 14.55 22.16
C PRO B 250 21.50 15.16 23.40
N VAL B 251 21.62 16.47 23.61
CA VAL B 251 20.98 17.05 24.79
C VAL B 251 19.46 17.04 24.65
N ARG B 252 18.93 17.23 23.44
CA ARG B 252 17.50 17.07 23.18
C ARG B 252 16.98 15.76 23.73
N TYR B 253 17.65 14.67 23.40
CA TYR B 253 17.19 13.38 23.87
C TYR B 253 17.23 13.32 25.39
N ARG B 254 18.30 13.82 26.00
CA ARG B 254 18.39 13.83 27.44
C ARG B 254 17.28 14.64 28.06
N VAL B 255 16.88 15.73 27.41
CA VAL B 255 15.78 16.51 27.96
C VAL B 255 14.48 15.70 27.92
N VAL B 256 14.09 15.18 26.74
CA VAL B 256 12.80 14.47 26.69
C VAL B 256 12.87 13.16 27.47
N GLU B 257 14.06 12.54 27.57
CA GLU B 257 14.14 11.34 28.40
C GLU B 257 14.05 11.64 29.89
N THR B 258 14.32 12.88 30.31
CA THR B 258 14.21 13.29 31.71
C THR B 258 12.80 13.74 32.06
N PHE B 259 12.22 14.63 31.26
CA PHE B 259 10.93 15.23 31.55
C PHE B 259 9.76 14.57 30.81
N ALA B 260 10.03 13.71 29.84
CA ALA B 260 8.99 12.86 29.26
C ALA B 260 9.56 11.47 29.04
N ALA B 261 9.45 10.97 27.81
CA ALA B 261 10.24 9.81 27.38
C ALA B 261 10.53 9.99 25.90
N ASN B 262 11.60 9.36 25.43
CA ASN B 262 11.89 9.52 24.02
C ASN B 262 10.95 8.65 23.17
N GLU B 263 11.10 8.78 21.85
CA GLU B 263 10.22 8.08 20.91
C GLU B 263 10.17 6.56 21.14
N ASN B 264 11.23 5.97 21.69
CA ASN B 264 11.33 4.53 21.89
C ASN B 264 10.98 4.10 23.30
N GLY B 265 10.56 5.02 24.16
CA GLY B 265 10.11 4.64 25.48
C GLY B 265 11.09 4.88 26.60
N ILE B 266 12.37 5.14 26.28
CA ILE B 266 13.34 5.46 27.31
C ILE B 266 12.94 6.76 28.00
N GLY B 267 12.67 6.70 29.29
CA GLY B 267 12.16 7.87 29.97
C GLY B 267 12.35 7.82 31.47
N ASN B 268 11.82 8.86 32.13
CA ASN B 268 11.85 9.03 33.59
C ASN B 268 13.27 8.94 34.15
N LYS B 269 14.18 9.66 33.52
CA LYS B 269 15.52 9.85 34.04
C LYS B 269 15.54 11.02 35.02
N GLY B 270 16.72 11.39 35.50
CA GLY B 270 16.78 12.42 36.52
C GLY B 270 17.81 13.45 36.18
N GLY B 271 18.20 14.26 37.17
CA GLY B 271 19.11 15.36 36.90
C GLY B 271 20.48 14.88 36.47
N LYS B 272 20.96 13.80 37.07
CA LYS B 272 22.22 13.20 36.67
C LYS B 272 22.25 12.93 35.16
N TRP B 273 21.13 12.51 34.59
CA TRP B 273 21.06 12.25 33.16
C TRP B 273 21.24 13.53 32.33
N LEU B 274 20.67 14.65 32.81
CA LEU B 274 20.89 15.92 32.12
C LEU B 274 22.34 16.35 32.23
N ASP B 275 22.93 16.21 33.42
CA ASP B 275 24.30 16.63 33.62
C ASP B 275 25.25 15.85 32.73
N GLU B 276 25.07 14.53 32.65
CA GLU B 276 25.92 13.73 31.78
C GLU B 276 25.91 14.27 30.35
N GLY B 277 24.73 14.65 29.86
CA GLY B 277 24.63 15.06 28.47
C GLY B 277 25.31 16.40 28.22
N MET B 278 25.05 17.39 29.09
CA MET B 278 25.76 18.66 29.00
C MET B 278 27.27 18.46 29.03
N ASN B 279 27.77 17.58 29.90
CA ASN B 279 29.21 17.36 29.99
C ASN B 279 29.79 16.81 28.71
N LEU B 280 29.02 16.01 27.96
CA LEU B 280 29.56 15.49 26.71
C LEU B 280 29.86 16.59 25.70
N HIS B 281 29.53 17.85 25.99
CA HIS B 281 30.02 18.93 25.15
C HIS B 281 31.55 18.97 25.08
N ARG B 282 32.22 18.39 26.07
CA ARG B 282 33.68 18.31 26.03
C ARG B 282 34.19 17.58 24.78
N LEU B 283 33.32 16.83 24.09
CA LEU B 283 33.73 16.20 22.83
C LEU B 283 33.63 17.14 21.64
N TYR B 284 33.13 18.34 21.84
CA TYR B 284 33.10 19.22 20.69
C TYR B 284 34.35 20.09 20.65
N PRO B 285 34.85 20.38 19.44
CA PRO B 285 35.93 21.37 19.33
C PRO B 285 35.49 22.71 19.90
N SER B 286 36.48 23.57 20.21
CA SER B 286 36.20 24.79 20.96
C SER B 286 35.37 25.79 20.18
N HIS B 287 35.34 25.71 18.84
CA HIS B 287 34.55 26.66 18.07
C HIS B 287 33.06 26.30 18.04
N ALA B 288 32.69 25.09 18.45
CA ALA B 288 31.32 24.61 18.31
C ALA B 288 30.34 25.47 19.10
N GLN B 289 29.18 25.76 18.48
CA GLN B 289 28.02 26.39 19.13
C GLN B 289 26.81 25.50 18.91
N PRO B 290 26.54 24.54 19.80
CA PRO B 290 25.35 23.71 19.62
C PRO B 290 24.09 24.53 19.79
N ASN B 291 23.06 24.16 19.00
CA ASN B 291 21.75 24.81 19.02
C ASN B 291 20.75 23.78 19.56
N LEU B 292 20.12 24.10 20.68
CA LEU B 292 19.25 23.16 21.37
C LEU B 292 17.80 23.38 20.95
N MET B 293 17.16 22.35 20.42
CA MET B 293 15.72 22.32 20.26
C MET B 293 15.12 21.20 21.11
N LEU B 294 13.84 21.35 21.41
CA LEU B 294 13.14 20.24 22.05
C LEU B 294 12.51 19.31 21.01
N GLY B 295 12.06 19.87 19.89
CA GLY B 295 11.52 19.11 18.78
C GLY B 295 11.73 19.79 17.44
N ASN B 296 11.23 19.13 16.40
CA ASN B 296 11.12 19.70 15.08
C ASN B 296 10.09 18.88 14.32
N HIS B 297 9.97 19.14 13.03
CA HIS B 297 9.03 18.46 12.15
C HIS B 297 9.35 16.98 11.96
N ASP B 298 10.50 16.50 12.44
CA ASP B 298 10.83 15.08 12.30
C ASP B 298 10.66 14.32 13.60
N LEU B 299 10.36 15.00 14.69
CA LEU B 299 10.28 14.37 16.00
C LEU B 299 8.84 14.41 16.50
N VAL B 300 8.45 13.38 17.26
CA VAL B 300 7.12 13.37 17.85
C VAL B 300 7.01 14.52 18.84
N ARG B 301 5.85 15.21 18.81
CA ARG B 301 5.64 16.35 19.70
C ARG B 301 5.83 15.95 21.16
N PHE B 302 6.31 16.91 21.95
CA PHE B 302 6.58 16.65 23.36
C PHE B 302 5.33 16.14 24.07
N GLY B 303 4.19 16.80 23.86
CA GLY B 303 2.97 16.40 24.52
C GLY B 303 2.49 15.04 24.08
N ASP B 304 2.83 14.63 22.86
CA ASP B 304 2.49 13.27 22.43
C ASP B 304 3.46 12.23 23.00
N LEU B 305 4.73 12.59 23.22
CA LEU B 305 5.63 11.70 23.91
C LEU B 305 5.20 11.46 25.36
N LEU B 306 4.70 12.52 26.04
CA LEU B 306 4.14 12.37 27.39
C LEU B 306 2.98 11.38 27.42
N GLN B 307 2.18 11.32 26.37
CA GLN B 307 1.08 10.38 26.36
C GLN B 307 1.52 8.99 25.91
N ARG B 308 2.48 8.92 25.00
CA ARG B 308 2.99 7.63 24.57
C ARG B 308 3.58 6.87 25.77
N GLY B 309 4.39 7.55 26.57
CA GLY B 309 4.91 6.91 27.77
C GLY B 309 3.91 6.74 28.90
N ASN B 310 2.65 7.09 28.68
CA ASN B 310 1.65 7.07 29.75
C ASN B 310 2.12 7.87 30.97
N ILE B 311 2.84 8.96 30.70
CA ILE B 311 3.35 9.81 31.78
C ILE B 311 2.29 10.83 32.20
N ALA B 312 1.65 11.48 31.24
CA ALA B 312 0.67 12.52 31.52
C ALA B 312 -0.14 12.80 30.26
N SER B 313 -1.35 13.31 30.46
CA SER B 313 -2.25 13.71 29.37
C SER B 313 -2.67 15.15 29.62
N PRO B 314 -3.24 15.82 28.61
CA PRO B 314 -3.50 17.27 28.77
C PRO B 314 -4.48 17.62 29.89
N GLU B 315 -5.32 16.68 30.35
CA GLU B 315 -6.20 16.95 31.48
C GLU B 315 -5.43 17.15 32.77
N GLN B 316 -4.28 16.48 32.92
CA GLN B 316 -3.52 16.49 34.17
C GLN B 316 -2.58 17.68 34.28
N ALA B 317 -2.44 18.20 35.50
CA ALA B 317 -1.54 19.33 35.73
C ALA B 317 -0.10 18.96 35.47
N GLU B 318 0.28 17.71 35.76
CA GLU B 318 1.65 17.26 35.51
C GLU B 318 2.05 17.41 34.04
N TYR B 319 1.09 17.28 33.10
CA TYR B 319 1.37 17.50 31.69
C TYR B 319 1.92 18.90 31.44
N TRP B 320 1.35 19.89 32.11
CA TRP B 320 1.82 21.24 31.91
C TRP B 320 3.10 21.51 32.71
N GLU B 321 3.23 20.93 33.91
CA GLU B 321 4.46 21.08 34.69
CA GLU B 321 4.46 21.17 34.65
C GLU B 321 5.66 20.55 33.93
N ARG B 322 5.47 19.44 33.20
CA ARG B 322 6.62 18.85 32.51
C ARG B 322 7.02 19.69 31.31
N HIS B 323 6.05 20.21 30.55
CA HIS B 323 6.35 21.20 29.51
C HIS B 323 7.15 22.38 30.05
N LYS B 324 6.65 23.01 31.12
CA LYS B 324 7.36 24.13 31.71
C LYS B 324 8.78 23.74 32.11
N ALA B 325 8.95 22.59 32.74
CA ALA B 325 10.27 22.17 33.18
C ALA B 325 11.24 21.99 31.99
N ALA B 326 10.83 21.24 30.96
CA ALA B 326 11.67 21.07 29.78
C ALA B 326 11.97 22.42 29.12
N LEU B 327 10.96 23.28 28.99
CA LEU B 327 11.20 24.59 28.40
C LEU B 327 12.14 25.43 29.25
N SER B 328 12.07 25.30 30.58
CA SER B 328 12.96 26.08 31.42
C SER B 328 14.41 25.65 31.22
N PHE B 329 14.65 24.35 31.06
CA PHE B 329 16.00 23.88 30.80
C PHE B 329 16.57 24.46 29.52
N GLN B 330 15.71 24.59 28.50
CA GLN B 330 16.16 25.26 27.30
C GLN B 330 16.47 26.72 27.58
N ALA B 331 15.68 27.37 28.44
CA ALA B 331 15.93 28.78 28.74
C ALA B 331 17.23 28.98 29.49
N ALA B 332 17.77 27.94 30.12
CA ALA B 332 18.99 28.00 30.91
C ALA B 332 20.23 27.61 30.11
N TYR B 333 20.08 27.27 28.83
CA TYR B 333 21.13 26.67 28.04
C TYR B 333 21.94 27.72 27.29
N SER B 334 23.25 27.70 27.45
CA SER B 334 24.10 28.65 26.75
C SER B 334 24.23 28.27 25.28
N GLY B 335 23.98 29.24 24.40
CA GLY B 335 24.02 29.01 22.98
C GLY B 335 22.65 29.28 22.38
N PRO B 336 22.55 29.24 21.05
CA PRO B 336 21.25 29.47 20.43
C PRO B 336 20.25 28.38 20.79
N ILE B 337 18.99 28.77 20.93
CA ILE B 337 17.91 27.82 21.22
C ILE B 337 16.82 27.96 20.17
N THR B 338 16.11 26.86 19.91
CA THR B 338 15.10 26.77 18.86
C THR B 338 13.83 26.13 19.40
N LEU B 339 12.69 26.67 19.01
CA LEU B 339 11.39 26.24 19.49
C LEU B 339 10.53 25.85 18.29
N TYR B 340 9.85 24.70 18.39
CA TYR B 340 9.01 24.20 17.31
C TYR B 340 7.59 24.69 17.54
N TYR B 341 6.93 25.19 16.49
CA TYR B 341 5.63 25.81 16.67
C TYR B 341 4.65 24.86 17.36
N GLY B 342 3.94 25.37 18.37
CA GLY B 342 3.01 24.58 19.14
C GLY B 342 3.56 24.06 20.45
N GLU B 343 4.88 23.93 20.57
CA GLU B 343 5.48 23.59 21.85
C GLU B 343 5.09 24.60 22.93
N GLU B 344 4.95 25.88 22.56
CA GLU B 344 4.62 26.91 23.53
C GLU B 344 3.17 26.85 24.03
N ILE B 345 2.28 26.11 23.38
CA ILE B 345 0.93 25.88 23.89
C ILE B 345 0.69 24.41 24.22
N GLY B 346 1.75 23.61 24.37
CA GLY B 346 1.61 22.19 24.66
C GLY B 346 0.82 21.42 23.62
N ASP B 347 0.94 21.80 22.35
CA ASP B 347 0.21 21.14 21.28
C ASP B 347 0.42 19.63 21.29
N GLU B 348 -0.56 18.92 20.77
CA GLU B 348 -0.50 17.47 20.63
C GLU B 348 -1.67 17.08 19.74
N LEU B 349 -1.53 15.94 19.08
CA LEU B 349 -2.48 15.49 18.07
C LEU B 349 -3.58 14.64 18.71
N GLU B 350 -4.83 15.11 18.63
CA GLU B 350 -5.95 14.43 19.25
C GLU B 350 -6.10 12.99 18.74
N GLY B 351 -6.20 12.05 19.67
CA GLY B 351 -6.32 10.66 19.30
C GLY B 351 -5.06 10.01 18.78
N TYR B 352 -3.89 10.55 19.08
CA TYR B 352 -2.63 9.94 18.69
C TYR B 352 -1.69 9.87 19.90
N ALA B 353 -0.93 8.79 20.01
CA ALA B 353 0.12 8.73 21.02
C ALA B 353 1.01 7.52 20.79
N GLN B 354 0.43 6.33 20.83
CA GLN B 354 1.20 5.13 20.55
C GLN B 354 1.76 5.19 19.14
N LYS B 355 2.95 4.61 18.96
CA LYS B 355 3.58 4.59 17.65
C LYS B 355 2.69 3.86 16.66
N VAL B 356 2.59 4.40 15.46
CA VAL B 356 1.87 3.81 14.36
C VAL B 356 2.90 3.51 13.28
N GLU B 357 3.01 2.24 12.89
CA GLU B 357 4.07 1.83 11.99
C GLU B 357 3.55 1.47 10.59
N GLN B 358 2.62 0.53 10.49
CA GLN B 358 2.16 0.11 9.19
C GLN B 358 1.15 1.10 8.65
N ASP B 359 1.30 1.44 7.37
CA ASP B 359 0.41 2.35 6.68
C ASP B 359 0.44 3.75 7.29
N CYS B 360 1.50 4.11 8.00
CA CYS B 360 1.45 5.37 8.74
C CYS B 360 1.52 6.57 7.82
N ALA B 361 2.36 6.51 6.77
CA ALA B 361 2.60 7.68 5.92
C ALA B 361 1.31 8.15 5.25
N VAL B 362 0.45 7.23 4.80
CA VAL B 362 -0.80 7.66 4.19
C VAL B 362 -1.76 8.21 5.25
N GLN B 363 -1.54 7.90 6.52
CA GLN B 363 -2.37 8.47 7.57
C GLN B 363 -1.82 9.79 8.12
N GLY B 364 -0.56 10.09 7.84
CA GLY B 364 0.09 11.23 8.43
C GLY B 364 0.55 10.99 9.85
N LEU B 365 0.88 9.75 10.18
CA LEU B 365 1.13 9.35 11.56
C LEU B 365 2.43 8.56 11.72
N CYS B 366 3.38 8.67 10.80
CA CYS B 366 4.72 8.16 11.09
C CYS B 366 5.42 9.11 12.05
N ASP B 367 6.31 8.55 12.88
CA ASP B 367 6.99 9.34 13.91
C ASP B 367 7.71 10.52 13.29
N ASP B 368 8.13 10.41 12.02
CA ASP B 368 8.96 11.43 11.40
C ASP B 368 8.16 12.51 10.70
N HIS B 369 6.84 12.58 10.92
CA HIS B 369 6.12 13.69 10.33
C HIS B 369 4.80 13.95 11.05
N VAL B 370 4.46 13.12 12.02
CA VAL B 370 3.21 13.31 12.74
C VAL B 370 3.15 14.65 13.46
N ALA B 371 4.29 15.26 13.77
CA ALA B 371 4.27 16.57 14.43
C ALA B 371 3.89 17.73 13.51
N ARG B 372 3.73 17.50 12.20
CA ARG B 372 3.34 18.58 11.27
C ARG B 372 1.82 18.70 11.29
N THR B 373 1.33 19.18 12.42
CA THR B 373 -0.08 19.42 12.66
C THR B 373 -0.42 20.86 12.33
N SER B 374 -1.69 21.11 12.00
CA SER B 374 -2.12 22.46 11.67
C SER B 374 -1.86 23.40 12.84
N ALA B 375 -1.33 24.58 12.54
CA ALA B 375 -0.85 25.49 13.59
C ALA B 375 -2.00 26.11 14.38
N ASN B 376 -1.79 26.25 15.68
CA ASN B 376 -2.75 26.91 16.57
C ASN B 376 -2.16 28.24 17.04
N ILE B 377 -2.29 29.27 16.22
CA ILE B 377 -1.83 30.62 16.56
C ILE B 377 -2.98 31.37 17.24
N ASP B 378 -2.75 31.86 18.45
CA ASP B 378 -3.80 32.47 19.25
C ASP B 378 -4.33 33.74 18.60
N GLY B 379 -5.65 33.86 18.53
CA GLY B 379 -6.26 34.99 17.89
C GLY B 379 -6.14 35.01 16.39
N LEU B 380 -5.66 33.95 15.78
CA LEU B 380 -5.53 33.90 14.33
C LEU B 380 -6.07 32.61 13.74
N THR B 381 -5.86 31.47 14.39
CA THR B 381 -6.44 30.21 13.94
C THR B 381 -7.11 29.44 15.07
N VAL B 382 -7.14 29.99 16.27
CA VAL B 382 -7.69 29.30 17.43
C VAL B 382 -7.92 30.33 18.52
N ASN B 383 -8.65 29.93 19.58
CA ASN B 383 -8.70 30.68 20.84
C ASN B 383 -8.10 29.78 21.91
N LEU B 384 -7.03 30.26 22.54
CA LEU B 384 -6.35 29.42 23.51
C LEU B 384 -7.20 29.26 24.76
N ASN B 385 -7.21 28.05 25.31
CA ASN B 385 -7.86 27.81 26.58
C ASN B 385 -6.95 28.28 27.72
N GLU B 386 -7.36 28.04 28.96
CA GLU B 386 -6.66 28.61 30.11
C GLU B 386 -5.26 28.05 30.23
N LYS B 387 -5.12 26.72 30.20
CA LYS B 387 -3.82 26.09 30.35
C LYS B 387 -2.88 26.50 29.23
N GLN B 388 -3.39 26.59 28.00
CA GLN B 388 -2.58 27.05 26.88
C GLN B 388 -2.10 28.47 27.10
N ARG B 389 -3.02 29.40 27.35
CA ARG B 389 -2.59 30.78 27.59
C ARG B 389 -1.58 30.86 28.72
N ASP B 390 -1.72 29.98 29.72
CA ASP B 390 -0.78 30.02 30.83
C ASP B 390 0.63 29.59 30.39
N LEU B 391 0.72 28.52 29.61
CA LEU B 391 2.04 28.01 29.22
C LEU B 391 2.73 28.96 28.27
N LYS B 392 1.99 29.48 27.29
CA LYS B 392 2.55 30.44 26.34
C LYS B 392 3.11 31.66 27.07
N GLN B 393 2.42 32.12 28.12
CA GLN B 393 2.92 33.26 28.86
C GLN B 393 4.15 32.90 29.67
N TYR B 394 4.22 31.66 30.17
CA TYR B 394 5.45 31.20 30.80
C TYR B 394 6.61 31.18 29.82
N VAL B 395 6.35 30.74 28.57
CA VAL B 395 7.39 30.78 27.55
C VAL B 395 7.87 32.21 27.33
N SER B 396 6.92 33.14 27.19
CA SER B 396 7.28 34.55 27.01
C SER B 396 8.13 35.06 28.17
N GLN B 397 7.77 34.69 29.40
CA GLN B 397 8.59 35.10 30.54
C GLN B 397 9.99 34.52 30.45
N LEU B 398 10.11 33.24 30.05
CA LEU B 398 11.44 32.66 29.92
C LEU B 398 12.26 33.39 28.86
N MET B 399 11.65 33.74 27.73
CA MET B 399 12.40 34.41 26.69
C MET B 399 12.75 35.85 27.08
N THR B 400 11.81 36.56 27.73
CA THR B 400 12.15 37.88 28.28
C THR B 400 13.35 37.77 29.21
N LEU B 401 13.25 36.89 30.21
CA LEU B 401 14.30 36.72 31.19
C LEU B 401 15.62 36.35 30.54
N ARG B 402 15.59 35.45 29.55
CA ARG B 402 16.80 35.08 28.84
C ARG B 402 17.35 36.24 28.03
N ALA B 403 16.49 37.08 27.47
CA ALA B 403 16.98 38.18 26.66
C ALA B 403 17.74 39.22 27.50
N ALA B 404 17.43 39.31 28.79
CA ALA B 404 18.01 40.33 29.65
C ALA B 404 19.23 39.87 30.43
N HIS B 405 19.51 38.57 30.49
CA HIS B 405 20.58 38.07 31.35
C HIS B 405 21.63 37.32 30.55
N PRO B 406 22.83 37.89 30.37
CA PRO B 406 23.88 37.17 29.64
C PRO B 406 24.19 35.81 30.24
N ALA B 407 24.05 35.63 31.55
CA ALA B 407 24.39 34.35 32.16
C ALA B 407 23.58 33.20 31.57
N LEU B 408 22.35 33.47 31.11
CA LEU B 408 21.54 32.40 30.57
C LEU B 408 22.01 32.03 29.17
N SER B 409 22.09 33.02 28.29
CA SER B 409 22.36 32.78 26.88
C SER B 409 23.82 32.46 26.59
N ARG B 410 24.74 32.81 27.49
CA ARG B 410 26.14 32.57 27.17
C ARG B 410 27.01 32.43 28.41
N GLY B 411 26.43 32.12 29.56
CA GLY B 411 27.22 32.04 30.76
C GLY B 411 28.09 30.79 30.80
N GLU B 412 29.11 30.84 31.64
CA GLU B 412 29.84 29.64 32.01
C GLU B 412 28.97 28.82 32.96
N ARG B 413 28.92 27.51 32.71
CA ARG B 413 28.03 26.61 33.42
C ARG B 413 28.83 25.75 34.39
N THR B 414 28.47 25.80 35.66
CA THR B 414 29.01 24.89 36.64
C THR B 414 27.84 24.19 37.31
N ASN B 415 27.85 22.86 37.26
CA ASN B 415 26.79 22.08 37.88
C ASN B 415 27.06 21.96 39.37
N ILE B 416 26.02 22.19 40.16
CA ILE B 416 26.11 22.15 41.61
C ILE B 416 25.54 20.81 42.07
N VAL B 417 24.27 20.56 41.76
CA VAL B 417 23.62 19.29 42.09
C VAL B 417 23.15 18.63 40.80
N ALA B 418 23.22 17.29 40.80
CA ALA B 418 22.68 16.50 39.69
C ALA B 418 22.37 15.11 40.25
N ASN B 419 21.13 14.89 40.66
CA ASN B 419 20.74 13.63 41.24
C ASN B 419 19.37 13.24 40.68
N GLU B 420 18.74 12.25 41.32
CA GLU B 420 17.49 11.69 40.81
C GLU B 420 16.36 12.68 40.88
N THR B 421 16.45 13.64 41.79
CA THR B 421 15.31 14.47 42.12
C THR B 421 15.47 15.93 41.72
N VAL B 422 16.69 16.40 41.41
CA VAL B 422 16.86 17.80 41.09
C VAL B 422 18.10 18.00 40.22
N TYR B 423 18.08 19.08 39.44
CA TYR B 423 19.23 19.55 38.67
C TYR B 423 19.45 21.02 39.02
N ILE B 424 20.69 21.38 39.35
CA ILE B 424 21.00 22.73 39.82
C ILE B 424 22.27 23.20 39.14
N ASP B 425 22.16 24.20 38.27
CA ASP B 425 23.30 24.78 37.58
C ASP B 425 23.58 26.18 38.11
N HIS B 426 24.86 26.49 38.25
CA HIS B 426 25.31 27.86 38.42
C HIS B 426 25.67 28.40 37.05
N LYS B 427 25.01 29.48 36.63
CA LYS B 427 25.32 30.16 35.37
C LYS B 427 25.88 31.55 35.68
N GLN B 428 26.98 31.91 35.01
CA GLN B 428 27.61 33.21 35.30
C GLN B 428 28.24 33.81 34.05
N ALA B 429 27.93 35.07 33.80
CA ALA B 429 28.63 35.89 32.79
C ALA B 429 29.11 37.14 33.51
N ASP B 430 30.33 37.06 34.06
CA ASP B 430 30.92 38.03 34.98
C ASP B 430 29.93 38.56 36.02
N ASP B 431 29.45 39.80 35.86
CA ASP B 431 28.59 40.37 36.88
C ASP B 431 27.30 39.57 37.04
N ASP B 432 26.73 39.10 35.92
CA ASP B 432 25.49 38.34 35.90
C ASP B 432 25.77 36.94 36.42
N ALA B 433 25.18 36.59 37.57
CA ALA B 433 25.40 35.28 38.17
C ALA B 433 24.09 34.82 38.79
N LEU B 434 23.58 33.67 38.33
CA LEU B 434 22.35 33.13 38.90
C LEU B 434 22.43 31.62 39.01
N ILE B 435 21.47 31.07 39.74
CA ILE B 435 21.31 29.63 39.96
C ILE B 435 20.06 29.19 39.24
N TYR B 436 20.18 28.21 38.35
CA TYR B 436 19.05 27.56 37.73
C TYR B 436 18.80 26.24 38.44
N MET B 437 17.60 26.04 38.95
CA MET B 437 17.26 24.76 39.56
C MET B 437 15.92 24.28 39.00
N VAL B 438 15.84 22.98 38.74
CA VAL B 438 14.62 22.36 38.27
C VAL B 438 14.46 20.99 38.92
N SER B 439 13.23 20.66 39.27
CA SER B 439 12.90 19.34 39.82
C SER B 439 12.78 18.30 38.70
N THR B 440 13.32 17.11 38.95
CA THR B 440 13.18 15.98 38.04
C THR B 440 12.45 14.82 38.70
N THR B 441 11.49 15.14 39.58
CA THR B 441 10.70 14.14 40.28
C THR B 441 9.27 14.64 40.38
N ALA B 442 8.34 13.69 40.52
CA ALA B 442 6.92 14.01 40.67
C ALA B 442 6.52 14.36 42.10
N ASP B 443 7.46 14.34 43.04
CA ASP B 443 7.20 14.71 44.42
C ASP B 443 7.60 16.15 44.71
N GLN B 444 6.92 16.73 45.69
CA GLN B 444 7.44 17.92 46.36
C GLN B 444 8.73 17.57 47.10
N ASP B 445 9.62 18.55 47.20
CA ASP B 445 10.80 18.35 48.03
C ASP B 445 11.40 19.71 48.37
N THR B 446 12.19 19.71 49.43
CA THR B 446 12.92 20.89 49.89
C THR B 446 14.40 20.67 49.62
N VAL B 447 15.02 21.63 48.92
CA VAL B 447 16.40 21.53 48.47
C VAL B 447 17.29 22.30 49.44
N GLU B 448 18.27 21.60 49.99
CA GLU B 448 19.29 22.21 50.84
C GLU B 448 20.48 22.57 49.98
N LEU B 449 20.90 23.84 50.03
CA LEU B 449 21.92 24.34 49.10
C LEU B 449 22.90 25.24 49.84
N LYS B 450 24.18 24.83 49.85
CA LYS B 450 25.20 25.48 50.67
C LYS B 450 25.68 26.76 50.00
N ALA B 451 25.58 27.89 50.72
CA ALA B 451 25.94 29.17 50.15
C ALA B 451 27.39 29.20 49.68
N SER B 452 28.26 28.41 50.32
CA SER B 452 29.67 28.41 49.95
C SER B 452 29.91 27.63 48.66
N ASP B 453 29.02 26.71 48.30
CA ASP B 453 29.19 25.96 47.07
C ASP B 453 28.74 26.74 45.84
N ILE B 454 27.91 27.76 46.03
CA ILE B 454 27.42 28.57 44.92
C ILE B 454 27.97 29.98 44.97
N ALA B 455 28.96 30.25 45.84
CA ALA B 455 29.63 31.54 45.92
C ALA B 455 28.63 32.69 46.11
N SER B 456 27.66 32.47 46.98
CA SER B 456 26.72 33.51 47.39
C SER B 456 27.02 33.90 48.84
N ASP B 457 27.14 35.21 49.08
CA ASP B 457 27.34 35.71 50.44
C ASP B 457 26.08 36.31 51.05
N GLY B 458 25.19 36.88 50.22
CA GLY B 458 23.92 37.41 50.69
C GLY B 458 22.72 36.53 50.36
N GLN B 459 21.78 37.06 49.57
CA GLN B 459 20.51 36.37 49.35
C GLN B 459 20.29 36.06 47.87
N LEU B 460 19.43 35.05 47.64
CA LEU B 460 18.99 34.65 46.32
C LEU B 460 17.58 35.16 46.08
N VAL B 461 17.35 35.71 44.89
CA VAL B 461 16.08 36.32 44.54
C VAL B 461 15.53 35.63 43.30
N ASP B 462 14.33 35.06 43.42
CA ASP B 462 13.60 34.53 42.28
C ASP B 462 13.40 35.62 41.25
N LEU B 463 13.95 35.42 40.07
CA LEU B 463 13.85 36.39 38.99
C LEU B 463 12.48 36.43 38.34
N LEU B 464 11.55 35.58 38.76
CA LEU B 464 10.25 35.50 38.12
C LEU B 464 9.10 35.82 39.05
N THR B 465 9.30 35.72 40.36
CA THR B 465 8.25 35.98 41.33
C THR B 465 8.59 37.08 42.31
N GLY B 466 9.87 37.38 42.52
CA GLY B 466 10.32 38.30 43.52
C GLY B 466 10.77 37.63 44.81
N LYS B 467 10.13 36.51 45.19
CA LYS B 467 10.39 35.85 46.46
C LYS B 467 11.87 35.83 46.78
N VAL B 468 12.21 36.33 47.96
CA VAL B 468 13.59 36.43 48.41
C VAL B 468 13.85 35.28 49.37
N HIS B 469 14.97 34.59 49.15
CA HIS B 469 15.41 33.49 50.00
C HIS B 469 16.66 33.96 50.73
N SER B 470 16.76 33.64 52.01
CA SER B 470 17.88 34.10 52.80
C SER B 470 18.53 32.94 53.54
N ALA B 471 19.86 32.90 53.51
CA ALA B 471 20.58 31.79 54.10
C ALA B 471 20.44 31.78 55.61
N ILE B 472 20.44 30.57 56.19
CA ILE B 472 20.37 30.37 57.63
C ILE B 472 21.39 29.29 57.96
N ASN B 473 22.46 29.67 58.68
CA ASN B 473 23.60 28.82 58.98
C ASN B 473 24.36 28.40 57.73
N GLY B 474 24.40 29.29 56.73
CA GLY B 474 25.17 29.05 55.52
C GLY B 474 24.50 28.19 54.47
N GLU B 475 23.27 27.75 54.69
CA GLU B 475 22.52 27.00 53.70
C GLU B 475 21.30 27.81 53.31
N TYR B 476 20.73 27.48 52.15
CA TYR B 476 19.42 27.96 51.76
C TYR B 476 18.45 26.79 51.74
N GLN B 477 17.17 27.08 51.97
CA GLN B 477 16.11 26.07 52.01
C GLN B 477 15.06 26.47 50.99
N ILE B 478 15.17 25.92 49.79
CA ILE B 478 14.19 26.16 48.74
C ILE B 478 13.37 24.89 48.53
N SER B 479 12.06 25.04 48.58
CA SER B 479 11.15 23.97 48.22
C SER B 479 10.86 24.06 46.73
N LEU B 480 10.76 22.90 46.08
CA LEU B 480 10.37 22.82 44.68
C LEU B 480 9.16 21.90 44.57
N ALA B 481 8.06 22.43 44.06
CA ALA B 481 6.96 21.61 43.61
C ALA B 481 7.44 20.68 42.49
N PRO B 482 6.72 19.59 42.22
CA PRO B 482 7.18 18.65 41.19
C PRO B 482 7.33 19.30 39.82
N PHE B 483 8.52 19.11 39.22
CA PHE B 483 8.91 19.69 37.92
C PHE B 483 8.79 21.20 37.89
N GLU B 484 9.00 21.83 39.04
CA GLU B 484 9.12 23.26 39.09
C GLU B 484 10.56 23.67 38.76
N ALA B 485 10.70 24.80 38.08
CA ALA B 485 12.01 25.41 37.88
C ALA B 485 12.02 26.81 38.48
N LYS B 486 13.12 27.15 39.11
CA LYS B 486 13.36 28.47 39.66
C LYS B 486 14.64 29.03 39.06
N PHE B 487 14.60 30.32 38.74
CA PHE B 487 15.79 31.10 38.36
C PHE B 487 16.08 32.05 39.50
N LEU B 488 17.11 31.76 40.28
CA LEU B 488 17.47 32.55 41.45
C LEU B 488 18.68 33.41 41.13
N LEU B 489 18.51 34.73 41.22
CA LEU B 489 19.60 35.66 41.02
C LEU B 489 20.51 35.70 42.26
N ILE B 490 21.80 35.43 42.07
CA ILE B 490 22.78 35.49 43.16
C ILE B 490 23.09 36.96 43.40
N GLU B 491 22.51 37.55 44.44
CA GLU B 491 22.58 39.00 44.58
C GLU B 491 23.99 39.45 44.91
N THR B 492 24.62 38.86 45.93
CA THR B 492 25.96 39.28 46.36
C THR B 492 26.94 38.14 46.14
N PRO B 493 27.56 38.06 44.97
CA PRO B 493 28.56 37.01 44.74
C PRO B 493 29.80 37.24 45.61
N SER B 494 30.64 36.20 45.68
CA SER B 494 31.85 36.26 46.50
C SER B 494 32.83 37.33 46.00
N HIS C 1 -47.84 -12.90 -3.54
CA HIS C 1 -48.34 -11.54 -3.30
C HIS C 1 -48.10 -10.60 -4.49
N MET C 2 -49.18 -10.25 -5.19
CA MET C 2 -49.13 -9.30 -6.29
C MET C 2 -48.52 -7.97 -5.83
N CYS C 3 -47.89 -7.26 -6.77
CA CYS C 3 -47.40 -5.91 -6.49
C CYS C 3 -48.55 -4.96 -6.20
N ASP C 4 -48.33 -4.05 -5.25
CA ASP C 4 -49.37 -3.08 -4.87
C ASP C 4 -49.74 -2.21 -6.07
N SER C 5 -51.00 -2.31 -6.50
CA SER C 5 -51.45 -1.53 -7.65
C SER C 5 -51.42 -0.04 -7.35
N ALA C 6 -51.75 0.35 -6.11
CA ALA C 6 -51.73 1.77 -5.76
C ALA C 6 -50.31 2.32 -5.74
N LEU C 7 -49.35 1.53 -5.24
CA LEU C 7 -47.96 1.97 -5.17
C LEU C 7 -47.37 2.11 -6.57
N THR C 8 -47.67 1.16 -7.46
CA THR C 8 -47.19 1.23 -8.83
C THR C 8 -47.54 2.55 -9.48
N ALA C 9 -48.79 2.99 -9.35
CA ALA C 9 -49.20 4.26 -9.93
C ALA C 9 -48.38 5.42 -9.36
N GLN C 10 -48.13 5.41 -8.05
CA GLN C 10 -47.41 6.51 -7.44
C GLN C 10 -45.93 6.47 -7.75
N ALA C 11 -45.36 5.28 -7.88
CA ALA C 11 -43.94 5.19 -8.18
C ALA C 11 -43.58 5.89 -9.49
N ASN C 12 -44.49 5.83 -10.50
CA ASN C 12 -44.18 6.46 -11.79
C ASN C 12 -43.95 7.95 -11.65
N ASP C 13 -44.47 8.58 -10.60
CA ASP C 13 -44.33 10.01 -10.35
C ASP C 13 -43.05 10.37 -9.59
N LEU C 14 -42.30 9.38 -9.09
CA LEU C 14 -41.10 9.66 -8.31
C LEU C 14 -40.01 10.32 -9.15
N ARG C 15 -39.59 11.51 -8.73
CA ARG C 15 -38.35 12.15 -9.18
C ARG C 15 -37.43 12.26 -7.97
N ILE C 16 -36.40 11.39 -7.91
CA ILE C 16 -35.62 11.10 -6.71
C ILE C 16 -34.25 11.77 -6.80
N TYR C 17 -33.86 12.46 -5.74
CA TYR C 17 -32.54 13.06 -5.61
C TYR C 17 -31.71 12.20 -4.67
N GLN C 18 -30.61 11.62 -5.16
CA GLN C 18 -29.75 10.81 -4.31
C GLN C 18 -28.65 11.66 -3.69
N VAL C 19 -28.44 11.52 -2.37
CA VAL C 19 -27.30 12.11 -1.68
C VAL C 19 -26.48 11.01 -1.04
N MET C 20 -25.16 11.12 -1.17
CA MET C 20 -24.23 10.31 -0.39
C MET C 20 -23.91 11.10 0.87
N VAL C 21 -24.32 10.57 2.02
CA VAL C 21 -24.40 11.40 3.22
C VAL C 21 -23.05 12.02 3.57
N GLU C 22 -21.99 11.20 3.62
CA GLU C 22 -20.71 11.70 4.12
C GLU C 22 -20.05 12.71 3.19
N SER C 23 -20.35 12.66 1.89
CA SER C 23 -19.74 13.59 0.94
C SER C 23 -20.68 14.71 0.55
N PHE C 24 -21.86 14.79 1.16
CA PHE C 24 -22.82 15.76 0.67
C PHE C 24 -22.50 17.13 1.26
N VAL C 25 -23.20 17.56 2.30
CA VAL C 25 -23.04 18.89 2.87
C VAL C 25 -22.62 18.75 4.32
N ASN C 26 -21.48 19.38 4.67
CA ASN C 26 -21.06 19.46 6.06
C ASN C 26 -21.91 20.46 6.84
N GLY C 27 -23.04 20.02 7.40
CA GLY C 27 -23.93 20.95 8.10
C GLY C 27 -23.39 21.38 9.45
N ASP C 28 -23.00 20.42 10.28
CA ASP C 28 -22.49 20.68 11.63
C ASP C 28 -21.00 20.35 11.65
N ASP C 29 -20.16 21.38 11.50
CA ASP C 29 -18.72 21.18 11.47
C ASP C 29 -18.16 20.53 12.73
N ALA C 30 -18.95 20.44 13.80
CA ALA C 30 -18.48 19.73 14.99
C ALA C 30 -18.48 18.22 14.82
N ILE C 31 -19.25 17.66 13.87
CA ILE C 31 -19.30 16.19 13.72
C ILE C 31 -18.88 15.78 12.31
N GLY C 32 -18.84 14.47 12.06
CA GLY C 32 -18.45 13.96 10.76
C GLY C 32 -17.32 12.96 10.81
N HIS C 33 -17.22 12.08 9.80
CA HIS C 33 -16.21 11.03 9.86
C HIS C 33 -14.79 11.59 9.70
N GLY C 34 -14.59 12.54 8.79
CA GLY C 34 -13.28 13.07 8.53
C GLY C 34 -12.39 12.26 7.61
N THR C 35 -12.76 11.01 7.33
CA THR C 35 -12.07 10.20 6.33
C THR C 35 -13.13 9.43 5.58
N GLY C 36 -12.76 8.86 4.43
CA GLY C 36 -13.69 8.06 3.66
C GLY C 36 -13.08 7.63 2.33
N TYR C 37 -13.93 7.12 1.46
CA TYR C 37 -13.56 6.84 0.09
C TYR C 37 -14.13 7.94 -0.80
N GLY C 38 -13.25 8.68 -1.45
CA GLY C 38 -13.59 9.89 -2.15
C GLY C 38 -12.65 11.02 -1.76
N THR C 39 -12.86 12.17 -2.40
CA THR C 39 -12.04 13.35 -2.19
C THR C 39 -12.79 14.46 -1.46
N SER C 40 -13.94 14.15 -0.86
CA SER C 40 -14.75 15.18 -0.23
C SER C 40 -14.20 15.52 1.15
N HIS C 41 -14.85 16.47 1.82
CA HIS C 41 -14.52 16.81 3.19
C HIS C 41 -14.77 15.64 4.15
N HIS C 42 -15.56 14.66 3.74
CA HIS C 42 -15.91 13.50 4.57
C HIS C 42 -16.61 13.92 5.86
N LYS C 43 -17.27 15.07 5.88
CA LYS C 43 -17.94 15.52 7.09
C LYS C 43 -19.41 15.79 6.88
N GLY C 44 -20.00 15.34 5.77
CA GLY C 44 -21.42 15.55 5.57
C GLY C 44 -22.24 14.83 6.62
N ASP C 45 -23.34 15.46 7.04
CA ASP C 45 -24.13 14.98 8.17
C ASP C 45 -25.60 15.24 7.88
N LEU C 46 -26.44 14.90 8.85
CA LEU C 46 -27.87 15.07 8.64
C LEU C 46 -28.27 16.54 8.61
N GLN C 47 -27.57 17.40 9.35
CA GLN C 47 -27.85 18.83 9.31
C GLN C 47 -27.64 19.40 7.91
N GLY C 48 -26.60 18.93 7.22
CA GLY C 48 -26.39 19.33 5.84
C GLY C 48 -27.59 19.07 4.95
N ILE C 49 -28.18 17.87 5.07
CA ILE C 49 -29.32 17.52 4.23
C ILE C 49 -30.53 18.40 4.58
N ILE C 50 -30.82 18.51 5.89
CA ILE C 50 -31.88 19.39 6.36
C ILE C 50 -31.75 20.78 5.75
N ASP C 51 -30.52 21.31 5.71
CA ASP C 51 -30.30 22.63 5.13
C ASP C 51 -30.51 22.68 3.62
N SER C 52 -30.46 21.55 2.92
CA SER C 52 -30.57 21.56 1.47
C SER C 52 -31.96 21.23 0.97
N LEU C 53 -32.90 20.88 1.84
CA LEU C 53 -34.19 20.36 1.37
C LEU C 53 -34.90 21.36 0.47
N ASP C 54 -34.76 22.65 0.74
CA ASP C 54 -35.44 23.66 -0.09
C ASP C 54 -34.83 23.72 -1.47
N TYR C 55 -33.52 23.55 -1.57
CA TYR C 55 -32.86 23.47 -2.87
C TYR C 55 -33.36 22.27 -3.64
N ILE C 56 -33.26 21.09 -3.04
CA ILE C 56 -33.78 19.86 -3.63
C ILE C 56 -35.20 20.04 -4.12
N GLU C 57 -36.05 20.68 -3.32
CA GLU C 57 -37.43 20.90 -3.72
C GLU C 57 -37.53 21.83 -4.93
N SER C 58 -36.81 22.95 -4.90
CA SER C 58 -36.82 23.87 -6.03
C SER C 58 -36.33 23.22 -7.32
N LEU C 59 -35.58 22.14 -7.24
CA LEU C 59 -35.18 21.43 -8.45
C LEU C 59 -36.34 20.77 -9.15
N GLY C 60 -37.44 20.51 -8.46
CA GLY C 60 -38.53 19.75 -9.02
C GLY C 60 -38.59 18.32 -8.51
N MET C 61 -37.61 17.89 -7.71
CA MET C 61 -37.65 16.56 -7.17
C MET C 61 -38.78 16.46 -6.16
N ASN C 62 -39.31 15.25 -5.97
CA ASN C 62 -40.31 15.00 -4.96
C ASN C 62 -39.87 13.89 -4.01
N ALA C 63 -38.59 13.54 -3.99
CA ALA C 63 -38.17 12.47 -3.11
C ALA C 63 -36.66 12.54 -2.96
N ILE C 64 -36.18 12.16 -1.78
CA ILE C 64 -34.74 12.05 -1.53
C ILE C 64 -34.45 10.62 -1.11
N TRP C 65 -33.32 10.11 -1.58
CA TRP C 65 -32.79 8.82 -1.15
C TRP C 65 -31.44 9.10 -0.51
N LEU C 66 -31.30 8.67 0.74
CA LEU C 66 -30.08 8.81 1.52
C LEU C 66 -29.34 7.48 1.56
N THR C 67 -28.04 7.50 1.33
CA THR C 67 -27.25 6.30 1.57
C THR C 67 -27.32 5.95 3.07
N PRO C 68 -26.85 4.78 3.51
CA PRO C 68 -27.11 4.34 4.89
C PRO C 68 -26.65 5.33 5.97
N ILE C 69 -27.50 5.53 6.97
CA ILE C 69 -27.20 6.43 8.08
C ILE C 69 -27.17 5.69 9.42
N PHE C 70 -27.11 4.37 9.38
CA PHE C 70 -27.08 3.58 10.61
C PHE C 70 -25.67 3.47 11.13
N ASP C 71 -25.54 3.01 12.36
CA ASP C 71 -24.34 3.22 13.16
C ASP C 71 -23.32 2.12 12.84
N SER C 72 -22.23 2.48 12.16
CA SER C 72 -21.10 1.58 11.96
C SER C 72 -20.07 1.85 13.05
N ILE C 73 -20.12 1.02 14.09
CA ILE C 73 -19.36 1.29 15.32
C ILE C 73 -17.91 0.87 15.11
N PRO C 74 -16.95 1.74 15.39
CA PRO C 74 -15.53 1.36 15.25
C PRO C 74 -15.12 0.33 16.29
N VAL C 75 -14.17 -0.49 15.88
CA VAL C 75 -13.58 -1.51 16.74
C VAL C 75 -12.16 -1.06 17.10
N GLU C 76 -11.78 -1.29 18.35
CA GLU C 76 -10.43 -0.97 18.82
C GLU C 76 -9.40 -1.63 17.92
N GLY C 77 -8.51 -0.83 17.34
CA GLY C 77 -7.43 -1.36 16.53
C GLY C 77 -7.74 -1.54 15.06
N GLN C 78 -8.97 -1.28 14.63
CA GLN C 78 -9.32 -1.41 13.22
C GLN C 78 -8.43 -0.48 12.39
N ASP C 79 -8.14 -0.90 11.16
CA ASP C 79 -7.19 -0.16 10.33
C ASP C 79 -7.89 1.02 9.64
N HIS C 80 -7.10 1.82 8.92
CA HIS C 80 -7.66 3.00 8.27
C HIS C 80 -8.68 2.63 7.20
N TRP C 81 -8.53 1.45 6.59
CA TRP C 81 -9.52 0.99 5.62
C TRP C 81 -10.89 0.87 6.27
N ALA C 82 -10.95 0.37 7.50
CA ALA C 82 -12.23 0.21 8.17
C ALA C 82 -12.82 1.55 8.57
N ASP C 83 -11.98 2.51 8.95
CA ASP C 83 -12.48 3.86 9.21
C ASP C 83 -13.14 4.43 7.96
N ARG C 84 -12.54 4.19 6.79
CA ARG C 84 -13.14 4.69 5.54
C ARG C 84 -14.46 4.00 5.27
N LEU C 85 -14.46 2.67 5.34
CA LEU C 85 -15.69 1.93 5.12
C LEU C 85 -16.80 2.39 6.06
N ASP C 86 -16.45 2.69 7.33
CA ASP C 86 -17.45 3.14 8.29
C ASP C 86 -18.16 4.42 7.82
N ALA C 87 -17.44 5.29 7.11
CA ALA C 87 -18.05 6.52 6.60
C ALA C 87 -19.08 6.29 5.51
N THR C 88 -19.04 5.14 4.81
CA THR C 88 -20.00 4.90 3.73
C THR C 88 -21.36 4.44 4.23
N GLY C 89 -21.43 3.78 5.39
CA GLY C 89 -22.68 3.23 5.86
C GLY C 89 -22.99 1.81 5.41
N TYR C 90 -22.28 1.28 4.41
CA TYR C 90 -22.68 0.01 3.81
C TYR C 90 -22.25 -1.22 4.60
N PHE C 91 -21.44 -1.09 5.65
CA PHE C 91 -21.06 -2.22 6.51
C PHE C 91 -21.33 -1.83 7.94
N THR C 92 -22.58 -1.95 8.37
CA THR C 92 -23.03 -1.28 9.58
C THR C 92 -23.07 -2.24 10.76
N SER C 93 -23.19 -1.64 11.95
CA SER C 93 -23.19 -2.37 13.20
C SER C 93 -24.56 -2.39 13.85
N ASN C 94 -25.22 -1.24 13.95
CA ASN C 94 -26.51 -1.15 14.63
C ASN C 94 -27.54 -0.52 13.70
N TYR C 95 -28.33 -1.38 13.04
CA TYR C 95 -29.38 -0.96 12.14
C TYR C 95 -30.45 -0.11 12.82
N PHE C 96 -30.52 -0.12 14.14
CA PHE C 96 -31.60 0.55 14.85
C PHE C 96 -31.13 1.82 15.53
N ALA C 97 -30.03 2.40 15.07
CA ALA C 97 -29.51 3.65 15.63
C ALA C 97 -28.88 4.45 14.50
N VAL C 98 -28.91 5.76 14.65
CA VAL C 98 -28.24 6.66 13.72
C VAL C 98 -26.77 6.75 14.07
N ASP C 99 -25.91 6.79 13.06
CA ASP C 99 -24.48 7.00 13.26
C ASP C 99 -24.23 8.39 13.85
N PRO C 100 -23.60 8.50 15.02
CA PRO C 100 -23.39 9.84 15.61
C PRO C 100 -22.48 10.74 14.78
N ARG C 101 -21.78 10.21 13.77
CA ARG C 101 -21.05 11.04 12.83
C ARG C 101 -21.95 11.72 11.80
N PHE C 102 -23.22 11.32 11.73
CA PHE C 102 -24.21 12.01 10.91
C PHE C 102 -25.21 12.82 11.72
N GLY C 103 -25.45 12.46 12.97
CA GLY C 103 -26.43 13.16 13.77
C GLY C 103 -27.09 12.22 14.75
N THR C 104 -28.24 12.64 15.22
CA THR C 104 -28.98 11.91 16.26
C THR C 104 -30.28 11.38 15.69
N MET C 105 -30.92 10.49 16.47
CA MET C 105 -32.25 10.01 16.12
C MET C 105 -33.23 11.16 15.95
N GLU C 106 -33.11 12.20 16.80
CA GLU C 106 -34.02 13.33 16.72
C GLU C 106 -33.77 14.13 15.45
N GLN C 107 -32.51 14.29 15.06
CA GLN C 107 -32.23 14.98 13.80
C GLN C 107 -32.70 14.16 12.60
N ALA C 108 -32.65 12.83 12.69
CA ALA C 108 -33.21 12.01 11.63
C ALA C 108 -34.72 12.16 11.57
N LYS C 109 -35.39 12.12 12.72
CA LYS C 109 -36.83 12.31 12.75
C LYS C 109 -37.21 13.73 12.35
N GLU C 110 -36.35 14.72 12.65
CA GLU C 110 -36.56 16.06 12.13
C GLU C 110 -36.44 16.08 10.61
N LEU C 111 -35.44 15.36 10.09
CA LEU C 111 -35.20 15.36 8.65
C LEU C 111 -36.42 14.80 7.90
N VAL C 112 -36.96 13.67 8.36
CA VAL C 112 -38.07 13.07 7.64
C VAL C 112 -39.30 13.98 7.71
N GLU C 113 -39.47 14.72 8.81
CA GLU C 113 -40.61 15.60 8.96
C GLU C 113 -40.54 16.79 8.00
N LYS C 114 -39.43 17.56 8.05
CA LYS C 114 -39.30 18.72 7.17
C LYS C 114 -39.36 18.34 5.71
N ALA C 115 -38.85 17.16 5.36
CA ALA C 115 -39.00 16.68 3.99
C ALA C 115 -40.47 16.50 3.63
N HIS C 116 -41.25 15.93 4.54
CA HIS C 116 -42.67 15.75 4.27
C HIS C 116 -43.40 17.09 4.17
N GLU C 117 -43.08 18.05 5.05
CA GLU C 117 -43.69 19.38 4.96
C GLU C 117 -43.37 20.03 3.63
N LYS C 118 -42.16 19.82 3.12
CA LYS C 118 -41.71 20.47 1.92
C LYS C 118 -42.07 19.70 0.66
N GLY C 119 -42.74 18.54 0.79
CA GLY C 119 -43.19 17.78 -0.35
C GLY C 119 -42.27 16.67 -0.82
N LEU C 120 -41.32 16.27 0.00
CA LEU C 120 -40.35 15.25 -0.39
C LEU C 120 -40.69 13.93 0.29
N TYR C 121 -40.76 12.86 -0.50
CA TYR C 121 -40.66 11.53 0.09
C TYR C 121 -39.23 11.28 0.55
N VAL C 122 -39.05 10.33 1.47
CA VAL C 122 -37.72 10.02 1.98
C VAL C 122 -37.52 8.51 1.93
N PHE C 123 -36.43 8.09 1.28
CA PHE C 123 -36.07 6.68 1.15
C PHE C 123 -34.74 6.42 1.83
N PHE C 124 -34.64 5.27 2.50
CA PHE C 124 -33.39 4.85 3.14
C PHE C 124 -32.74 3.73 2.34
N ASP C 125 -31.50 3.47 2.70
CA ASP C 125 -30.68 2.48 2.04
C ASP C 125 -30.61 1.27 2.96
N GLY C 126 -31.11 0.13 2.47
CA GLY C 126 -31.17 -1.09 3.25
C GLY C 126 -30.22 -2.16 2.74
N VAL C 127 -29.20 -2.44 3.54
CA VAL C 127 -28.19 -3.42 3.19
C VAL C 127 -28.54 -4.68 3.97
N PHE C 128 -29.35 -5.55 3.36
CA PHE C 128 -29.87 -6.72 4.05
C PHE C 128 -29.09 -8.00 3.74
N GLY C 129 -27.95 -7.92 3.06
CA GLY C 129 -27.20 -9.10 2.73
C GLY C 129 -25.88 -9.19 3.46
N HIS C 130 -25.39 -8.06 4.00
CA HIS C 130 -24.13 -8.04 4.72
C HIS C 130 -24.14 -6.97 5.81
N HIS C 131 -23.18 -7.10 6.73
CA HIS C 131 -22.98 -6.19 7.84
C HIS C 131 -21.54 -6.28 8.31
N LYS C 132 -21.16 -5.37 9.20
CA LYS C 132 -19.89 -5.43 9.91
C LYS C 132 -19.88 -6.58 10.92
N ASP C 133 -18.68 -7.00 11.34
CA ASP C 133 -18.56 -8.15 12.23
C ASP C 133 -19.22 -7.93 13.59
N ASN C 134 -19.26 -6.69 14.08
CA ASN C 134 -19.74 -6.41 15.44
C ASN C 134 -21.21 -6.01 15.45
N VAL C 135 -22.08 -6.78 14.80
CA VAL C 135 -23.47 -6.35 14.66
C VAL C 135 -24.18 -6.38 16.01
N VAL C 136 -25.05 -5.42 16.23
CA VAL C 136 -25.75 -5.20 17.50
C VAL C 136 -27.11 -5.88 17.44
N PRO C 137 -27.56 -6.56 18.51
CA PRO C 137 -28.88 -7.21 18.45
C PRO C 137 -29.99 -6.18 18.36
N SER C 138 -31.12 -6.63 17.82
CA SER C 138 -32.24 -5.78 17.55
C SER C 138 -32.99 -5.47 18.85
N PRO C 139 -33.83 -4.44 18.86
CA PRO C 139 -34.71 -4.21 20.04
C PRO C 139 -35.37 -5.48 20.54
N GLU C 140 -35.94 -6.26 19.64
CA GLU C 140 -36.58 -7.50 20.05
C GLU C 140 -35.59 -8.64 20.20
N GLY C 141 -34.30 -8.34 20.26
CA GLY C 141 -33.30 -9.33 20.59
C GLY C 141 -32.84 -10.23 19.47
N ARG C 142 -33.10 -9.88 18.21
CA ARG C 142 -32.66 -10.73 17.11
C ARG C 142 -31.30 -10.26 16.59
N LEU C 143 -30.60 -11.19 15.92
CA LEU C 143 -29.34 -11.00 15.21
C LEU C 143 -29.43 -11.67 13.85
N PRO C 144 -28.74 -11.13 12.84
CA PRO C 144 -28.56 -11.90 11.60
C PRO C 144 -27.75 -13.16 11.88
N VAL C 145 -27.85 -14.12 10.97
CA VAL C 145 -27.24 -15.43 11.14
C VAL C 145 -26.38 -15.72 9.93
N GLY C 146 -25.26 -16.34 10.16
CA GLY C 146 -24.38 -16.77 9.10
C GLY C 146 -23.10 -15.94 9.06
N GLU C 147 -22.41 -16.06 7.94
CA GLU C 147 -21.27 -15.22 7.64
C GLU C 147 -21.68 -13.74 7.61
N ASN C 148 -20.69 -12.87 7.82
CA ASN C 148 -20.95 -11.43 7.75
C ASN C 148 -21.32 -11.00 6.33
N ASN C 149 -20.80 -11.68 5.32
CA ASN C 149 -21.04 -11.28 3.94
C ASN C 149 -20.87 -12.44 2.97
N PRO C 150 -21.98 -12.99 2.45
CA PRO C 150 -23.39 -12.64 2.69
C PRO C 150 -24.00 -13.38 3.86
N VAL C 151 -25.08 -12.85 4.45
CA VAL C 151 -25.73 -13.55 5.57
C VAL C 151 -26.51 -14.73 4.99
N SER C 152 -27.04 -15.58 5.88
CA SER C 152 -27.86 -16.72 5.49
C SER C 152 -29.34 -16.36 5.58
N TYR C 153 -30.08 -16.74 4.55
CA TYR C 153 -31.53 -16.72 4.60
C TYR C 153 -31.98 -18.18 4.44
N PRO C 154 -33.09 -18.55 5.07
CA PRO C 154 -34.00 -17.66 5.79
C PRO C 154 -33.64 -17.44 7.27
N GLU C 155 -32.50 -17.97 7.73
CA GLU C 155 -32.11 -17.77 9.12
C GLU C 155 -32.17 -16.30 9.52
N SER C 156 -31.76 -15.38 8.63
CA SER C 156 -31.69 -13.96 8.97
C SER C 156 -32.96 -13.18 8.64
N LEU C 157 -34.01 -13.84 8.15
CA LEU C 157 -35.17 -13.13 7.63
C LEU C 157 -35.87 -12.30 8.71
N ALA C 158 -36.07 -12.85 9.91
CA ALA C 158 -36.78 -12.10 10.93
C ALA C 158 -36.02 -10.82 11.30
N PHE C 159 -34.70 -10.90 11.37
CA PHE C 159 -33.91 -9.72 11.71
C PHE C 159 -34.14 -8.59 10.71
N TYR C 160 -34.04 -8.89 9.42
CA TYR C 160 -34.11 -7.80 8.45
C TYR C 160 -35.54 -7.31 8.27
N GLN C 161 -36.54 -8.17 8.48
CA GLN C 161 -37.92 -7.70 8.53
C GLN C 161 -38.11 -6.73 9.68
N GLU C 162 -37.45 -7.01 10.82
CA GLU C 162 -37.51 -6.07 11.93
C GLU C 162 -36.84 -4.74 11.57
N VAL C 163 -35.69 -4.79 10.85
CA VAL C 163 -35.04 -3.56 10.42
C VAL C 163 -35.91 -2.78 9.44
N ALA C 164 -36.50 -3.48 8.47
CA ALA C 164 -37.20 -2.76 7.42
C ALA C 164 -38.47 -2.09 7.95
N THR C 165 -39.10 -2.68 8.97
CA THR C 165 -40.33 -2.09 9.48
C THR C 165 -40.07 -1.06 10.57
N PHE C 166 -38.97 -1.22 11.32
CA PHE C 166 -38.63 -0.32 12.42
C PHE C 166 -38.61 1.14 11.99
N TRP C 167 -37.93 1.44 10.89
CA TRP C 167 -37.76 2.84 10.49
C TRP C 167 -39.01 3.41 9.84
N ILE C 168 -39.79 2.56 9.19
CA ILE C 168 -41.11 2.99 8.71
C ILE C 168 -41.99 3.37 9.91
N GLU C 169 -41.98 2.56 10.96
CA GLU C 169 -42.87 2.82 12.09
C GLU C 169 -42.38 3.99 12.95
N GLU C 170 -41.06 4.10 13.15
CA GLU C 170 -40.53 5.16 14.00
C GLU C 170 -40.43 6.50 13.28
N LEU C 171 -40.03 6.50 12.01
CA LEU C 171 -39.78 7.74 11.28
C LEU C 171 -40.70 7.98 10.10
N LYS C 172 -41.52 7.00 9.72
CA LYS C 172 -42.38 7.11 8.53
C LYS C 172 -41.57 7.34 7.27
N ILE C 173 -40.42 6.67 7.13
CA ILE C 173 -39.74 6.70 5.83
C ILE C 173 -40.66 6.06 4.83
N ASP C 174 -40.58 6.54 3.59
CA ASP C 174 -41.49 6.10 2.54
C ASP C 174 -41.00 4.87 1.79
N GLY C 175 -39.81 4.36 2.10
CA GLY C 175 -39.39 3.10 1.51
C GLY C 175 -37.90 2.90 1.58
N TRP C 176 -37.44 1.93 0.80
CA TRP C 176 -36.07 1.46 0.85
C TRP C 176 -35.50 1.33 -0.55
N ARG C 177 -34.24 1.73 -0.68
CA ARG C 177 -33.38 1.26 -1.74
C ARG C 177 -32.66 0.03 -1.20
N LEU C 178 -32.65 -1.07 -1.98
CA LEU C 178 -32.17 -2.35 -1.48
C LEU C 178 -30.79 -2.66 -2.07
N ASP C 179 -29.80 -2.71 -1.21
CA ASP C 179 -28.41 -2.82 -1.63
C ASP C 179 -28.07 -4.25 -2.03
N GLN C 180 -27.37 -4.40 -3.16
CA GLN C 180 -26.92 -5.70 -3.72
C GLN C 180 -27.98 -6.78 -3.53
N ALA C 181 -29.17 -6.48 -4.04
CA ALA C 181 -30.36 -7.24 -3.67
C ALA C 181 -30.28 -8.71 -4.07
N TYR C 182 -29.40 -9.07 -5.01
CA TYR C 182 -29.21 -10.48 -5.38
C TYR C 182 -28.64 -11.31 -4.25
N GLN C 183 -28.13 -10.71 -3.17
CA GLN C 183 -27.63 -11.49 -2.05
C GLN C 183 -28.76 -12.09 -1.23
N VAL C 184 -29.95 -11.49 -1.30
CA VAL C 184 -31.13 -11.98 -0.61
C VAL C 184 -31.94 -12.79 -1.61
N PRO C 185 -32.39 -14.00 -1.27
CA PRO C 185 -33.19 -14.78 -2.22
C PRO C 185 -34.52 -14.10 -2.50
N THR C 186 -35.09 -14.43 -3.68
CA THR C 186 -36.34 -13.81 -4.07
C THR C 186 -37.48 -14.20 -3.13
N GLU C 187 -37.49 -15.43 -2.62
CA GLU C 187 -38.53 -15.78 -1.64
C GLU C 187 -38.43 -14.89 -0.42
N ALA C 188 -37.23 -14.51 -0.01
CA ALA C 188 -37.10 -13.62 1.13
C ALA C 188 -37.55 -12.20 0.80
N TRP C 189 -37.35 -11.75 -0.45
CA TRP C 189 -37.78 -10.39 -0.79
C TRP C 189 -39.30 -10.26 -0.74
N THR C 190 -40.02 -11.30 -1.15
CA THR C 190 -41.47 -11.28 -1.03
C THR C 190 -41.88 -11.14 0.43
N ALA C 191 -41.22 -11.88 1.33
CA ALA C 191 -41.54 -11.79 2.74
C ALA C 191 -41.24 -10.39 3.28
N ILE C 192 -40.11 -9.80 2.88
CA ILE C 192 -39.75 -8.47 3.35
C ILE C 192 -40.66 -7.41 2.75
N ARG C 193 -41.07 -7.58 1.49
CA ARG C 193 -42.01 -6.64 0.90
C ARG C 193 -43.35 -6.69 1.63
N ALA C 194 -43.77 -7.87 2.06
CA ALA C 194 -44.97 -7.99 2.86
C ALA C 194 -44.84 -7.19 4.15
N SER C 195 -43.75 -7.39 4.88
CA SER C 195 -43.51 -6.61 6.09
C SER C 195 -43.57 -5.12 5.81
N VAL C 196 -43.02 -4.69 4.66
CA VAL C 196 -42.91 -3.26 4.35
C VAL C 196 -44.27 -2.68 4.01
N ASP C 197 -45.05 -3.40 3.18
CA ASP C 197 -46.44 -3.04 2.94
C ASP C 197 -47.23 -2.95 4.24
N GLU C 198 -47.15 -3.99 5.06
CA GLU C 198 -47.93 -4.02 6.29
C GLU C 198 -47.58 -2.85 7.22
N ALA C 199 -46.28 -2.60 7.42
CA ALA C 199 -45.89 -1.52 8.33
C ALA C 199 -46.23 -0.15 7.76
N SER C 200 -46.23 -0.02 6.44
CA SER C 200 -46.56 1.26 5.83
C SER C 200 -48.04 1.60 5.96
N LYS C 201 -48.91 0.59 5.93
CA LYS C 201 -50.34 0.82 6.09
C LYS C 201 -50.73 1.09 7.53
N SER C 202 -49.80 0.99 8.47
CA SER C 202 -50.13 1.06 9.88
C SER C 202 -49.73 2.37 10.53
N VAL C 203 -49.03 3.26 9.82
CA VAL C 203 -48.74 4.60 10.31
C VAL C 203 -49.19 5.61 9.25
N THR C 204 -49.35 6.85 9.68
CA THR C 204 -49.70 7.93 8.76
C THR C 204 -48.89 9.17 9.11
N TYR C 205 -48.93 10.12 8.19
CA TYR C 205 -48.38 11.43 8.45
C TYR C 205 -49.11 12.42 7.57
N VAL C 206 -48.91 13.69 7.86
CA VAL C 206 -49.58 14.76 7.12
C VAL C 206 -48.64 15.20 6.02
N ASN C 207 -49.09 15.10 4.78
CA ASN C 207 -48.23 15.43 3.65
C ASN C 207 -48.20 16.94 3.45
N SER C 208 -47.55 17.39 2.37
CA SER C 208 -47.40 18.82 2.11
C SER C 208 -48.71 19.49 1.74
N LYS C 209 -49.79 18.73 1.56
CA LYS C 209 -51.10 19.30 1.26
C LYS C 209 -52.09 19.08 2.39
N GLY C 210 -51.59 18.83 3.60
CA GLY C 210 -52.48 18.63 4.72
C GLY C 210 -53.32 17.39 4.68
N GLU C 211 -53.03 16.44 3.79
CA GLU C 211 -53.69 15.15 3.81
C GLU C 211 -52.92 14.19 4.70
N ALA C 212 -53.66 13.26 5.32
CA ALA C 212 -53.07 12.18 6.10
C ALA C 212 -52.87 11.00 5.16
N VAL C 213 -51.60 10.66 4.88
CA VAL C 213 -51.26 9.64 3.90
C VAL C 213 -50.55 8.49 4.60
N ASN C 214 -50.54 7.37 3.94
CA ASN C 214 -49.61 6.37 4.47
C ASN C 214 -48.25 6.51 3.79
N PRO C 215 -47.17 6.09 4.44
CA PRO C 215 -45.89 6.02 3.74
C PRO C 215 -46.00 5.11 2.53
N LEU C 216 -45.20 5.41 1.50
CA LEU C 216 -45.37 4.75 0.21
C LEU C 216 -45.10 3.25 0.28
N GLY C 217 -44.06 2.85 1.02
CA GLY C 217 -43.61 1.48 0.96
C GLY C 217 -42.92 1.14 -0.35
N TYR C 218 -42.31 2.14 -0.98
CA TYR C 218 -41.61 1.90 -2.21
C TYR C 218 -40.32 1.12 -1.95
N MET C 219 -40.06 0.12 -2.77
CA MET C 219 -38.82 -0.64 -2.69
C MET C 219 -38.19 -0.68 -4.06
N VAL C 220 -36.90 -0.37 -4.15
CA VAL C 220 -36.17 -0.47 -5.41
C VAL C 220 -34.87 -1.24 -5.20
N ALA C 221 -34.65 -2.26 -6.02
CA ALA C 221 -33.49 -3.15 -5.91
C ALA C 221 -32.30 -2.60 -6.69
N GLN C 222 -31.11 -2.74 -6.11
CA GLN C 222 -29.85 -2.43 -6.81
C GLN C 222 -29.21 -3.74 -7.25
N ILE C 223 -29.33 -4.04 -8.54
CA ILE C 223 -28.72 -5.22 -9.13
C ILE C 223 -27.92 -4.74 -10.32
N TRP C 224 -26.62 -4.61 -10.14
CA TRP C 224 -25.76 -3.98 -11.14
C TRP C 224 -25.35 -5.05 -12.14
N ASN C 225 -26.18 -5.25 -13.17
CA ASN C 225 -26.07 -6.38 -14.09
C ASN C 225 -27.07 -6.11 -15.23
N ASN C 226 -27.18 -7.07 -16.16
CA ASN C 226 -28.07 -6.87 -17.29
C ASN C 226 -29.49 -7.37 -17.00
N GLU C 227 -30.38 -7.19 -18.00
CA GLU C 227 -31.81 -7.41 -17.82
C GLU C 227 -32.11 -8.82 -17.30
N ASN C 228 -31.44 -9.83 -17.85
CA ASN C 228 -31.76 -11.19 -17.46
C ASN C 228 -31.45 -11.44 -15.99
N TYR C 229 -30.35 -10.86 -15.49
CA TYR C 229 -29.99 -11.08 -14.10
C TYR C 229 -30.83 -10.19 -13.18
N ILE C 230 -31.22 -9.00 -13.64
CA ILE C 230 -32.21 -8.22 -12.88
C ILE C 230 -33.52 -9.00 -12.78
N LYS C 231 -33.91 -9.71 -13.84
CA LYS C 231 -35.12 -10.52 -13.76
C LYS C 231 -34.95 -11.68 -12.79
N GLU C 232 -33.90 -12.48 -12.99
CA GLU C 232 -33.73 -13.71 -12.23
C GLU C 232 -33.60 -13.45 -10.73
N THR C 233 -32.90 -12.39 -10.34
CA THR C 233 -32.57 -12.16 -8.94
C THR C 233 -33.38 -11.02 -8.31
N GLY C 234 -34.17 -10.29 -9.09
CA GLY C 234 -34.91 -9.17 -8.52
C GLY C 234 -36.41 -9.21 -8.76
N TYR C 235 -36.82 -9.20 -10.03
CA TYR C 235 -38.24 -9.18 -10.36
C TYR C 235 -38.91 -10.54 -10.13
N GLY C 236 -38.19 -11.66 -10.32
CA GLY C 236 -38.83 -12.96 -10.34
C GLY C 236 -39.59 -13.19 -11.66
N ALA C 237 -40.23 -14.34 -11.77
CA ALA C 237 -40.87 -14.64 -13.04
C ALA C 237 -42.27 -14.06 -13.10
N GLU C 238 -42.86 -14.09 -14.31
CA GLU C 238 -44.20 -13.57 -14.50
C GLU C 238 -45.18 -14.30 -13.60
N GLY C 239 -46.11 -13.55 -13.02
CA GLY C 239 -47.08 -14.14 -12.10
C GLY C 239 -46.57 -14.51 -10.72
N GLU C 240 -45.28 -14.35 -10.42
CA GLU C 240 -44.71 -14.66 -9.11
C GLU C 240 -43.71 -13.57 -8.71
N PRO C 241 -44.19 -12.37 -8.42
CA PRO C 241 -43.29 -11.22 -8.25
C PRO C 241 -42.50 -11.28 -6.95
N ALA C 242 -41.20 -10.99 -7.06
CA ALA C 242 -40.32 -10.84 -5.91
C ALA C 242 -40.25 -9.37 -5.50
N LEU C 243 -39.47 -8.57 -6.23
CA LEU C 243 -39.53 -7.13 -6.09
C LEU C 243 -40.16 -6.53 -7.34
N CYS C 244 -40.67 -5.31 -7.19
CA CYS C 244 -41.39 -4.63 -8.26
C CYS C 244 -40.55 -3.59 -8.98
N SER C 245 -39.62 -2.94 -8.28
CA SER C 245 -38.83 -1.89 -8.90
C SER C 245 -37.34 -2.22 -8.75
N ALA C 246 -36.58 -1.92 -9.79
CA ALA C 246 -35.14 -2.12 -9.77
C ALA C 246 -34.52 -1.02 -10.63
N PHE C 247 -33.26 -0.71 -10.35
CA PHE C 247 -32.60 0.35 -11.11
C PHE C 247 -32.32 -0.14 -12.52
N ASP C 248 -32.49 0.76 -13.48
CA ASP C 248 -32.33 0.42 -14.90
C ASP C 248 -30.89 0.66 -15.34
N PHE C 249 -29.98 -0.14 -14.78
CA PHE C 249 -28.59 -0.13 -15.23
C PHE C 249 -28.43 -0.29 -16.74
N PRO C 250 -29.14 -1.21 -17.41
CA PRO C 250 -28.93 -1.36 -18.86
C PRO C 250 -29.27 -0.13 -19.67
N VAL C 251 -30.40 0.56 -19.40
CA VAL C 251 -30.68 1.79 -20.14
C VAL C 251 -29.70 2.90 -19.72
N ARG C 252 -29.33 2.95 -18.44
CA ARG C 252 -28.33 3.94 -18.00
C ARG C 252 -27.10 3.86 -18.87
N TYR C 253 -26.59 2.64 -19.10
CA TYR C 253 -25.40 2.49 -19.92
C TYR C 253 -25.65 2.90 -21.38
N ARG C 254 -26.83 2.60 -21.92
CA ARG C 254 -27.15 3.06 -23.27
C ARG C 254 -27.15 4.57 -23.34
N VAL C 255 -27.69 5.24 -22.31
CA VAL C 255 -27.73 6.70 -22.33
C VAL C 255 -26.32 7.28 -22.36
N VAL C 256 -25.46 6.87 -21.42
CA VAL C 256 -24.13 7.49 -21.42
C VAL C 256 -23.27 6.95 -22.56
N GLU C 257 -23.61 5.81 -23.16
CA GLU C 257 -22.84 5.40 -24.32
C GLU C 257 -23.26 6.16 -25.57
N THR C 258 -24.43 6.79 -25.52
CA THR C 258 -24.90 7.62 -26.62
C THR C 258 -24.43 9.07 -26.46
N PHE C 259 -24.67 9.66 -25.29
CA PHE C 259 -24.43 11.08 -25.10
C PHE C 259 -23.07 11.36 -24.45
N ALA C 260 -22.37 10.33 -23.97
CA ALA C 260 -21.02 10.48 -23.50
C ALA C 260 -20.19 9.28 -23.97
N ALA C 261 -19.50 8.66 -23.03
CA ALA C 261 -18.96 7.32 -23.19
C ALA C 261 -19.00 6.70 -21.81
N ASN C 262 -19.12 5.37 -21.74
CA ASN C 262 -19.20 4.77 -20.43
C ASN C 262 -17.80 4.66 -19.81
N GLU C 263 -17.75 4.07 -18.63
CA GLU C 263 -16.48 4.00 -17.88
C GLU C 263 -15.37 3.37 -18.71
N ASN C 264 -15.72 2.46 -19.63
CA ASN C 264 -14.75 1.67 -20.37
C ASN C 264 -14.42 2.25 -21.73
N GLY C 265 -15.09 3.34 -22.12
CA GLY C 265 -14.74 4.05 -23.32
C GLY C 265 -15.71 3.87 -24.46
N ILE C 266 -16.59 2.86 -24.39
CA ILE C 266 -17.59 2.69 -25.43
C ILE C 266 -18.49 3.92 -25.46
N GLY C 267 -18.57 4.58 -26.61
CA GLY C 267 -19.31 5.81 -26.69
C GLY C 267 -19.65 6.22 -28.11
N ASN C 268 -20.13 7.45 -28.23
CA ASN C 268 -20.54 8.04 -29.51
C ASN C 268 -21.51 7.14 -30.28
N LYS C 269 -22.40 6.48 -29.57
CA LYS C 269 -23.47 5.74 -30.22
C LYS C 269 -24.57 6.70 -30.66
N GLY C 270 -25.59 6.13 -31.30
CA GLY C 270 -26.66 6.93 -31.88
C GLY C 270 -28.01 6.59 -31.31
N GLY C 271 -29.07 7.14 -31.91
CA GLY C 271 -30.41 6.94 -31.36
C GLY C 271 -30.86 5.49 -31.40
N LYS C 272 -30.42 4.75 -32.42
CA LYS C 272 -30.81 3.34 -32.50
C LYS C 272 -30.28 2.57 -31.29
N TRP C 273 -29.14 2.97 -30.75
CA TRP C 273 -28.60 2.34 -29.56
C TRP C 273 -29.49 2.58 -28.34
N LEU C 274 -30.11 3.76 -28.25
CA LEU C 274 -31.09 3.95 -27.18
C LEU C 274 -32.33 3.11 -27.43
N ASP C 275 -32.81 3.08 -28.67
CA ASP C 275 -34.02 2.32 -28.97
C ASP C 275 -33.89 0.86 -28.53
N GLU C 276 -32.82 0.17 -28.97
CA GLU C 276 -32.65 -1.22 -28.56
C GLU C 276 -32.63 -1.36 -27.04
N GLY C 277 -32.07 -0.37 -26.35
CA GLY C 277 -32.07 -0.36 -24.90
C GLY C 277 -33.48 -0.43 -24.35
N MET C 278 -34.33 0.53 -24.74
CA MET C 278 -35.71 0.53 -24.26
C MET C 278 -36.45 -0.76 -24.65
N ASN C 279 -36.20 -1.29 -25.85
CA ASN C 279 -36.93 -2.49 -26.28
C ASN C 279 -36.62 -3.68 -25.39
N LEU C 280 -35.40 -3.79 -24.89
CA LEU C 280 -35.07 -4.93 -24.05
C LEU C 280 -35.87 -4.97 -22.76
N HIS C 281 -36.69 -3.95 -22.48
CA HIS C 281 -37.66 -4.06 -21.40
C HIS C 281 -38.63 -5.20 -21.62
N ARG C 282 -38.76 -5.67 -22.87
CA ARG C 282 -39.59 -6.83 -23.19
C ARG C 282 -39.16 -8.06 -22.40
N LEU C 283 -37.90 -8.12 -21.97
CA LEU C 283 -37.38 -9.20 -21.13
C LEU C 283 -37.88 -9.13 -19.69
N TYR C 284 -38.42 -7.99 -19.26
CA TYR C 284 -38.83 -7.98 -17.88
C TYR C 284 -40.25 -8.51 -17.75
N PRO C 285 -40.63 -9.05 -16.60
CA PRO C 285 -42.03 -9.44 -16.40
C PRO C 285 -42.88 -8.19 -16.30
N SER C 286 -44.20 -8.39 -16.41
CA SER C 286 -45.11 -7.25 -16.55
C SER C 286 -45.22 -6.43 -15.28
N HIS C 287 -44.83 -6.97 -14.14
CA HIS C 287 -44.93 -6.15 -12.94
C HIS C 287 -43.72 -5.27 -12.75
N ALA C 288 -42.67 -5.46 -13.54
CA ALA C 288 -41.40 -4.79 -13.28
C ALA C 288 -41.56 -3.30 -13.54
N GLN C 289 -40.97 -2.49 -12.67
CA GLN C 289 -41.07 -1.03 -12.77
C GLN C 289 -39.68 -0.44 -12.71
N PRO C 290 -38.91 -0.53 -13.80
CA PRO C 290 -37.50 -0.11 -13.76
C PRO C 290 -37.36 1.37 -13.41
N ASN C 291 -36.20 1.71 -12.85
CA ASN C 291 -35.93 3.04 -12.31
C ASN C 291 -34.64 3.56 -12.94
N LEU C 292 -34.77 4.56 -13.81
CA LEU C 292 -33.63 5.08 -14.56
C LEU C 292 -32.87 6.14 -13.75
N MET C 293 -31.61 5.86 -13.44
CA MET C 293 -30.65 6.86 -13.01
C MET C 293 -29.58 7.01 -14.08
N LEU C 294 -28.91 8.17 -14.10
CA LEU C 294 -27.74 8.36 -14.95
C LEU C 294 -26.43 8.10 -14.22
N GLY C 295 -26.34 8.44 -12.94
CA GLY C 295 -25.17 8.13 -12.14
C GLY C 295 -25.58 7.69 -10.75
N ASN C 296 -24.57 7.42 -9.93
CA ASN C 296 -24.76 7.22 -8.52
C ASN C 296 -23.40 7.37 -7.86
N HIS C 297 -23.25 6.82 -6.67
CA HIS C 297 -22.00 6.91 -5.93
C HIS C 297 -20.97 5.86 -6.32
N ASP C 298 -21.31 4.87 -7.16
CA ASP C 298 -20.34 3.90 -7.66
C ASP C 298 -19.94 4.14 -9.11
N LEU C 299 -20.45 5.16 -9.76
CA LEU C 299 -20.21 5.36 -11.18
C LEU C 299 -19.56 6.71 -11.40
N VAL C 300 -18.66 6.78 -12.40
CA VAL C 300 -18.01 8.04 -12.71
C VAL C 300 -19.05 9.09 -13.12
N ARG C 301 -18.86 10.32 -12.65
CA ARG C 301 -19.76 11.40 -13.00
C ARG C 301 -19.83 11.59 -14.50
N PHE C 302 -21.00 12.03 -14.96
CA PHE C 302 -21.24 12.21 -16.39
C PHE C 302 -20.26 13.20 -17.00
N GLY C 303 -20.01 14.33 -16.31
CA GLY C 303 -19.01 15.28 -16.78
C GLY C 303 -17.60 14.70 -16.80
N ASP C 304 -17.28 13.79 -15.89
CA ASP C 304 -15.97 13.16 -15.97
C ASP C 304 -15.94 12.12 -17.11
N LEU C 305 -17.06 11.44 -17.34
CA LEU C 305 -17.16 10.56 -18.49
C LEU C 305 -16.89 11.32 -19.79
N LEU C 306 -17.41 12.55 -19.90
CA LEU C 306 -17.24 13.34 -21.12
C LEU C 306 -15.79 13.71 -21.38
N GLN C 307 -15.01 13.92 -20.30
CA GLN C 307 -13.60 14.26 -20.42
C GLN C 307 -12.70 13.04 -20.55
N ARG C 308 -13.03 11.94 -19.86
CA ARG C 308 -12.31 10.68 -20.07
C ARG C 308 -12.24 10.31 -21.54
N GLY C 309 -13.37 10.35 -22.24
CA GLY C 309 -13.41 10.05 -23.65
C GLY C 309 -12.92 11.15 -24.57
N ASN C 310 -12.40 12.24 -24.01
CA ASN C 310 -12.06 13.44 -24.74
C ASN C 310 -13.19 13.88 -25.66
N ILE C 311 -14.40 13.87 -25.12
CA ILE C 311 -15.55 14.32 -25.89
C ILE C 311 -15.78 15.81 -25.70
N ALA C 312 -15.73 16.29 -24.45
CA ALA C 312 -16.07 17.69 -24.18
C ALA C 312 -15.63 18.05 -22.77
N SER C 313 -15.06 19.24 -22.62
CA SER C 313 -14.66 19.88 -21.37
C SER C 313 -15.71 20.89 -20.93
N PRO C 314 -15.72 21.27 -19.63
CA PRO C 314 -16.71 22.25 -19.18
C PRO C 314 -16.59 23.62 -19.85
N GLU C 315 -15.39 23.99 -20.33
CA GLU C 315 -15.24 25.21 -21.11
C GLU C 315 -16.08 25.17 -22.39
N GLN C 316 -16.23 23.98 -22.99
CA GLN C 316 -16.90 23.85 -24.26
C GLN C 316 -18.43 23.80 -24.10
N ALA C 317 -19.13 24.19 -25.16
CA ALA C 317 -20.58 24.19 -25.14
C ALA C 317 -21.18 22.81 -25.35
N GLU C 318 -20.47 21.90 -26.03
CA GLU C 318 -21.04 20.58 -26.26
C GLU C 318 -21.20 19.83 -24.93
N TYR C 319 -20.29 20.08 -23.98
CA TYR C 319 -20.42 19.56 -22.62
C TYR C 319 -21.79 19.82 -22.04
N TRP C 320 -22.23 21.07 -22.07
CA TRP C 320 -23.51 21.39 -21.47
C TRP C 320 -24.67 20.88 -22.31
N GLU C 321 -24.48 20.79 -23.64
CA GLU C 321 -25.54 20.30 -24.52
CA GLU C 321 -25.58 20.31 -24.47
C GLU C 321 -25.77 18.80 -24.30
N ARG C 322 -24.69 18.05 -24.14
CA ARG C 322 -24.81 16.62 -23.93
C ARG C 322 -25.39 16.29 -22.56
N HIS C 323 -25.17 17.13 -21.55
CA HIS C 323 -25.89 16.96 -20.29
C HIS C 323 -27.39 17.08 -20.49
N LYS C 324 -27.81 18.16 -21.16
CA LYS C 324 -29.24 18.38 -21.38
C LYS C 324 -29.87 17.23 -22.15
N ALA C 325 -29.16 16.71 -23.15
CA ALA C 325 -29.64 15.57 -23.93
C ALA C 325 -29.89 14.35 -23.04
N ALA C 326 -28.86 13.91 -22.31
CA ALA C 326 -29.01 12.80 -21.36
C ALA C 326 -30.14 13.07 -20.38
N LEU C 327 -30.10 14.21 -19.69
CA LEU C 327 -31.15 14.54 -18.72
C LEU C 327 -32.55 14.60 -19.36
N SER C 328 -32.66 15.09 -20.60
CA SER C 328 -33.97 15.08 -21.26
C SER C 328 -34.47 13.66 -21.50
N PHE C 329 -33.58 12.73 -21.89
CA PHE C 329 -34.01 11.35 -22.13
C PHE C 329 -34.60 10.73 -20.86
N GLN C 330 -33.99 11.01 -19.71
CA GLN C 330 -34.57 10.58 -18.45
C GLN C 330 -35.87 11.31 -18.16
N ALA C 331 -35.99 12.56 -18.60
CA ALA C 331 -37.22 13.31 -18.35
C ALA C 331 -38.42 12.71 -19.08
N ALA C 332 -38.17 11.96 -20.17
CA ALA C 332 -39.22 11.34 -20.98
C ALA C 332 -39.34 9.85 -20.74
N TYR C 333 -38.72 9.34 -19.69
CA TYR C 333 -38.71 7.91 -19.39
C TYR C 333 -39.88 7.57 -18.44
N SER C 334 -40.73 6.64 -18.85
CA SER C 334 -41.85 6.26 -18.00
C SER C 334 -41.38 5.42 -16.81
N GLY C 335 -41.83 5.80 -15.61
CA GLY C 335 -41.43 5.12 -14.40
C GLY C 335 -40.59 6.03 -13.52
N PRO C 336 -40.25 5.57 -12.31
CA PRO C 336 -39.41 6.38 -11.41
C PRO C 336 -38.06 6.69 -12.05
N ILE C 337 -37.55 7.89 -11.75
CA ILE C 337 -36.24 8.34 -12.21
C ILE C 337 -35.46 8.95 -11.06
N THR C 338 -34.14 8.76 -11.08
CA THR C 338 -33.29 9.14 -9.97
C THR C 338 -32.16 10.03 -10.46
N LEU C 339 -31.87 11.10 -9.72
CA LEU C 339 -30.82 12.03 -10.09
C LEU C 339 -29.73 12.01 -9.02
N TYR C 340 -28.50 11.77 -9.45
CA TYR C 340 -27.37 11.79 -8.53
C TYR C 340 -26.95 13.23 -8.28
N TYR C 341 -26.75 13.59 -7.00
CA TYR C 341 -26.49 14.98 -6.67
C TYR C 341 -25.27 15.47 -7.44
N GLY C 342 -25.42 16.65 -8.08
CA GLY C 342 -24.37 17.27 -8.84
C GLY C 342 -24.61 17.25 -10.34
N GLU C 343 -25.31 16.23 -10.83
CA GLU C 343 -25.64 16.15 -12.25
C GLU C 343 -26.33 17.40 -12.73
N GLU C 344 -27.21 17.97 -11.90
CA GLU C 344 -28.02 19.13 -12.30
C GLU C 344 -27.18 20.38 -12.55
N ILE C 345 -25.94 20.41 -12.09
CA ILE C 345 -25.06 21.56 -12.30
C ILE C 345 -23.82 21.17 -13.11
N GLY C 346 -23.85 20.00 -13.76
CA GLY C 346 -22.74 19.61 -14.60
C GLY C 346 -21.46 19.28 -13.85
N ASP C 347 -21.56 18.80 -12.62
CA ASP C 347 -20.41 18.59 -11.74
C ASP C 347 -19.39 17.62 -12.33
N GLU C 348 -18.15 17.77 -11.87
CA GLU C 348 -16.99 17.05 -12.37
C GLU C 348 -15.83 17.32 -11.42
N LEU C 349 -14.99 16.31 -11.20
CA LEU C 349 -13.88 16.42 -10.26
C LEU C 349 -12.68 17.08 -10.91
N GLU C 350 -12.29 18.26 -10.41
CA GLU C 350 -11.22 19.04 -11.01
C GLU C 350 -9.90 18.28 -11.02
N GLY C 351 -9.24 18.27 -12.18
CA GLY C 351 -7.99 17.57 -12.36
C GLY C 351 -8.07 16.07 -12.59
N TYR C 352 -9.27 15.50 -12.64
CA TYR C 352 -9.46 14.07 -12.78
C TYR C 352 -10.16 13.77 -14.09
N ALA C 353 -9.80 12.67 -14.75
CA ALA C 353 -10.61 12.20 -15.88
C ALA C 353 -10.27 10.76 -16.27
N GLN C 354 -9.05 10.54 -16.76
CA GLN C 354 -8.68 9.19 -17.16
C GLN C 354 -8.72 8.27 -15.95
N LYS C 355 -9.07 7.01 -16.18
CA LYS C 355 -9.16 6.05 -15.10
C LYS C 355 -7.85 6.00 -14.32
N VAL C 356 -7.96 5.99 -13.01
CA VAL C 356 -6.83 5.83 -12.10
C VAL C 356 -7.02 4.48 -11.43
N GLU C 357 -6.00 3.62 -11.50
CA GLU C 357 -6.10 2.26 -10.99
C GLU C 357 -5.19 2.05 -9.79
N GLN C 358 -3.88 1.96 -10.00
CA GLN C 358 -2.98 1.65 -8.88
CA GLN C 358 -2.99 1.65 -8.89
C GLN C 358 -3.06 2.74 -7.82
N ASP C 359 -3.20 2.31 -6.56
CA ASP C 359 -3.27 3.21 -5.43
C ASP C 359 -4.43 4.20 -5.53
N CYS C 360 -5.48 3.84 -6.27
CA CYS C 360 -6.55 4.82 -6.43
C CYS C 360 -7.32 5.02 -5.13
N ALA C 361 -7.45 3.98 -4.31
CA ALA C 361 -8.35 4.03 -3.16
C ALA C 361 -7.93 5.08 -2.14
N VAL C 362 -6.62 5.22 -1.86
CA VAL C 362 -6.23 6.23 -0.88
C VAL C 362 -6.20 7.62 -1.47
N GLN C 363 -6.39 7.77 -2.78
CA GLN C 363 -6.55 9.10 -3.37
C GLN C 363 -8.00 9.46 -3.61
N GLY C 364 -8.92 8.55 -3.35
CA GLY C 364 -10.31 8.79 -3.67
C GLY C 364 -10.57 8.90 -5.16
N LEU C 365 -9.89 8.10 -5.97
CA LEU C 365 -9.98 8.24 -7.42
C LEU C 365 -10.36 6.96 -8.13
N CYS C 366 -10.68 5.89 -7.41
CA CYS C 366 -11.20 4.70 -8.07
C CYS C 366 -12.56 5.00 -8.70
N ASP C 367 -12.84 4.32 -9.81
CA ASP C 367 -14.07 4.53 -10.54
C ASP C 367 -15.30 4.38 -9.65
N ASP C 368 -15.25 3.50 -8.66
CA ASP C 368 -16.42 3.18 -7.85
C ASP C 368 -16.60 4.10 -6.64
N HIS C 369 -15.77 5.13 -6.48
CA HIS C 369 -16.10 6.16 -5.50
C HIS C 369 -15.61 7.55 -5.90
N VAL C 370 -14.96 7.72 -7.05
CA VAL C 370 -14.50 9.05 -7.47
C VAL C 370 -15.64 10.05 -7.50
N ALA C 371 -16.88 9.59 -7.73
CA ALA C 371 -18.03 10.47 -7.84
C ALA C 371 -18.50 11.03 -6.49
N ARG C 372 -17.90 10.60 -5.37
CA ARG C 372 -18.33 11.05 -4.05
C ARG C 372 -17.60 12.35 -3.67
N THR C 373 -17.95 13.39 -4.40
CA THR C 373 -17.32 14.70 -4.29
C THR C 373 -18.16 15.62 -3.40
N SER C 374 -17.49 16.65 -2.86
CA SER C 374 -18.19 17.59 -2.00
C SER C 374 -19.34 18.26 -2.74
N ALA C 375 -20.53 18.21 -2.13
CA ALA C 375 -21.71 18.73 -2.80
C ALA C 375 -21.59 20.24 -3.02
N ASN C 376 -21.96 20.70 -4.22
CA ASN C 376 -22.05 22.13 -4.53
C ASN C 376 -23.52 22.57 -4.57
N ILE C 377 -24.03 23.05 -3.44
CA ILE C 377 -25.42 23.50 -3.34
C ILE C 377 -25.44 25.02 -3.36
N ASP C 378 -26.20 25.58 -4.29
CA ASP C 378 -26.22 27.03 -4.51
C ASP C 378 -26.76 27.77 -3.29
N GLY C 379 -26.08 28.86 -2.93
CA GLY C 379 -26.48 29.62 -1.76
C GLY C 379 -26.28 28.90 -0.45
N LEU C 380 -25.38 27.92 -0.42
CA LEU C 380 -25.21 27.14 0.79
C LEU C 380 -23.77 26.66 0.91
N THR C 381 -23.18 26.19 -0.20
CA THR C 381 -21.77 25.83 -0.25
C THR C 381 -21.07 26.32 -1.50
N VAL C 382 -21.74 27.08 -2.37
CA VAL C 382 -21.15 27.55 -3.61
C VAL C 382 -22.09 28.60 -4.21
N ASN C 383 -21.53 29.52 -5.02
CA ASN C 383 -22.29 30.41 -5.89
C ASN C 383 -22.06 29.93 -7.31
N LEU C 384 -23.10 29.41 -7.95
CA LEU C 384 -22.93 28.78 -9.26
C LEU C 384 -22.54 29.83 -10.30
N ASN C 385 -21.78 29.39 -11.29
CA ASN C 385 -21.53 30.25 -12.43
C ASN C 385 -22.73 30.20 -13.37
N GLU C 386 -22.61 30.89 -14.51
CA GLU C 386 -23.75 31.07 -15.39
C GLU C 386 -24.17 29.75 -16.05
N LYS C 387 -23.19 29.00 -16.57
CA LYS C 387 -23.50 27.72 -17.22
C LYS C 387 -24.07 26.72 -16.22
N GLN C 388 -23.53 26.71 -14.99
CA GLN C 388 -24.08 25.84 -13.95
C GLN C 388 -25.50 26.23 -13.61
N ARG C 389 -25.78 27.52 -13.46
CA ARG C 389 -27.12 27.92 -13.10
C ARG C 389 -28.09 27.66 -14.24
N ASP C 390 -27.59 27.71 -15.48
CA ASP C 390 -28.46 27.43 -16.62
C ASP C 390 -28.85 25.96 -16.68
N LEU C 391 -27.89 25.05 -16.45
CA LEU C 391 -28.24 23.63 -16.40
C LEU C 391 -29.27 23.37 -15.31
N LYS C 392 -29.01 23.86 -14.10
CA LYS C 392 -29.94 23.69 -12.99
C LYS C 392 -31.34 24.21 -13.35
N GLN C 393 -31.40 25.27 -14.14
CA GLN C 393 -32.69 25.82 -14.58
C GLN C 393 -33.39 24.87 -15.53
N TYR C 394 -32.63 24.33 -16.49
CA TYR C 394 -33.15 23.35 -17.44
C TYR C 394 -33.71 22.13 -16.73
N VAL C 395 -32.97 21.61 -15.75
CA VAL C 395 -33.46 20.45 -15.03
C VAL C 395 -34.78 20.75 -14.35
N SER C 396 -34.87 21.93 -13.72
CA SER C 396 -36.14 22.43 -13.16
C SER C 396 -37.27 22.39 -14.18
N GLN C 397 -37.02 22.91 -15.37
CA GLN C 397 -38.04 22.90 -16.43
C GLN C 397 -38.50 21.49 -16.75
N LEU C 398 -37.57 20.55 -16.89
CA LEU C 398 -37.93 19.17 -17.19
C LEU C 398 -38.74 18.55 -16.07
N MET C 399 -38.25 18.62 -14.83
CA MET C 399 -39.01 18.05 -13.71
C MET C 399 -40.40 18.68 -13.61
N THR C 400 -40.49 20.00 -13.81
CA THR C 400 -41.78 20.68 -13.80
C THR C 400 -42.67 20.20 -14.93
N LEU C 401 -42.12 20.09 -16.14
CA LEU C 401 -42.87 19.58 -17.28
C LEU C 401 -43.28 18.14 -17.08
N ARG C 402 -42.34 17.31 -16.63
CA ARG C 402 -42.66 15.91 -16.33
C ARG C 402 -43.75 15.79 -15.28
N ALA C 403 -43.70 16.62 -14.24
CA ALA C 403 -44.72 16.53 -13.20
C ALA C 403 -46.13 16.85 -13.72
N ALA C 404 -46.26 17.59 -14.82
CA ALA C 404 -47.57 17.99 -15.30
C ALA C 404 -48.07 17.16 -16.48
N HIS C 405 -47.24 16.30 -17.05
CA HIS C 405 -47.65 15.52 -18.21
C HIS C 405 -47.58 14.03 -17.95
N PRO C 406 -48.72 13.36 -17.80
CA PRO C 406 -48.72 11.90 -17.61
C PRO C 406 -47.97 11.14 -18.69
N ALA C 407 -47.99 11.62 -19.93
CA ALA C 407 -47.29 10.93 -21.01
C ALA C 407 -45.82 10.71 -20.67
N LEU C 408 -45.17 11.69 -20.05
CA LEU C 408 -43.75 11.55 -19.71
C LEU C 408 -43.53 10.51 -18.61
N SER C 409 -44.23 10.63 -17.49
CA SER C 409 -43.97 9.75 -16.35
C SER C 409 -44.61 8.37 -16.52
N ARG C 410 -45.77 8.28 -17.15
CA ARG C 410 -46.42 6.98 -17.22
C ARG C 410 -47.00 6.69 -18.60
N GLY C 411 -46.46 7.29 -19.64
CA GLY C 411 -47.02 7.12 -20.96
C GLY C 411 -46.62 5.81 -21.60
N GLU C 412 -47.43 5.40 -22.58
CA GLU C 412 -47.07 4.26 -23.40
C GLU C 412 -46.09 4.71 -24.49
N ARG C 413 -44.98 4.00 -24.63
CA ARG C 413 -43.94 4.41 -25.55
C ARG C 413 -44.12 3.74 -26.90
N THR C 414 -43.98 4.52 -27.97
CA THR C 414 -43.86 3.99 -29.31
C THR C 414 -42.74 4.73 -30.02
N ASN C 415 -41.69 4.01 -30.39
CA ASN C 415 -40.59 4.65 -31.09
C ASN C 415 -40.95 4.89 -32.55
N ILE C 416 -40.70 6.11 -33.01
CA ILE C 416 -41.00 6.56 -34.35
C ILE C 416 -39.74 6.46 -35.19
N VAL C 417 -38.66 7.08 -34.73
CA VAL C 417 -37.39 7.11 -35.45
C VAL C 417 -36.28 6.77 -34.46
N ALA C 418 -35.28 6.03 -34.95
CA ALA C 418 -34.08 5.75 -34.18
C ALA C 418 -32.95 5.44 -35.16
N ASN C 419 -32.20 6.47 -35.53
CA ASN C 419 -31.08 6.31 -36.46
C ASN C 419 -29.84 6.91 -35.85
N GLU C 420 -28.79 7.09 -36.64
CA GLU C 420 -27.56 7.55 -36.01
C GLU C 420 -27.59 9.03 -35.65
N THR C 421 -28.61 9.78 -36.05
CA THR C 421 -28.61 11.22 -35.77
C THR C 421 -29.79 11.73 -34.96
N VAL C 422 -30.87 10.96 -34.81
CA VAL C 422 -32.00 11.43 -34.03
C VAL C 422 -32.70 10.24 -33.39
N TYR C 423 -33.49 10.53 -32.34
CA TYR C 423 -34.30 9.56 -31.61
C TYR C 423 -35.66 10.21 -31.37
N ILE C 424 -36.76 9.52 -31.73
CA ILE C 424 -38.10 10.12 -31.68
C ILE C 424 -39.08 9.11 -31.11
N ASP C 425 -39.55 9.34 -29.88
CA ASP C 425 -40.58 8.52 -29.25
C ASP C 425 -41.92 9.25 -29.26
N HIS C 426 -42.98 8.49 -29.46
CA HIS C 426 -44.34 8.93 -29.20
C HIS C 426 -44.73 8.45 -27.80
N LYS C 427 -45.13 9.38 -26.93
CA LYS C 427 -45.56 9.06 -25.58
C LYS C 427 -47.02 9.47 -25.43
N GLN C 428 -47.82 8.60 -24.80
CA GLN C 428 -49.26 8.79 -24.75
C GLN C 428 -49.84 8.27 -23.43
N ALA C 429 -50.46 9.14 -22.65
CA ALA C 429 -51.19 8.71 -21.47
C ALA C 429 -52.50 9.49 -21.40
N ASP C 430 -53.61 8.76 -21.44
CA ASP C 430 -54.95 9.36 -21.36
C ASP C 430 -55.09 10.32 -22.53
N ASP C 431 -55.56 11.57 -22.31
CA ASP C 431 -55.69 12.55 -23.38
C ASP C 431 -54.44 13.42 -23.52
N ASP C 432 -53.31 12.93 -23.04
CA ASP C 432 -52.01 13.58 -23.19
C ASP C 432 -51.21 12.74 -24.19
N ALA C 433 -50.76 13.38 -25.26
CA ALA C 433 -50.02 12.69 -26.31
C ALA C 433 -49.02 13.67 -26.88
N LEU C 434 -47.73 13.33 -26.80
CA LEU C 434 -46.69 14.23 -27.25
C LEU C 434 -45.60 13.47 -28.01
N ILE C 435 -44.65 14.23 -28.53
CA ILE C 435 -43.48 13.69 -29.21
C ILE C 435 -42.26 14.11 -28.42
N TYR C 436 -41.34 13.17 -28.24
CA TYR C 436 -40.04 13.45 -27.64
C TYR C 436 -38.99 13.14 -28.68
N MET C 437 -38.19 14.14 -29.02
CA MET C 437 -37.12 13.93 -29.97
C MET C 437 -35.87 14.56 -29.39
N VAL C 438 -34.74 13.90 -29.65
CA VAL C 438 -33.45 14.37 -29.20
C VAL C 438 -32.45 14.05 -30.30
N SER C 439 -31.53 14.99 -30.53
CA SER C 439 -30.43 14.79 -31.46
C SER C 439 -29.35 13.93 -30.81
N THR C 440 -28.80 13.00 -31.59
CA THR C 440 -27.65 12.22 -31.15
C THR C 440 -26.45 12.46 -32.06
N THR C 441 -26.34 13.69 -32.58
CA THR C 441 -25.27 14.06 -33.50
C THR C 441 -24.73 15.44 -33.12
N ALA C 442 -23.49 15.68 -33.50
CA ALA C 442 -22.91 17.00 -33.28
C ALA C 442 -23.35 18.00 -34.34
N ASP C 443 -24.08 17.54 -35.36
CA ASP C 443 -24.51 18.37 -36.46
C ASP C 443 -25.90 18.95 -36.22
N GLN C 444 -26.05 20.23 -36.55
CA GLN C 444 -27.38 20.80 -36.76
C GLN C 444 -28.07 20.01 -37.87
N ASP C 445 -29.36 19.73 -37.69
CA ASP C 445 -30.11 18.99 -38.71
C ASP C 445 -31.59 19.36 -38.66
N THR C 446 -32.30 19.00 -39.73
CA THR C 446 -33.73 19.27 -39.88
C THR C 446 -34.47 17.94 -39.92
N VAL C 447 -35.39 17.73 -38.98
CA VAL C 447 -36.11 16.47 -38.88
C VAL C 447 -37.42 16.60 -39.63
N GLU C 448 -37.63 15.74 -40.61
CA GLU C 448 -38.91 15.63 -41.29
C GLU C 448 -39.71 14.51 -40.64
N LEU C 449 -40.93 14.81 -40.19
CA LEU C 449 -41.77 13.87 -39.45
C LEU C 449 -43.17 13.89 -40.04
N LYS C 450 -43.60 12.76 -40.62
CA LYS C 450 -44.89 12.66 -41.29
C LYS C 450 -45.99 12.57 -40.26
N ALA C 451 -46.96 13.49 -40.34
CA ALA C 451 -48.02 13.56 -39.34
C ALA C 451 -48.78 12.26 -39.22
N SER C 452 -48.85 11.48 -40.30
CA SER C 452 -49.64 10.26 -40.25
C SER C 452 -48.94 9.20 -39.40
N ASP C 453 -47.60 9.23 -39.35
CA ASP C 453 -46.85 8.28 -38.54
C ASP C 453 -46.95 8.57 -37.05
N ILE C 454 -47.32 9.78 -36.66
CA ILE C 454 -47.51 10.10 -35.26
C ILE C 454 -48.96 10.43 -34.94
N ALA C 455 -49.88 10.11 -35.85
CA ALA C 455 -51.33 10.28 -35.65
C ALA C 455 -51.65 11.69 -35.16
N SER C 456 -51.13 12.67 -35.88
CA SER C 456 -51.33 14.09 -35.56
C SER C 456 -52.17 14.73 -36.65
N ASP C 457 -53.30 15.35 -36.26
CA ASP C 457 -54.18 16.02 -37.20
C ASP C 457 -54.01 17.52 -37.24
N GLY C 458 -53.47 18.11 -36.18
CA GLY C 458 -53.34 19.56 -36.09
C GLY C 458 -51.92 20.04 -36.10
N GLN C 459 -51.60 20.95 -35.18
CA GLN C 459 -50.24 21.47 -35.08
C GLN C 459 -49.50 20.72 -33.98
N LEU C 460 -48.19 20.91 -33.95
CA LEU C 460 -47.37 20.50 -32.84
C LEU C 460 -46.96 21.76 -32.10
N VAL C 461 -46.94 21.70 -30.77
CA VAL C 461 -46.61 22.88 -29.98
C VAL C 461 -45.50 22.50 -29.02
N ASP C 462 -44.37 23.20 -29.13
CA ASP C 462 -43.22 23.00 -28.26
C ASP C 462 -43.58 23.37 -26.83
N LEU C 463 -43.47 22.40 -25.91
CA LEU C 463 -43.97 22.56 -24.55
C LEU C 463 -43.05 23.40 -23.66
N LEU C 464 -41.84 23.71 -24.10
CA LEU C 464 -40.93 24.55 -23.31
C LEU C 464 -40.70 25.93 -23.91
N THR C 465 -41.06 26.14 -25.17
CA THR C 465 -40.92 27.43 -25.83
C THR C 465 -42.23 28.00 -26.35
N GLY C 466 -43.28 27.19 -26.43
CA GLY C 466 -44.55 27.64 -26.96
C GLY C 466 -44.63 27.68 -28.47
N LYS C 467 -43.48 27.70 -29.15
CA LYS C 467 -43.42 27.73 -30.60
C LYS C 467 -44.29 26.63 -31.21
N VAL C 468 -44.88 26.93 -32.37
CA VAL C 468 -45.89 26.08 -32.98
C VAL C 468 -45.35 25.56 -34.32
N HIS C 469 -45.78 24.35 -34.68
CA HIS C 469 -45.27 23.66 -35.85
C HIS C 469 -46.45 23.09 -36.65
N SER C 470 -46.47 23.39 -37.93
CA SER C 470 -47.56 23.03 -38.82
C SER C 470 -47.06 22.10 -39.91
N ALA C 471 -47.91 21.17 -40.32
CA ALA C 471 -47.52 20.24 -41.36
C ALA C 471 -47.41 20.97 -42.70
N ILE C 472 -46.28 20.80 -43.36
CA ILE C 472 -46.00 21.36 -44.66
C ILE C 472 -45.95 20.19 -45.63
N ASN C 473 -46.99 20.06 -46.46
CA ASN C 473 -47.15 18.92 -47.36
C ASN C 473 -47.12 17.60 -46.58
N GLY C 474 -47.86 17.56 -45.48
CA GLY C 474 -47.99 16.36 -44.67
C GLY C 474 -46.89 16.12 -43.66
N GLU C 475 -45.86 16.96 -43.63
CA GLU C 475 -44.64 16.65 -42.90
C GLU C 475 -44.26 17.84 -42.04
N TYR C 476 -44.18 17.62 -40.73
CA TYR C 476 -43.58 18.60 -39.84
C TYR C 476 -42.09 18.72 -40.14
N GLN C 477 -41.59 19.96 -40.10
CA GLN C 477 -40.19 20.29 -40.38
C GLN C 477 -39.61 20.87 -39.11
N ILE C 478 -38.93 20.03 -38.34
CA ILE C 478 -38.40 20.41 -37.04
C ILE C 478 -36.88 20.55 -37.13
N SER C 479 -36.35 21.65 -36.64
CA SER C 479 -34.91 21.82 -36.56
C SER C 479 -34.39 21.28 -35.23
N LEU C 480 -33.15 20.80 -35.26
CA LEU C 480 -32.51 20.28 -34.06
C LEU C 480 -31.05 20.71 -34.08
N ALA C 481 -30.68 21.67 -33.23
CA ALA C 481 -29.27 21.95 -32.97
C ALA C 481 -28.61 20.69 -32.39
N PRO C 482 -27.27 20.63 -32.42
CA PRO C 482 -26.58 19.41 -31.95
C PRO C 482 -26.95 19.02 -30.53
N PHE C 483 -27.42 17.76 -30.39
CA PHE C 483 -27.87 17.19 -29.11
C PHE C 483 -29.01 17.99 -28.47
N GLU C 484 -29.78 18.71 -29.28
CA GLU C 484 -30.94 19.41 -28.76
C GLU C 484 -32.08 18.43 -28.57
N ALA C 485 -32.88 18.66 -27.55
CA ALA C 485 -34.08 17.88 -27.29
C ALA C 485 -35.31 18.79 -27.28
N LYS C 486 -36.39 18.31 -27.88
CA LYS C 486 -37.64 19.05 -27.92
C LYS C 486 -38.78 18.17 -27.44
N PHE C 487 -39.67 18.76 -26.65
CA PHE C 487 -40.90 18.13 -26.23
C PHE C 487 -42.05 18.80 -26.98
N LEU C 488 -42.72 18.05 -27.83
CA LEU C 488 -43.73 18.61 -28.73
C LEU C 488 -45.09 18.01 -28.38
N LEU C 489 -46.02 18.86 -27.94
CA LEU C 489 -47.38 18.41 -27.68
C LEU C 489 -48.09 18.14 -29.01
N ILE C 490 -48.77 17.01 -29.09
CA ILE C 490 -49.63 16.72 -30.23
C ILE C 490 -50.99 17.35 -29.91
N GLU C 491 -51.26 18.49 -30.53
CA GLU C 491 -52.41 19.29 -30.15
C GLU C 491 -53.73 18.61 -30.52
N THR C 492 -53.72 17.78 -31.56
CA THR C 492 -54.94 17.17 -32.08
C THR C 492 -54.66 15.75 -32.51
N PRO C 493 -54.60 14.82 -31.56
CA PRO C 493 -54.44 13.40 -31.94
C PRO C 493 -55.64 12.91 -32.73
N SER C 494 -55.49 11.71 -33.30
CA SER C 494 -56.45 11.21 -34.27
C SER C 494 -57.39 10.15 -33.72
N ALA C 495 -57.84 9.25 -34.60
CA ALA C 495 -58.74 8.16 -34.23
C ALA C 495 -57.96 6.86 -34.10
N HIS D 1 -15.09 -7.34 -46.18
CA HIS D 1 -14.56 -8.70 -46.05
C HIS D 1 -15.50 -9.57 -45.19
N MET D 2 -15.92 -10.73 -45.73
CA MET D 2 -16.66 -11.72 -44.98
C MET D 2 -15.69 -12.73 -44.35
N CYS D 3 -16.22 -13.64 -43.54
CA CYS D 3 -15.40 -14.60 -42.82
C CYS D 3 -15.05 -15.76 -43.73
N ASP D 4 -13.79 -16.16 -43.73
CA ASP D 4 -13.37 -17.31 -44.54
C ASP D 4 -14.04 -18.58 -44.02
N SER D 5 -14.84 -19.21 -44.88
CA SER D 5 -15.58 -20.39 -44.44
C SER D 5 -14.64 -21.59 -44.21
N ALA D 6 -13.48 -21.62 -44.86
CA ALA D 6 -12.54 -22.69 -44.57
C ALA D 6 -12.03 -22.57 -43.14
N LEU D 7 -11.67 -21.35 -42.75
CA LEU D 7 -11.20 -21.09 -41.38
C LEU D 7 -12.26 -21.43 -40.34
N THR D 8 -13.50 -21.02 -40.58
CA THR D 8 -14.57 -21.38 -39.66
C THR D 8 -14.60 -22.89 -39.42
N ALA D 9 -14.58 -23.68 -40.50
CA ALA D 9 -14.57 -25.13 -40.34
C ALA D 9 -13.43 -25.59 -39.44
N GLN D 10 -12.21 -25.10 -39.68
CA GLN D 10 -11.08 -25.51 -38.86
C GLN D 10 -11.15 -24.95 -37.45
N ALA D 11 -11.73 -23.77 -37.25
CA ALA D 11 -11.75 -23.21 -35.91
C ALA D 11 -12.65 -24.00 -34.96
N ASN D 12 -13.69 -24.67 -35.49
CA ASN D 12 -14.55 -25.50 -34.64
C ASN D 12 -13.76 -26.60 -33.96
N ASP D 13 -12.67 -27.03 -34.56
CA ASP D 13 -11.86 -28.09 -34.00
C ASP D 13 -10.84 -27.64 -32.97
N LEU D 14 -10.71 -26.34 -32.72
CA LEU D 14 -9.66 -25.88 -31.80
C LEU D 14 -10.00 -26.25 -30.36
N ARG D 15 -9.05 -26.89 -29.70
CA ARG D 15 -9.10 -27.16 -28.27
C ARG D 15 -7.87 -26.50 -27.65
N ILE D 16 -8.07 -25.29 -27.12
CA ILE D 16 -6.98 -24.37 -26.83
C ILE D 16 -6.62 -24.43 -25.34
N TYR D 17 -5.32 -24.59 -25.05
CA TYR D 17 -4.77 -24.53 -23.70
C TYR D 17 -4.12 -23.16 -23.50
N GLN D 18 -4.58 -22.41 -22.50
CA GLN D 18 -4.08 -21.06 -22.25
C GLN D 18 -3.05 -21.07 -21.13
N VAL D 19 -1.90 -20.45 -21.37
CA VAL D 19 -0.90 -20.25 -20.32
C VAL D 19 -0.67 -18.76 -20.11
N MET D 20 -0.69 -18.32 -18.86
CA MET D 20 -0.18 -17.02 -18.47
C MET D 20 1.33 -17.17 -18.29
N VAL D 21 2.12 -16.47 -19.11
CA VAL D 21 3.52 -16.87 -19.28
C VAL D 21 4.30 -16.70 -17.99
N GLU D 22 4.18 -15.55 -17.33
CA GLU D 22 5.00 -15.32 -16.14
C GLU D 22 4.64 -16.28 -15.01
N SER D 23 3.38 -16.65 -14.87
CA SER D 23 2.96 -17.43 -13.73
C SER D 23 2.99 -18.92 -13.98
N PHE D 24 3.46 -19.35 -15.14
CA PHE D 24 3.26 -20.73 -15.55
C PHE D 24 4.37 -21.62 -14.99
N VAL D 25 5.43 -21.82 -15.76
CA VAL D 25 6.47 -22.80 -15.44
C VAL D 25 7.84 -22.14 -15.57
N ASN D 26 8.58 -22.08 -14.46
CA ASN D 26 9.92 -21.51 -14.44
C ASN D 26 10.90 -22.56 -14.97
N GLY D 27 11.12 -22.56 -16.28
CA GLY D 27 11.99 -23.54 -16.89
C GLY D 27 13.45 -23.16 -16.96
N ASP D 28 13.80 -21.93 -16.62
CA ASP D 28 15.16 -21.42 -16.73
C ASP D 28 15.31 -20.43 -15.56
N ASP D 29 15.78 -20.94 -14.43
CA ASP D 29 15.83 -20.14 -13.22
C ASP D 29 16.69 -18.89 -13.36
N ALA D 30 17.45 -18.78 -14.44
CA ALA D 30 18.32 -17.62 -14.61
C ALA D 30 17.54 -16.37 -14.96
N ILE D 31 16.38 -16.51 -15.63
CA ILE D 31 15.64 -15.34 -16.07
C ILE D 31 14.25 -15.36 -15.45
N GLY D 32 13.65 -14.20 -15.39
CA GLY D 32 12.27 -14.07 -14.95
C GLY D 32 12.05 -12.71 -14.35
N HIS D 33 10.79 -12.27 -14.36
CA HIS D 33 10.43 -10.98 -13.79
C HIS D 33 10.61 -10.96 -12.27
N GLY D 34 10.39 -12.08 -11.61
CA GLY D 34 10.53 -12.08 -10.18
C GLY D 34 9.40 -11.39 -9.44
N THR D 35 8.55 -10.62 -10.12
CA THR D 35 7.41 -10.03 -9.46
C THR D 35 6.24 -10.08 -10.43
N GLY D 36 5.09 -9.60 -9.98
CA GLY D 36 3.91 -9.64 -10.81
C GLY D 36 2.65 -9.43 -9.99
N TYR D 37 1.52 -9.68 -10.64
CA TYR D 37 0.21 -9.65 -10.01
C TYR D 37 -0.29 -11.08 -9.94
N GLY D 38 -0.40 -11.61 -8.73
CA GLY D 38 -0.66 -13.01 -8.47
C GLY D 38 0.28 -13.55 -7.42
N THR D 39 0.12 -14.84 -7.12
CA THR D 39 0.90 -15.46 -6.06
C THR D 39 1.89 -16.49 -6.60
N SER D 40 2.16 -16.48 -7.89
CA SER D 40 3.02 -17.50 -8.48
C SER D 40 4.48 -17.12 -8.24
N HIS D 41 5.38 -17.90 -8.83
CA HIS D 41 6.81 -17.66 -8.74
C HIS D 41 7.28 -16.47 -9.58
N HIS D 42 6.49 -16.05 -10.58
CA HIS D 42 6.79 -14.93 -11.48
C HIS D 42 8.05 -15.15 -12.31
N LYS D 43 8.56 -16.38 -12.38
CA LYS D 43 9.71 -16.67 -13.21
C LYS D 43 9.36 -17.55 -14.39
N GLY D 44 8.09 -17.57 -14.79
CA GLY D 44 7.72 -18.30 -16.00
C GLY D 44 8.38 -17.70 -17.22
N ASP D 45 8.71 -18.57 -18.18
CA ASP D 45 9.49 -18.20 -19.35
C ASP D 45 9.12 -19.11 -20.50
N LEU D 46 9.67 -18.81 -21.68
CA LEU D 46 9.38 -19.63 -22.85
C LEU D 46 9.89 -21.06 -22.70
N GLN D 47 10.97 -21.25 -21.94
CA GLN D 47 11.53 -22.59 -21.76
C GLN D 47 10.56 -23.49 -21.00
N GLY D 48 9.95 -22.96 -19.93
CA GLY D 48 8.97 -23.74 -19.20
C GLY D 48 7.80 -24.20 -20.06
N ILE D 49 7.34 -23.33 -20.96
CA ILE D 49 6.30 -23.73 -21.90
C ILE D 49 6.82 -24.81 -22.84
N ILE D 50 8.04 -24.67 -23.37
CA ILE D 50 8.60 -25.71 -24.22
C ILE D 50 8.65 -27.04 -23.47
N ASP D 51 9.01 -27.00 -22.18
CA ASP D 51 9.07 -28.23 -21.38
C ASP D 51 7.70 -28.86 -21.19
N SER D 52 6.63 -28.11 -21.35
CA SER D 52 5.31 -28.65 -21.09
C SER D 52 4.55 -29.03 -22.35
N LEU D 53 5.14 -28.86 -23.55
CA LEU D 53 4.41 -29.16 -24.78
C LEU D 53 3.96 -30.61 -24.86
N ASP D 54 4.77 -31.56 -24.34
CA ASP D 54 4.34 -32.96 -24.35
C ASP D 54 3.14 -33.16 -23.44
N TYR D 55 3.20 -32.59 -22.23
CA TYR D 55 2.06 -32.67 -21.32
C TYR D 55 0.81 -32.12 -21.97
N ILE D 56 0.92 -30.97 -22.64
CA ILE D 56 -0.25 -30.31 -23.20
C ILE D 56 -0.84 -31.13 -24.31
N GLU D 57 -0.01 -31.66 -25.19
CA GLU D 57 -0.53 -32.48 -26.27
C GLU D 57 -1.20 -33.74 -25.73
N SER D 58 -0.61 -34.37 -24.71
CA SER D 58 -1.21 -35.58 -24.13
C SER D 58 -2.53 -35.29 -23.42
N LEU D 59 -2.83 -34.03 -23.13
CA LEU D 59 -4.14 -33.66 -22.63
C LEU D 59 -5.21 -33.86 -23.69
N GLY D 60 -4.84 -33.88 -24.96
CA GLY D 60 -5.79 -33.86 -26.05
C GLY D 60 -6.06 -32.49 -26.62
N MET D 61 -5.37 -31.45 -26.14
CA MET D 61 -5.46 -30.12 -26.73
C MET D 61 -4.69 -30.08 -28.05
N ASN D 62 -5.14 -29.23 -28.96
CA ASN D 62 -4.46 -29.07 -30.24
C ASN D 62 -3.98 -27.65 -30.49
N ALA D 63 -4.00 -26.79 -29.48
CA ALA D 63 -3.51 -25.43 -29.64
C ALA D 63 -3.08 -24.91 -28.28
N ILE D 64 -2.19 -23.93 -28.30
CA ILE D 64 -1.79 -23.18 -27.11
C ILE D 64 -1.96 -21.70 -27.39
N TRP D 65 -2.41 -20.97 -26.39
CA TRP D 65 -2.52 -19.51 -26.45
C TRP D 65 -1.67 -18.97 -25.33
N LEU D 66 -0.62 -18.24 -25.69
CA LEU D 66 0.27 -17.59 -24.74
C LEU D 66 -0.19 -16.16 -24.53
N THR D 67 -0.18 -15.69 -23.28
CA THR D 67 -0.41 -14.28 -23.00
C THR D 67 0.77 -13.48 -23.56
N PRO D 68 0.65 -12.14 -23.71
CA PRO D 68 1.68 -11.41 -24.48
C PRO D 68 3.11 -11.65 -23.99
N ILE D 69 4.01 -11.93 -24.92
CA ILE D 69 5.41 -12.17 -24.63
C ILE D 69 6.32 -11.07 -25.19
N PHE D 70 5.76 -9.91 -25.57
CA PHE D 70 6.59 -8.86 -26.15
C PHE D 70 7.28 -8.01 -25.08
N ASP D 71 8.20 -7.16 -25.52
CA ASP D 71 9.14 -6.53 -24.60
C ASP D 71 8.50 -5.34 -23.90
N SER D 72 8.27 -5.47 -22.60
CA SER D 72 7.81 -4.37 -21.74
C SER D 72 9.04 -3.77 -21.05
N ILE D 73 9.58 -2.70 -21.61
CA ILE D 73 10.91 -2.22 -21.22
C ILE D 73 10.79 -1.35 -19.97
N PRO D 74 11.56 -1.64 -18.92
CA PRO D 74 11.51 -0.83 -17.70
C PRO D 74 12.03 0.58 -17.90
N VAL D 75 11.47 1.51 -17.13
CA VAL D 75 11.90 2.91 -17.11
C VAL D 75 12.56 3.18 -15.77
N GLU D 76 13.85 3.57 -15.80
CA GLU D 76 14.58 4.02 -14.62
C GLU D 76 13.68 4.85 -13.72
N GLY D 77 13.47 4.37 -12.51
CA GLY D 77 12.65 5.06 -11.55
C GLY D 77 11.19 4.64 -11.47
N GLN D 78 10.72 3.73 -12.34
CA GLN D 78 9.33 3.32 -12.29
C GLN D 78 9.04 2.63 -10.94
N ASP D 79 7.77 2.64 -10.53
CA ASP D 79 7.47 2.15 -9.20
C ASP D 79 7.22 0.65 -9.26
N HIS D 80 6.93 0.06 -8.09
CA HIS D 80 6.73 -1.39 -8.04
C HIS D 80 5.49 -1.80 -8.85
N TRP D 81 4.49 -0.92 -8.95
CA TRP D 81 3.31 -1.20 -9.77
C TRP D 81 3.68 -1.41 -11.24
N ALA D 82 4.57 -0.56 -11.77
CA ALA D 82 5.00 -0.77 -13.15
C ALA D 82 5.84 -2.04 -13.32
N ASP D 83 6.61 -2.47 -12.30
CA ASP D 83 7.36 -3.72 -12.41
C ASP D 83 6.41 -4.91 -12.54
N ARG D 84 5.30 -4.90 -11.80
CA ARG D 84 4.32 -5.99 -11.88
C ARG D 84 3.59 -5.96 -13.22
N LEU D 85 3.09 -4.78 -13.62
CA LEU D 85 2.45 -4.66 -14.91
C LEU D 85 3.35 -5.17 -16.02
N ASP D 86 4.67 -4.90 -15.93
CA ASP D 86 5.58 -5.37 -16.97
C ASP D 86 5.55 -6.88 -17.08
N ALA D 87 5.25 -7.58 -16.00
CA ALA D 87 5.25 -9.05 -16.01
C ALA D 87 4.01 -9.62 -16.68
N THR D 88 2.96 -8.84 -16.86
CA THR D 88 1.75 -9.37 -17.47
C THR D 88 1.82 -9.37 -18.99
N GLY D 89 2.69 -8.53 -19.57
CA GLY D 89 2.78 -8.37 -21.01
C GLY D 89 1.75 -7.45 -21.63
N TYR D 90 0.78 -6.95 -20.87
CA TYR D 90 -0.37 -6.33 -21.48
C TYR D 90 -0.20 -4.83 -21.75
N PHE D 91 0.88 -4.21 -21.23
CA PHE D 91 1.21 -2.80 -21.50
C PHE D 91 2.66 -2.80 -21.96
N THR D 92 2.87 -3.11 -23.24
CA THR D 92 4.18 -3.44 -23.75
C THR D 92 4.87 -2.22 -24.40
N SER D 93 6.15 -2.41 -24.73
CA SER D 93 7.02 -1.36 -25.26
C SER D 93 7.41 -1.63 -26.70
N ASN D 94 8.04 -2.76 -26.97
CA ASN D 94 8.48 -3.11 -28.32
C ASN D 94 7.66 -4.32 -28.76
N TYR D 95 6.66 -4.08 -29.61
CA TYR D 95 5.86 -5.17 -30.13
C TYR D 95 6.63 -6.10 -31.06
N PHE D 96 7.89 -5.80 -31.40
CA PHE D 96 8.62 -6.60 -32.39
C PHE D 96 9.82 -7.31 -31.78
N ALA D 97 9.86 -7.42 -30.46
CA ALA D 97 10.90 -8.19 -29.78
C ALA D 97 10.31 -8.93 -28.60
N VAL D 98 10.94 -10.03 -28.24
CA VAL D 98 10.51 -10.80 -27.07
C VAL D 98 11.06 -10.18 -25.80
N ASP D 99 10.23 -10.14 -24.75
CA ASP D 99 10.73 -9.65 -23.47
C ASP D 99 11.86 -10.56 -22.97
N PRO D 100 13.05 -10.01 -22.70
CA PRO D 100 14.16 -10.86 -22.28
C PRO D 100 13.92 -11.63 -20.99
N ARG D 101 12.99 -11.19 -20.14
CA ARG D 101 12.59 -11.97 -18.97
C ARG D 101 11.88 -13.27 -19.36
N PHE D 102 11.44 -13.41 -20.61
CA PHE D 102 10.78 -14.62 -21.05
C PHE D 102 11.68 -15.54 -21.86
N GLY D 103 12.61 -14.96 -22.64
CA GLY D 103 13.46 -15.73 -23.52
C GLY D 103 13.96 -14.85 -24.66
N THR D 104 14.36 -15.51 -25.74
CA THR D 104 14.89 -14.85 -26.92
C THR D 104 13.99 -15.09 -28.12
N MET D 105 14.20 -14.29 -29.16
CA MET D 105 13.47 -14.52 -30.40
C MET D 105 13.69 -15.94 -30.91
N GLU D 106 14.88 -16.48 -30.68
CA GLU D 106 15.16 -17.85 -31.13
C GLU D 106 14.38 -18.86 -30.31
N GLN D 107 14.31 -18.68 -28.99
CA GLN D 107 13.47 -19.55 -28.16
C GLN D 107 12.00 -19.44 -28.55
N ALA D 108 11.55 -18.24 -28.93
CA ALA D 108 10.20 -18.11 -29.45
C ALA D 108 10.04 -18.87 -30.76
N LYS D 109 11.05 -18.80 -31.64
CA LYS D 109 11.05 -19.63 -32.84
C LYS D 109 11.05 -21.10 -32.48
N GLU D 110 11.90 -21.50 -31.51
CA GLU D 110 11.98 -22.92 -31.12
C GLU D 110 10.64 -23.41 -30.58
N LEU D 111 9.97 -22.61 -29.76
CA LEU D 111 8.65 -22.97 -29.22
C LEU D 111 7.65 -23.25 -30.33
N VAL D 112 7.47 -22.32 -31.28
CA VAL D 112 6.43 -22.49 -32.29
C VAL D 112 6.78 -23.63 -33.26
N GLU D 113 8.06 -23.79 -33.59
CA GLU D 113 8.46 -24.94 -34.40
C GLU D 113 8.18 -26.24 -33.66
N LYS D 114 8.53 -26.29 -32.37
CA LYS D 114 8.33 -27.53 -31.62
C LYS D 114 6.86 -27.81 -31.38
N ALA D 115 6.04 -26.77 -31.23
CA ALA D 115 4.62 -27.00 -31.02
C ALA D 115 3.94 -27.52 -32.27
N HIS D 116 4.30 -26.98 -33.44
CA HIS D 116 3.78 -27.53 -34.68
C HIS D 116 4.19 -29.00 -34.86
N GLU D 117 5.45 -29.32 -34.56
CA GLU D 117 5.94 -30.69 -34.62
C GLU D 117 5.02 -31.66 -33.91
N LYS D 118 4.58 -31.30 -32.70
CA LYS D 118 3.74 -32.16 -31.87
C LYS D 118 2.26 -31.95 -32.12
N GLY D 119 1.89 -31.17 -33.13
CA GLY D 119 0.49 -31.02 -33.50
C GLY D 119 -0.30 -29.98 -32.74
N LEU D 120 0.34 -28.92 -32.27
CA LEU D 120 -0.32 -27.82 -31.60
C LEU D 120 -0.25 -26.59 -32.50
N TYR D 121 -1.41 -25.94 -32.69
CA TYR D 121 -1.40 -24.55 -33.16
C TYR D 121 -0.86 -23.65 -32.07
N VAL D 122 -0.30 -22.50 -32.46
CA VAL D 122 0.16 -21.49 -31.51
C VAL D 122 -0.55 -20.17 -31.79
N PHE D 123 -1.11 -19.57 -30.74
CA PHE D 123 -1.73 -18.25 -30.81
C PHE D 123 -1.05 -17.26 -29.87
N PHE D 124 -0.93 -16.01 -30.30
CA PHE D 124 -0.33 -14.96 -29.51
C PHE D 124 -1.41 -14.00 -29.04
N ASP D 125 -1.04 -13.13 -28.13
CA ASP D 125 -1.99 -12.26 -27.45
C ASP D 125 -1.68 -10.85 -27.94
N GLY D 126 -2.60 -10.26 -28.68
CA GLY D 126 -2.31 -8.97 -29.27
C GLY D 126 -3.14 -7.87 -28.64
N VAL D 127 -2.45 -6.88 -28.08
CA VAL D 127 -3.08 -5.77 -27.39
C VAL D 127 -2.94 -4.56 -28.29
N PHE D 128 -3.99 -4.26 -29.06
CA PHE D 128 -3.91 -3.28 -30.13
C PHE D 128 -4.64 -1.99 -29.77
N GLY D 129 -5.05 -1.85 -28.51
CA GLY D 129 -5.72 -0.63 -28.11
C GLY D 129 -4.93 0.20 -27.13
N HIS D 130 -3.87 -0.36 -26.53
CA HIS D 130 -3.10 0.38 -25.55
C HIS D 130 -1.69 -0.20 -25.48
N HIS D 131 -0.81 0.52 -24.81
CA HIS D 131 0.60 0.17 -24.74
C HIS D 131 1.24 1.03 -23.66
N LYS D 132 2.43 0.62 -23.23
CA LYS D 132 3.21 1.42 -22.29
C LYS D 132 3.65 2.73 -22.97
N ASP D 133 4.03 3.71 -22.15
CA ASP D 133 4.33 5.04 -22.70
C ASP D 133 5.62 5.07 -23.51
N ASN D 134 6.58 4.19 -23.23
CA ASN D 134 7.87 4.20 -23.94
C ASN D 134 7.86 3.30 -25.16
N VAL D 135 6.77 3.29 -25.93
CA VAL D 135 6.66 2.35 -27.04
C VAL D 135 7.72 2.67 -28.09
N VAL D 136 8.26 1.63 -28.69
CA VAL D 136 9.40 1.67 -29.60
C VAL D 136 8.89 1.67 -31.04
N PRO D 137 9.47 2.44 -31.97
CA PRO D 137 8.97 2.42 -33.34
C PRO D 137 9.21 1.08 -34.02
N SER D 138 8.36 0.77 -34.99
CA SER D 138 8.38 -0.54 -35.65
C SER D 138 9.60 -0.66 -36.55
N PRO D 139 9.85 -1.84 -37.12
CA PRO D 139 10.86 -1.93 -38.20
C PRO D 139 10.62 -0.95 -39.34
N GLU D 140 9.38 -0.82 -39.81
CA GLU D 140 9.12 0.09 -40.93
C GLU D 140 8.99 1.54 -40.46
N GLY D 141 9.27 1.82 -39.19
CA GLY D 141 9.31 3.17 -38.67
C GLY D 141 7.99 3.74 -38.20
N ARG D 142 6.97 2.90 -37.96
CA ARG D 142 5.68 3.42 -37.55
C ARG D 142 5.57 3.46 -36.04
N LEU D 143 4.70 4.34 -35.55
CA LEU D 143 4.33 4.45 -34.14
C LEU D 143 2.81 4.48 -34.02
N PRO D 144 2.25 3.95 -32.92
CA PRO D 144 0.85 4.22 -32.61
C PRO D 144 0.64 5.70 -32.42
N VAL D 145 -0.63 6.10 -32.36
CA VAL D 145 -1.00 7.50 -32.39
C VAL D 145 -2.05 7.77 -31.32
N GLY D 146 -1.86 8.86 -30.58
CA GLY D 146 -2.83 9.27 -29.58
C GLY D 146 -2.44 8.88 -28.16
N GLU D 147 -3.48 8.75 -27.32
CA GLU D 147 -3.25 8.37 -25.94
C GLU D 147 -2.61 6.98 -25.86
N ASN D 148 -1.86 6.75 -24.78
CA ASN D 148 -1.33 5.42 -24.55
C ASN D 148 -2.45 4.41 -24.29
N ASN D 149 -3.60 4.88 -23.79
CA ASN D 149 -4.75 4.00 -23.53
C ASN D 149 -6.09 4.78 -23.48
N PRO D 150 -6.93 4.64 -24.52
CA PRO D 150 -6.76 3.85 -25.74
C PRO D 150 -6.06 4.62 -26.84
N VAL D 151 -5.44 3.92 -27.79
CA VAL D 151 -4.83 4.56 -28.96
C VAL D 151 -5.92 5.07 -29.89
N SER D 152 -5.56 5.89 -30.87
CA SER D 152 -6.52 6.43 -31.83
C SER D 152 -6.52 5.62 -33.10
N TYR D 153 -7.71 5.31 -33.59
CA TYR D 153 -7.89 4.76 -34.91
C TYR D 153 -8.69 5.79 -35.69
N PRO D 154 -8.48 5.86 -37.00
CA PRO D 154 -7.66 4.93 -37.79
C PRO D 154 -6.15 5.18 -37.79
N GLU D 155 -5.64 6.27 -37.18
CA GLU D 155 -4.23 6.62 -37.37
C GLU D 155 -3.27 5.55 -36.86
N SER D 156 -3.69 4.66 -35.96
CA SER D 156 -2.79 3.62 -35.47
C SER D 156 -2.87 2.34 -36.30
N LEU D 157 -3.76 2.29 -37.29
CA LEU D 157 -4.04 1.06 -38.01
C LEU D 157 -2.79 0.51 -38.71
N ALA D 158 -2.03 1.39 -39.37
CA ALA D 158 -0.82 0.93 -40.07
C ALA D 158 0.12 0.21 -39.12
N PHE D 159 0.39 0.83 -37.97
CA PHE D 159 1.25 0.24 -36.94
C PHE D 159 0.77 -1.16 -36.55
N TYR D 160 -0.49 -1.28 -36.15
CA TYR D 160 -0.93 -2.57 -35.65
C TYR D 160 -1.15 -3.58 -36.77
N GLN D 161 -1.39 -3.14 -38.01
CA GLN D 161 -1.30 -4.08 -39.12
C GLN D 161 0.10 -4.64 -39.24
N GLU D 162 1.12 -3.80 -38.98
CA GLU D 162 2.48 -4.31 -39.01
C GLU D 162 2.73 -5.31 -37.88
N VAL D 163 2.14 -5.06 -36.70
CA VAL D 163 2.34 -5.97 -35.58
C VAL D 163 1.69 -7.31 -35.88
N ALA D 164 0.42 -7.29 -36.28
CA ALA D 164 -0.30 -8.53 -36.52
C ALA D 164 0.43 -9.42 -37.51
N THR D 165 1.02 -8.81 -38.55
CA THR D 165 1.61 -9.59 -39.64
C THR D 165 3.05 -9.98 -39.37
N PHE D 166 3.78 -9.15 -38.62
CA PHE D 166 5.18 -9.44 -38.32
C PHE D 166 5.36 -10.83 -37.69
N TRP D 167 4.58 -11.13 -36.65
CA TRP D 167 4.79 -12.39 -35.97
C TRP D 167 4.31 -13.60 -36.78
N ILE D 168 3.32 -13.42 -37.66
CA ILE D 168 2.90 -14.51 -38.54
C ILE D 168 3.99 -14.83 -39.56
N GLU D 169 4.49 -13.80 -40.24
CA GLU D 169 5.54 -14.01 -41.24
C GLU D 169 6.83 -14.53 -40.61
N GLU D 170 7.22 -13.98 -39.45
CA GLU D 170 8.48 -14.33 -38.83
C GLU D 170 8.46 -15.70 -38.17
N LEU D 171 7.45 -15.96 -37.33
CA LEU D 171 7.42 -17.16 -36.52
C LEU D 171 6.33 -18.14 -36.92
N LYS D 172 5.46 -17.76 -37.87
CA LYS D 172 4.42 -18.64 -38.40
C LYS D 172 3.39 -19.02 -37.35
N ILE D 173 3.10 -18.09 -36.43
CA ILE D 173 2.01 -18.31 -35.47
C ILE D 173 0.69 -18.37 -36.21
N ASP D 174 -0.26 -19.08 -35.62
CA ASP D 174 -1.52 -19.43 -36.27
C ASP D 174 -2.63 -18.43 -36.00
N GLY D 175 -2.33 -17.34 -35.30
CA GLY D 175 -3.31 -16.30 -35.08
C GLY D 175 -3.18 -15.67 -33.71
N TRP D 176 -4.20 -14.88 -33.37
CA TRP D 176 -4.14 -13.90 -32.30
C TRP D 176 -5.37 -13.97 -31.40
N ARG D 177 -5.15 -13.83 -30.09
CA ARG D 177 -6.19 -13.39 -29.18
C ARG D 177 -6.21 -11.86 -29.16
N LEU D 178 -7.39 -11.26 -29.17
CA LEU D 178 -7.49 -9.80 -29.32
C LEU D 178 -7.98 -9.18 -28.02
N ASP D 179 -7.07 -8.55 -27.31
CA ASP D 179 -7.32 -8.04 -25.97
C ASP D 179 -8.12 -6.75 -26.01
N GLN D 180 -9.10 -6.64 -25.11
CA GLN D 180 -9.98 -5.48 -24.99
C GLN D 180 -10.41 -4.96 -26.37
N ALA D 181 -10.90 -5.89 -27.18
CA ALA D 181 -11.13 -5.66 -28.60
C ALA D 181 -12.10 -4.51 -28.89
N TYR D 182 -12.97 -4.17 -27.94
CA TYR D 182 -13.88 -3.06 -28.16
C TYR D 182 -13.15 -1.71 -28.19
N GLN D 183 -11.87 -1.67 -27.84
CA GLN D 183 -11.10 -0.43 -27.97
C GLN D 183 -10.72 -0.14 -29.41
N VAL D 184 -10.68 -1.16 -30.24
CA VAL D 184 -10.42 -1.02 -31.67
C VAL D 184 -11.76 -0.99 -32.40
N PRO D 185 -12.02 0.00 -33.24
CA PRO D 185 -13.31 0.07 -33.94
C PRO D 185 -13.47 -1.03 -34.99
N THR D 186 -14.73 -1.33 -35.31
CA THR D 186 -15.06 -2.48 -36.15
C THR D 186 -14.45 -2.36 -37.55
N GLU D 187 -14.52 -1.18 -38.18
CA GLU D 187 -13.84 -0.97 -39.46
C GLU D 187 -12.36 -1.32 -39.37
N ALA D 188 -11.71 -1.05 -38.24
CA ALA D 188 -10.28 -1.35 -38.15
C ALA D 188 -10.04 -2.85 -38.05
N TRP D 189 -10.89 -3.55 -37.30
CA TRP D 189 -10.77 -5.01 -37.21
C TRP D 189 -10.88 -5.66 -38.58
N THR D 190 -11.80 -5.16 -39.40
CA THR D 190 -11.91 -5.72 -40.75
C THR D 190 -10.59 -5.59 -41.50
N ALA D 191 -9.92 -4.43 -41.37
CA ALA D 191 -8.63 -4.25 -42.03
C ALA D 191 -7.55 -5.14 -41.41
N ILE D 192 -7.54 -5.29 -40.08
CA ILE D 192 -6.53 -6.15 -39.46
C ILE D 192 -6.73 -7.61 -39.86
N ARG D 193 -7.99 -8.07 -39.87
CA ARG D 193 -8.25 -9.43 -40.32
C ARG D 193 -7.81 -9.62 -41.77
N ALA D 194 -7.91 -8.55 -42.59
CA ALA D 194 -7.45 -8.62 -43.98
C ALA D 194 -5.93 -8.80 -44.04
N SER D 195 -5.20 -8.07 -43.21
CA SER D 195 -3.75 -8.23 -43.14
C SER D 195 -3.37 -9.61 -42.61
N VAL D 196 -4.03 -10.05 -41.53
CA VAL D 196 -3.73 -11.36 -40.95
C VAL D 196 -3.99 -12.47 -41.98
N ASP D 197 -5.15 -12.41 -42.65
CA ASP D 197 -5.45 -13.43 -43.66
C ASP D 197 -4.39 -13.43 -44.76
N GLU D 198 -4.03 -12.25 -45.28
CA GLU D 198 -3.04 -12.23 -46.36
C GLU D 198 -1.67 -12.69 -45.86
N ALA D 199 -1.24 -12.24 -44.68
CA ALA D 199 0.04 -12.70 -44.13
C ALA D 199 0.05 -14.21 -43.93
N SER D 200 -1.06 -14.76 -43.43
CA SER D 200 -1.13 -16.19 -43.16
C SER D 200 -1.00 -17.02 -44.43
N LYS D 201 -1.58 -16.56 -45.53
CA LYS D 201 -1.49 -17.26 -46.79
C LYS D 201 -0.19 -16.99 -47.55
N SER D 202 0.73 -16.24 -46.98
CA SER D 202 1.99 -15.93 -47.64
C SER D 202 3.16 -16.74 -47.10
N VAL D 203 2.91 -17.64 -46.16
CA VAL D 203 3.95 -18.45 -45.55
C VAL D 203 3.37 -19.83 -45.27
N THR D 204 4.27 -20.82 -45.12
CA THR D 204 3.83 -22.16 -44.77
C THR D 204 4.83 -22.77 -43.80
N TYR D 205 4.37 -23.85 -43.15
CA TYR D 205 5.19 -24.71 -42.33
C TYR D 205 4.67 -26.13 -42.53
N VAL D 206 5.36 -27.11 -41.97
CA VAL D 206 4.97 -28.51 -42.04
C VAL D 206 4.36 -28.92 -40.71
N ASN D 207 3.11 -29.39 -40.74
CA ASN D 207 2.43 -29.79 -39.52
C ASN D 207 2.96 -31.14 -39.04
N SER D 208 2.33 -31.70 -38.01
CA SER D 208 2.79 -32.96 -37.43
C SER D 208 2.58 -34.16 -38.33
N LYS D 209 1.81 -34.02 -39.42
CA LYS D 209 1.51 -35.11 -40.33
C LYS D 209 2.17 -34.91 -41.69
N GLY D 210 3.26 -34.16 -41.75
CA GLY D 210 3.99 -33.94 -42.97
C GLY D 210 3.34 -33.03 -44.01
N GLU D 211 2.11 -32.58 -43.84
CA GLU D 211 1.54 -31.68 -44.83
C GLU D 211 2.11 -30.27 -44.68
N ALA D 212 2.18 -29.54 -45.79
CA ALA D 212 2.53 -28.12 -45.75
C ALA D 212 1.24 -27.34 -45.68
N VAL D 213 1.13 -26.46 -44.68
CA VAL D 213 -0.11 -25.77 -44.39
C VAL D 213 0.17 -24.29 -44.21
N ASN D 214 -0.90 -23.46 -44.41
CA ASN D 214 -0.69 -22.09 -43.96
C ASN D 214 -1.06 -21.94 -42.49
N PRO D 215 -0.44 -20.98 -41.79
CA PRO D 215 -0.96 -20.56 -40.50
C PRO D 215 -2.46 -20.29 -40.58
N LEU D 216 -3.19 -20.78 -39.57
CA LEU D 216 -4.65 -20.65 -39.54
C LEU D 216 -5.11 -19.22 -39.76
N GLY D 217 -4.49 -18.27 -39.07
CA GLY D 217 -5.03 -16.92 -39.08
C GLY D 217 -6.30 -16.80 -38.26
N TYR D 218 -6.47 -17.68 -37.27
CA TYR D 218 -7.59 -17.53 -36.37
C TYR D 218 -7.43 -16.27 -35.55
N MET D 219 -8.54 -15.58 -35.30
CA MET D 219 -8.58 -14.42 -34.43
C MET D 219 -9.78 -14.53 -33.51
N VAL D 220 -9.57 -14.25 -32.22
CA VAL D 220 -10.67 -14.34 -31.27
C VAL D 220 -10.65 -13.12 -30.37
N ALA D 221 -11.77 -12.42 -30.31
CA ALA D 221 -11.89 -11.20 -29.53
C ALA D 221 -12.16 -11.52 -28.06
N GLN D 222 -11.53 -10.76 -27.15
CA GLN D 222 -11.88 -10.77 -25.74
C GLN D 222 -12.71 -9.52 -25.48
N ILE D 223 -14.02 -9.70 -25.35
CA ILE D 223 -14.93 -8.63 -24.99
C ILE D 223 -15.70 -9.14 -23.77
N TRP D 224 -15.32 -8.68 -22.60
CA TRP D 224 -15.88 -9.15 -21.34
C TRP D 224 -17.17 -8.37 -21.07
N ASN D 225 -18.25 -8.80 -21.73
CA ASN D 225 -19.54 -8.13 -21.65
C ASN D 225 -20.63 -9.12 -22.07
N ASN D 226 -21.88 -8.65 -22.12
CA ASN D 226 -22.96 -9.53 -22.55
C ASN D 226 -23.10 -9.54 -24.08
N GLU D 227 -24.09 -10.33 -24.54
CA GLU D 227 -24.16 -10.72 -25.95
C GLU D 227 -24.35 -9.50 -26.86
N ASN D 228 -25.14 -8.51 -26.43
CA ASN D 228 -25.35 -7.38 -27.31
C ASN D 228 -24.08 -6.56 -27.50
N TYR D 229 -23.25 -6.46 -26.46
CA TYR D 229 -22.02 -5.69 -26.56
C TYR D 229 -20.95 -6.45 -27.34
N ILE D 230 -20.92 -7.78 -27.21
CA ILE D 230 -20.04 -8.58 -28.04
C ILE D 230 -20.43 -8.46 -29.49
N LYS D 231 -21.74 -8.37 -29.76
CA LYS D 231 -22.16 -8.20 -31.14
C LYS D 231 -21.78 -6.82 -31.67
N GLU D 232 -22.18 -5.77 -30.95
CA GLU D 232 -21.92 -4.40 -31.39
C GLU D 232 -20.42 -4.15 -31.61
N THR D 233 -19.57 -4.56 -30.67
CA THR D 233 -18.16 -4.20 -30.72
C THR D 233 -17.26 -5.30 -31.29
N GLY D 234 -17.79 -6.47 -31.60
CA GLY D 234 -16.92 -7.58 -31.97
C GLY D 234 -17.36 -8.35 -33.20
N TYR D 235 -18.60 -8.83 -33.20
CA TYR D 235 -19.07 -9.55 -34.37
C TYR D 235 -19.46 -8.60 -35.49
N GLY D 236 -20.08 -7.49 -35.16
CA GLY D 236 -20.60 -6.60 -36.19
C GLY D 236 -21.96 -7.05 -36.68
N ALA D 237 -22.45 -6.34 -37.70
CA ALA D 237 -23.79 -6.56 -38.21
C ALA D 237 -23.87 -7.76 -39.14
N GLU D 238 -25.05 -8.37 -39.21
CA GLU D 238 -25.30 -9.41 -40.19
C GLU D 238 -24.96 -8.89 -41.57
N GLY D 239 -24.26 -9.71 -42.35
CA GLY D 239 -23.79 -9.29 -43.66
C GLY D 239 -22.57 -8.40 -43.69
N GLU D 240 -21.97 -8.07 -42.53
CA GLU D 240 -20.83 -7.14 -42.48
C GLU D 240 -19.93 -7.49 -41.30
N PRO D 241 -19.19 -8.59 -41.38
CA PRO D 241 -18.47 -9.07 -40.21
C PRO D 241 -17.27 -8.19 -39.87
N ALA D 242 -17.15 -7.88 -38.58
CA ALA D 242 -15.94 -7.28 -38.04
C ALA D 242 -14.94 -8.38 -37.70
N LEU D 243 -15.08 -8.96 -36.51
CA LEU D 243 -14.33 -10.15 -36.13
C LEU D 243 -15.26 -11.37 -36.18
N CYS D 244 -14.67 -12.54 -36.37
CA CYS D 244 -15.49 -13.72 -36.57
C CYS D 244 -15.65 -14.56 -35.32
N SER D 245 -14.71 -14.45 -34.36
CA SER D 245 -14.75 -15.27 -33.15
C SER D 245 -14.57 -14.39 -31.91
N ALA D 246 -15.35 -14.66 -30.87
CA ALA D 246 -15.20 -13.96 -29.60
C ALA D 246 -15.40 -14.95 -28.47
N PHE D 247 -14.79 -14.67 -27.32
CA PHE D 247 -15.02 -15.52 -26.17
C PHE D 247 -16.47 -15.42 -25.70
N ASP D 248 -16.96 -16.52 -25.16
CA ASP D 248 -18.36 -16.62 -24.77
C ASP D 248 -18.48 -16.39 -23.25
N PHE D 249 -18.24 -15.14 -22.87
CA PHE D 249 -18.46 -14.78 -21.47
C PHE D 249 -19.86 -15.10 -20.99
N PRO D 250 -20.92 -14.86 -21.74
CA PRO D 250 -22.24 -15.18 -21.19
C PRO D 250 -22.41 -16.66 -20.88
N VAL D 251 -21.97 -17.56 -21.75
CA VAL D 251 -22.22 -18.96 -21.41
C VAL D 251 -21.28 -19.41 -20.30
N ARG D 252 -20.08 -18.82 -20.21
CA ARG D 252 -19.19 -19.13 -19.10
C ARG D 252 -19.86 -18.80 -17.77
N TYR D 253 -20.54 -17.66 -17.70
CA TYR D 253 -21.22 -17.30 -16.47
C TYR D 253 -22.35 -18.29 -16.15
N ARG D 254 -23.12 -18.70 -17.17
CA ARG D 254 -24.18 -19.67 -16.93
C ARG D 254 -23.60 -21.00 -16.45
N VAL D 255 -22.47 -21.42 -17.02
CA VAL D 255 -21.85 -22.67 -16.60
C VAL D 255 -21.41 -22.58 -15.14
N VAL D 256 -20.66 -21.55 -14.76
CA VAL D 256 -20.21 -21.55 -13.37
C VAL D 256 -21.38 -21.27 -12.42
N GLU D 257 -22.42 -20.53 -12.88
CA GLU D 257 -23.58 -20.30 -12.03
C GLU D 257 -24.41 -21.57 -11.82
N THR D 258 -24.22 -22.59 -12.67
CA THR D 258 -24.95 -23.84 -12.57
C THR D 258 -24.20 -24.87 -11.74
N PHE D 259 -22.94 -25.07 -12.06
CA PHE D 259 -22.15 -26.08 -11.39
C PHE D 259 -21.33 -25.54 -10.22
N ALA D 260 -21.23 -24.21 -10.08
CA ALA D 260 -20.62 -23.60 -8.90
C ALA D 260 -21.39 -22.34 -8.50
N ALA D 261 -20.70 -21.22 -8.35
CA ALA D 261 -21.33 -19.90 -8.31
C ALA D 261 -20.37 -18.90 -8.95
N ASN D 262 -20.91 -17.83 -9.54
CA ASN D 262 -19.99 -16.86 -10.14
C ASN D 262 -19.26 -16.07 -9.04
N GLU D 263 -18.36 -15.17 -9.44
CA GLU D 263 -17.55 -14.46 -8.46
C GLU D 263 -18.42 -13.72 -7.44
N ASN D 264 -19.57 -13.20 -7.86
CA ASN D 264 -20.47 -12.47 -6.97
C ASN D 264 -21.34 -13.38 -6.09
N GLY D 265 -21.36 -14.68 -6.33
CA GLY D 265 -22.12 -15.61 -5.49
C GLY D 265 -23.40 -16.16 -6.09
N ILE D 266 -23.82 -15.71 -7.28
CA ILE D 266 -25.03 -16.26 -7.87
C ILE D 266 -24.72 -17.67 -8.33
N GLY D 267 -25.45 -18.65 -7.79
CA GLY D 267 -25.14 -20.05 -8.06
C GLY D 267 -26.31 -21.01 -7.98
N ASN D 268 -25.98 -22.31 -8.06
CA ASN D 268 -26.92 -23.42 -7.92
C ASN D 268 -28.18 -23.25 -8.76
N LYS D 269 -27.97 -22.90 -10.01
CA LYS D 269 -29.02 -22.79 -11.01
C LYS D 269 -29.24 -24.14 -11.69
N GLY D 270 -30.25 -24.20 -12.55
CA GLY D 270 -30.67 -25.45 -13.14
C GLY D 270 -30.18 -25.62 -14.56
N GLY D 271 -30.53 -26.79 -15.13
CA GLY D 271 -30.29 -27.00 -16.54
C GLY D 271 -31.05 -26.00 -17.40
N LYS D 272 -32.20 -25.54 -16.93
CA LYS D 272 -32.90 -24.49 -17.64
C LYS D 272 -32.03 -23.25 -17.81
N TRP D 273 -31.20 -22.95 -16.79
CA TRP D 273 -30.33 -21.79 -16.85
C TRP D 273 -29.27 -21.94 -17.93
N LEU D 274 -28.64 -23.11 -18.02
CA LEU D 274 -27.76 -23.42 -19.14
C LEU D 274 -28.46 -23.20 -20.47
N ASP D 275 -29.67 -23.76 -20.63
CA ASP D 275 -30.32 -23.72 -21.94
C ASP D 275 -30.61 -22.28 -22.36
N GLU D 276 -31.00 -21.43 -21.40
CA GLU D 276 -31.30 -20.04 -21.74
C GLU D 276 -30.06 -19.34 -22.27
N GLY D 277 -28.90 -19.58 -21.66
CA GLY D 277 -27.67 -19.01 -22.16
C GLY D 277 -27.32 -19.48 -23.57
N MET D 278 -27.58 -20.76 -23.87
CA MET D 278 -27.30 -21.24 -25.22
C MET D 278 -28.28 -20.68 -26.24
N ASN D 279 -29.53 -20.44 -25.85
CA ASN D 279 -30.46 -19.85 -26.79
C ASN D 279 -30.09 -18.41 -27.13
N LEU D 280 -29.42 -17.70 -26.22
CA LEU D 280 -29.11 -16.31 -26.52
C LEU D 280 -28.06 -16.15 -27.61
N HIS D 281 -27.45 -17.26 -28.07
CA HIS D 281 -26.68 -17.20 -29.30
C HIS D 281 -27.50 -16.67 -30.47
N ARG D 282 -28.83 -16.70 -30.36
CA ARG D 282 -29.66 -16.12 -31.42
C ARG D 282 -29.42 -14.62 -31.57
N LEU D 283 -28.87 -13.94 -30.54
CA LEU D 283 -28.60 -12.52 -30.73
C LEU D 283 -27.39 -12.25 -31.61
N TYR D 284 -26.55 -13.24 -31.90
CA TYR D 284 -25.38 -13.02 -32.72
C TYR D 284 -25.71 -13.08 -34.21
N PRO D 285 -24.98 -12.36 -35.05
CA PRO D 285 -25.11 -12.56 -36.49
C PRO D 285 -24.63 -13.95 -36.85
N SER D 286 -25.11 -14.44 -38.00
CA SER D 286 -24.90 -15.85 -38.32
C SER D 286 -23.43 -16.18 -38.58
N HIS D 287 -22.57 -15.19 -38.77
CA HIS D 287 -21.16 -15.51 -38.90
C HIS D 287 -20.45 -15.70 -37.56
N ALA D 288 -21.15 -15.46 -36.45
CA ALA D 288 -20.51 -15.51 -35.14
C ALA D 288 -20.06 -16.93 -34.82
N GLN D 289 -18.90 -17.02 -34.20
CA GLN D 289 -18.31 -18.30 -33.79
C GLN D 289 -17.77 -18.09 -32.37
N PRO D 290 -18.63 -18.20 -31.35
CA PRO D 290 -18.17 -17.98 -29.98
C PRO D 290 -17.21 -19.06 -29.52
N ASN D 291 -16.36 -18.68 -28.58
CA ASN D 291 -15.31 -19.54 -28.05
C ASN D 291 -15.55 -19.69 -26.55
N LEU D 292 -15.75 -20.93 -26.10
CA LEU D 292 -16.16 -21.17 -24.72
C LEU D 292 -14.93 -21.50 -23.87
N MET D 293 -14.67 -20.67 -22.85
CA MET D 293 -13.74 -20.97 -21.78
C MET D 293 -14.53 -21.01 -20.47
N LEU D 294 -14.00 -21.74 -19.48
CA LEU D 294 -14.61 -21.71 -18.15
C LEU D 294 -13.98 -20.67 -17.23
N GLY D 295 -12.71 -20.34 -17.45
CA GLY D 295 -12.02 -19.30 -16.71
C GLY D 295 -10.88 -18.83 -17.56
N ASN D 296 -10.14 -17.86 -17.04
CA ASN D 296 -8.89 -17.44 -17.64
C ASN D 296 -8.06 -16.75 -16.55
N HIS D 297 -7.07 -15.98 -16.97
CA HIS D 297 -6.22 -15.27 -16.02
C HIS D 297 -6.91 -14.06 -15.37
N ASP D 298 -8.14 -13.72 -15.74
CA ASP D 298 -8.85 -12.63 -15.07
C ASP D 298 -9.99 -13.11 -14.17
N LEU D 299 -10.29 -14.40 -14.13
CA LEU D 299 -11.43 -14.92 -13.40
C LEU D 299 -10.95 -15.83 -12.29
N VAL D 300 -11.75 -15.91 -11.22
CA VAL D 300 -11.42 -16.82 -10.12
C VAL D 300 -11.47 -18.26 -10.62
N ARG D 301 -10.49 -19.06 -10.22
CA ARG D 301 -10.48 -20.48 -10.57
C ARG D 301 -11.78 -21.15 -10.15
N PHE D 302 -12.25 -22.06 -11.00
CA PHE D 302 -13.46 -22.81 -10.71
C PHE D 302 -13.42 -23.40 -9.30
N GLY D 303 -12.31 -24.08 -8.97
CA GLY D 303 -12.20 -24.71 -7.67
C GLY D 303 -12.32 -23.73 -6.53
N ASP D 304 -11.83 -22.50 -6.71
CA ASP D 304 -12.00 -21.52 -5.65
C ASP D 304 -13.41 -20.96 -5.61
N LEU D 305 -14.09 -20.90 -6.77
CA LEU D 305 -15.49 -20.50 -6.77
C LEU D 305 -16.34 -21.50 -5.98
N LEU D 306 -16.01 -22.79 -6.07
CA LEU D 306 -16.75 -23.79 -5.33
C LEU D 306 -16.58 -23.60 -3.83
N GLN D 307 -15.41 -23.15 -3.39
CA GLN D 307 -15.19 -22.88 -1.98
C GLN D 307 -15.78 -21.54 -1.56
N ARG D 308 -15.68 -20.51 -2.41
CA ARG D 308 -16.27 -19.22 -2.12
C ARG D 308 -17.75 -19.34 -1.78
N GLY D 309 -18.50 -20.13 -2.56
CA GLY D 309 -19.90 -20.39 -2.33
C GLY D 309 -20.22 -21.40 -1.24
N ASN D 310 -19.20 -22.03 -0.66
CA ASN D 310 -19.39 -23.11 0.31
C ASN D 310 -20.18 -24.26 -0.30
N ILE D 311 -19.88 -24.54 -1.55
CA ILE D 311 -20.46 -25.67 -2.26
C ILE D 311 -19.64 -26.93 -2.07
N ALA D 312 -18.34 -26.85 -2.30
CA ALA D 312 -17.53 -28.04 -2.19
C ALA D 312 -16.08 -27.63 -1.97
N SER D 313 -15.29 -28.57 -1.47
CA SER D 313 -13.88 -28.38 -1.18
C SER D 313 -13.12 -29.59 -1.72
N PRO D 314 -11.82 -29.43 -2.00
CA PRO D 314 -11.09 -30.51 -2.67
C PRO D 314 -11.13 -31.86 -1.93
N GLU D 315 -11.45 -31.90 -0.63
CA GLU D 315 -11.58 -33.15 0.11
C GLU D 315 -12.86 -33.90 -0.18
N GLN D 316 -13.86 -33.23 -0.77
CA GLN D 316 -15.18 -33.79 -0.97
C GLN D 316 -15.36 -34.26 -2.41
N ALA D 317 -16.18 -35.30 -2.58
CA ALA D 317 -16.37 -35.87 -3.90
C ALA D 317 -17.10 -34.91 -4.84
N GLU D 318 -18.07 -34.15 -4.30
CA GLU D 318 -18.82 -33.22 -5.12
C GLU D 318 -17.94 -32.15 -5.77
N TYR D 319 -16.79 -31.83 -5.15
CA TYR D 319 -15.84 -30.92 -5.77
C TYR D 319 -15.38 -31.43 -7.12
N TRP D 320 -15.06 -32.71 -7.19
CA TRP D 320 -14.56 -33.29 -8.44
C TRP D 320 -15.68 -33.58 -9.42
N GLU D 321 -16.85 -34.02 -8.93
CA GLU D 321 -18.03 -34.22 -9.76
CA GLU D 321 -17.93 -34.25 -9.86
C GLU D 321 -18.40 -32.95 -10.52
N ARG D 322 -18.38 -31.81 -9.81
CA ARG D 322 -18.82 -30.56 -10.42
C ARG D 322 -17.82 -30.08 -11.46
N HIS D 323 -16.52 -30.23 -11.21
CA HIS D 323 -15.53 -30.00 -12.25
C HIS D 323 -15.84 -30.83 -13.49
N LYS D 324 -16.12 -32.12 -13.30
CA LYS D 324 -16.37 -32.97 -14.45
C LYS D 324 -17.64 -32.55 -15.18
N ALA D 325 -18.65 -32.11 -14.45
CA ALA D 325 -19.87 -31.60 -15.06
C ALA D 325 -19.57 -30.41 -15.96
N ALA D 326 -18.93 -29.38 -15.40
CA ALA D 326 -18.63 -28.15 -16.13
C ALA D 326 -17.76 -28.44 -17.35
N LEU D 327 -16.63 -29.13 -17.13
CA LEU D 327 -15.77 -29.54 -18.25
C LEU D 327 -16.54 -30.35 -19.29
N SER D 328 -17.48 -31.19 -18.87
CA SER D 328 -18.23 -31.97 -19.84
C SER D 328 -19.12 -31.06 -20.67
N PHE D 329 -19.70 -30.03 -20.06
CA PHE D 329 -20.53 -29.10 -20.82
C PHE D 329 -19.72 -28.42 -21.91
N GLN D 330 -18.48 -28.06 -21.59
CA GLN D 330 -17.57 -27.52 -22.58
C GLN D 330 -17.37 -28.50 -23.72
N ALA D 331 -17.13 -29.77 -23.39
CA ALA D 331 -16.79 -30.76 -24.41
C ALA D 331 -17.94 -31.02 -25.38
N ALA D 332 -19.18 -30.66 -25.00
CA ALA D 332 -20.36 -30.82 -25.83
C ALA D 332 -20.75 -29.56 -26.57
N TYR D 333 -19.93 -28.51 -26.46
CA TYR D 333 -20.22 -27.20 -27.04
C TYR D 333 -19.72 -27.14 -28.47
N SER D 334 -20.60 -26.81 -29.40
CA SER D 334 -20.16 -26.60 -30.77
C SER D 334 -19.30 -25.33 -30.89
N GLY D 335 -18.15 -25.45 -31.52
CA GLY D 335 -17.26 -24.34 -31.72
C GLY D 335 -15.96 -24.49 -30.96
N PRO D 336 -15.02 -23.57 -31.19
CA PRO D 336 -13.74 -23.62 -30.47
C PRO D 336 -13.95 -23.49 -28.95
N ILE D 337 -13.08 -24.16 -28.19
CA ILE D 337 -13.13 -24.17 -26.72
C ILE D 337 -11.73 -23.94 -26.16
N THR D 338 -11.69 -23.36 -24.96
CA THR D 338 -10.44 -22.93 -24.37
C THR D 338 -10.37 -23.36 -22.91
N LEU D 339 -9.26 -24.00 -22.54
CA LEU D 339 -9.04 -24.50 -21.19
C LEU D 339 -7.92 -23.71 -20.52
N TYR D 340 -8.22 -23.11 -19.37
CA TYR D 340 -7.23 -22.36 -18.60
C TYR D 340 -6.36 -23.33 -17.81
N TYR D 341 -5.04 -23.14 -17.84
CA TYR D 341 -4.14 -24.10 -17.19
C TYR D 341 -4.49 -24.25 -15.71
N GLY D 342 -4.55 -25.49 -15.24
CA GLY D 342 -4.95 -25.78 -13.89
C GLY D 342 -6.35 -26.33 -13.76
N GLU D 343 -7.26 -25.98 -14.66
CA GLU D 343 -8.61 -26.52 -14.51
C GLU D 343 -8.60 -28.03 -14.68
N GLU D 344 -7.68 -28.56 -15.46
CA GLU D 344 -7.72 -29.99 -15.70
C GLU D 344 -7.26 -30.82 -14.51
N ILE D 345 -6.71 -30.21 -13.46
CA ILE D 345 -6.38 -30.95 -12.24
C ILE D 345 -7.13 -30.41 -11.03
N GLY D 346 -8.17 -29.59 -11.24
CA GLY D 346 -8.93 -29.11 -10.11
C GLY D 346 -8.21 -28.08 -9.26
N ASP D 347 -7.27 -27.35 -9.86
CA ASP D 347 -6.40 -26.42 -9.16
C ASP D 347 -7.18 -25.36 -8.37
N GLU D 348 -6.62 -24.97 -7.23
CA GLU D 348 -7.18 -23.92 -6.38
C GLU D 348 -6.08 -23.39 -5.48
N LEU D 349 -6.18 -22.11 -5.14
CA LEU D 349 -5.17 -21.44 -4.32
C LEU D 349 -5.36 -21.84 -2.86
N GLU D 350 -4.39 -22.57 -2.30
CA GLU D 350 -4.53 -22.99 -0.91
C GLU D 350 -4.70 -21.79 0.00
N GLY D 351 -5.67 -21.87 0.90
CA GLY D 351 -5.90 -20.84 1.88
C GLY D 351 -6.68 -19.65 1.39
N TYR D 352 -7.25 -19.71 0.21
CA TYR D 352 -8.00 -18.61 -0.36
C TYR D 352 -9.36 -19.10 -0.82
N ALA D 353 -10.37 -18.26 -0.69
CA ALA D 353 -11.66 -18.55 -1.34
C ALA D 353 -12.53 -17.30 -1.35
N GLN D 354 -12.69 -16.68 -0.18
CA GLN D 354 -13.51 -15.50 -0.05
C GLN D 354 -12.86 -14.31 -0.77
N LYS D 355 -13.69 -13.41 -1.28
CA LYS D 355 -13.18 -12.25 -1.99
C LYS D 355 -12.35 -11.41 -1.03
N VAL D 356 -11.13 -11.07 -1.45
CA VAL D 356 -10.28 -10.13 -0.75
C VAL D 356 -10.27 -8.84 -1.55
N GLU D 357 -10.47 -7.71 -0.86
CA GLU D 357 -10.55 -6.44 -1.56
C GLU D 357 -9.48 -5.45 -1.11
N GLN D 358 -9.41 -5.14 0.18
CA GLN D 358 -8.47 -4.12 0.65
C GLN D 358 -7.05 -4.65 0.49
N ASP D 359 -6.17 -3.84 -0.12
CA ASP D 359 -4.78 -4.21 -0.27
C ASP D 359 -4.61 -5.55 -0.98
N CYS D 360 -5.50 -5.86 -1.93
CA CYS D 360 -5.48 -7.20 -2.51
C CYS D 360 -4.36 -7.37 -3.55
N ALA D 361 -3.98 -6.29 -4.24
CA ALA D 361 -2.98 -6.44 -5.30
C ALA D 361 -1.61 -6.83 -4.75
N VAL D 362 -1.20 -6.26 -3.61
CA VAL D 362 0.11 -6.61 -3.10
C VAL D 362 0.13 -8.04 -2.55
N GLN D 363 -1.01 -8.56 -2.14
CA GLN D 363 -1.05 -9.96 -1.71
C GLN D 363 -1.24 -10.92 -2.86
N GLY D 364 -1.53 -10.42 -4.06
CA GLY D 364 -1.84 -11.29 -5.19
C GLY D 364 -3.20 -11.94 -5.10
N LEU D 365 -4.20 -11.25 -4.54
CA LEU D 365 -5.48 -11.87 -4.27
C LEU D 365 -6.70 -11.12 -4.80
N CYS D 366 -6.54 -10.09 -5.63
CA CYS D 366 -7.73 -9.53 -6.26
C CYS D 366 -8.32 -10.56 -7.22
N ASP D 367 -9.65 -10.49 -7.39
CA ASP D 367 -10.33 -11.47 -8.21
C ASP D 367 -9.78 -11.53 -9.63
N ASP D 368 -9.32 -10.40 -10.17
CA ASP D 368 -8.91 -10.34 -11.56
C ASP D 368 -7.49 -10.80 -11.79
N HIS D 369 -6.77 -11.24 -10.76
CA HIS D 369 -5.51 -11.94 -11.00
C HIS D 369 -5.24 -13.09 -10.03
N VAL D 370 -6.16 -13.43 -9.13
CA VAL D 370 -5.86 -14.46 -8.14
C VAL D 370 -5.64 -15.81 -8.81
N ALA D 371 -6.16 -16.03 -10.01
CA ALA D 371 -5.96 -17.28 -10.74
C ALA D 371 -4.56 -17.45 -11.33
N ARG D 372 -3.71 -16.43 -11.25
CA ARG D 372 -2.38 -16.52 -11.85
C ARG D 372 -1.43 -17.22 -10.87
N THR D 373 -1.71 -18.49 -10.63
CA THR D 373 -0.95 -19.30 -9.70
C THR D 373 0.05 -20.20 -10.42
N SER D 374 1.08 -20.63 -9.69
CA SER D 374 2.15 -21.40 -10.29
C SER D 374 1.62 -22.71 -10.88
N ALA D 375 1.94 -22.94 -12.14
CA ALA D 375 1.50 -24.14 -12.84
C ALA D 375 1.96 -25.41 -12.13
N ASN D 376 1.02 -26.36 -11.97
CA ASN D 376 1.29 -27.73 -11.55
C ASN D 376 1.25 -28.64 -12.77
N ILE D 377 2.42 -28.97 -13.30
CA ILE D 377 2.51 -29.81 -14.48
C ILE D 377 3.02 -31.18 -14.05
N ASP D 378 2.23 -32.21 -14.29
CA ASP D 378 2.52 -33.54 -13.78
C ASP D 378 3.86 -34.04 -14.30
N GLY D 379 4.71 -34.47 -13.38
CA GLY D 379 6.00 -34.99 -13.79
C GLY D 379 6.97 -33.95 -14.31
N LEU D 380 6.76 -32.69 -13.96
CA LEU D 380 7.65 -31.60 -14.39
C LEU D 380 7.84 -30.60 -13.26
N THR D 381 6.75 -30.22 -12.59
CA THR D 381 6.78 -29.32 -11.45
C THR D 381 6.05 -29.86 -10.22
N VAL D 382 5.42 -31.05 -10.34
CA VAL D 382 4.67 -31.62 -9.23
C VAL D 382 4.41 -33.07 -9.58
N ASN D 383 4.06 -33.86 -8.57
CA ASN D 383 3.56 -35.22 -8.76
C ASN D 383 2.10 -35.20 -8.32
N LEU D 384 1.20 -35.35 -9.28
CA LEU D 384 -0.22 -35.22 -9.00
C LEU D 384 -0.68 -36.35 -8.08
N ASN D 385 -1.66 -36.03 -7.22
CA ASN D 385 -2.30 -37.05 -6.40
C ASN D 385 -3.37 -37.76 -7.22
N GLU D 386 -4.09 -38.68 -6.58
CA GLU D 386 -4.96 -39.59 -7.30
C GLU D 386 -6.19 -38.87 -7.85
N LYS D 387 -6.76 -37.95 -7.07
CA LYS D 387 -7.95 -37.25 -7.53
C LYS D 387 -7.64 -36.31 -8.70
N GLN D 388 -6.47 -35.67 -8.66
CA GLN D 388 -6.03 -34.82 -9.77
C GLN D 388 -5.78 -35.64 -11.02
N ARG D 389 -5.04 -36.74 -10.91
CA ARG D 389 -4.81 -37.56 -12.09
C ARG D 389 -6.11 -38.12 -12.63
N ASP D 390 -7.09 -38.33 -11.76
CA ASP D 390 -8.38 -38.83 -12.22
C ASP D 390 -9.11 -37.77 -13.04
N LEU D 391 -9.01 -36.52 -12.63
CA LEU D 391 -9.66 -35.45 -13.39
C LEU D 391 -8.92 -35.21 -14.70
N LYS D 392 -7.59 -35.12 -14.64
CA LYS D 392 -6.76 -34.96 -15.84
C LYS D 392 -7.08 -36.04 -16.88
N GLN D 393 -7.27 -37.28 -16.44
CA GLN D 393 -7.54 -38.35 -17.40
C GLN D 393 -8.91 -38.17 -18.02
N TYR D 394 -9.92 -37.87 -17.21
CA TYR D 394 -11.24 -37.54 -17.72
C TYR D 394 -11.20 -36.42 -18.73
N VAL D 395 -10.40 -35.39 -18.46
CA VAL D 395 -10.26 -34.30 -19.43
C VAL D 395 -9.72 -34.82 -20.75
N SER D 396 -8.76 -35.75 -20.68
CA SER D 396 -8.20 -36.28 -21.92
C SER D 396 -9.20 -37.16 -22.65
N GLN D 397 -10.01 -37.91 -21.90
CA GLN D 397 -11.08 -38.68 -22.53
C GLN D 397 -12.06 -37.76 -23.24
N LEU D 398 -12.44 -36.64 -22.60
CA LEU D 398 -13.32 -35.67 -23.24
C LEU D 398 -12.69 -35.11 -24.52
N MET D 399 -11.47 -34.59 -24.43
CA MET D 399 -10.81 -34.01 -25.60
C MET D 399 -10.68 -35.03 -26.73
N THR D 400 -10.24 -36.25 -26.40
CA THR D 400 -10.13 -37.31 -27.40
C THR D 400 -11.48 -37.60 -28.04
N LEU D 401 -12.50 -37.77 -27.20
CA LEU D 401 -13.86 -37.99 -27.69
C LEU D 401 -14.29 -36.88 -28.62
N ARG D 402 -13.88 -35.65 -28.31
CA ARG D 402 -14.30 -34.48 -29.07
C ARG D 402 -13.64 -34.46 -30.44
N ALA D 403 -12.36 -34.81 -30.49
CA ALA D 403 -11.68 -34.89 -31.78
C ALA D 403 -12.27 -35.99 -32.65
N ALA D 404 -12.85 -37.01 -32.04
CA ALA D 404 -13.36 -38.14 -32.80
C ALA D 404 -14.80 -37.97 -33.27
N HIS D 405 -15.57 -37.02 -32.74
CA HIS D 405 -16.99 -36.93 -33.06
C HIS D 405 -17.39 -35.54 -33.54
N PRO D 406 -17.70 -35.37 -34.81
CA PRO D 406 -18.09 -34.04 -35.28
C PRO D 406 -19.33 -33.49 -34.60
N ALA D 407 -20.22 -34.35 -34.10
CA ALA D 407 -21.41 -33.84 -33.44
C ALA D 407 -21.05 -32.97 -32.25
N LEU D 408 -19.93 -33.25 -31.58
CA LEU D 408 -19.54 -32.42 -30.43
C LEU D 408 -18.96 -31.09 -30.89
N SER D 409 -18.01 -31.13 -31.82
CA SER D 409 -17.31 -29.91 -32.22
C SER D 409 -18.12 -29.04 -33.17
N ARG D 410 -18.98 -29.63 -34.02
CA ARG D 410 -19.67 -28.76 -34.97
C ARG D 410 -21.11 -29.14 -35.27
N GLY D 411 -21.72 -29.99 -34.45
CA GLY D 411 -23.07 -30.45 -34.74
C GLY D 411 -24.14 -29.41 -34.44
N GLU D 412 -25.27 -29.53 -35.13
CA GLU D 412 -26.45 -28.78 -34.75
C GLU D 412 -26.87 -29.19 -33.35
N ARG D 413 -27.41 -28.24 -32.61
CA ARG D 413 -27.81 -28.46 -31.24
C ARG D 413 -29.32 -28.40 -31.13
N THR D 414 -29.92 -29.40 -30.50
CA THR D 414 -31.35 -29.42 -30.24
C THR D 414 -31.59 -29.83 -28.79
N ASN D 415 -32.08 -28.91 -27.99
CA ASN D 415 -32.26 -29.22 -26.58
C ASN D 415 -33.49 -30.10 -26.39
N ILE D 416 -33.31 -31.19 -25.67
CA ILE D 416 -34.38 -32.16 -25.42
C ILE D 416 -35.05 -31.91 -24.08
N VAL D 417 -34.24 -31.73 -23.02
CA VAL D 417 -34.73 -31.42 -21.67
C VAL D 417 -33.85 -30.33 -21.07
N ALA D 418 -34.47 -29.43 -20.29
CA ALA D 418 -33.71 -28.44 -19.53
C ALA D 418 -34.57 -28.04 -18.33
N ASN D 419 -34.39 -28.74 -17.22
CA ASN D 419 -35.14 -28.40 -16.01
C ASN D 419 -34.12 -28.24 -14.87
N GLU D 420 -34.62 -28.26 -13.63
CA GLU D 420 -33.74 -27.95 -12.51
C GLU D 420 -32.81 -29.09 -12.15
N THR D 421 -33.05 -30.30 -12.66
CA THR D 421 -32.21 -31.44 -12.29
C THR D 421 -31.39 -32.01 -13.44
N VAL D 422 -31.73 -31.71 -14.70
CA VAL D 422 -31.03 -32.33 -15.82
C VAL D 422 -31.04 -31.41 -17.04
N TYR D 423 -30.00 -31.53 -17.84
CA TYR D 423 -29.85 -30.86 -19.11
C TYR D 423 -29.52 -31.93 -20.14
N ILE D 424 -30.31 -32.00 -21.22
CA ILE D 424 -30.11 -33.01 -22.27
C ILE D 424 -30.12 -32.31 -23.63
N ASP D 425 -29.02 -32.44 -24.36
CA ASP D 425 -28.89 -31.90 -25.71
C ASP D 425 -28.77 -33.01 -26.74
N HIS D 426 -29.42 -32.80 -27.89
CA HIS D 426 -29.22 -33.62 -29.07
C HIS D 426 -28.22 -32.93 -29.98
N LYS D 427 -27.08 -33.58 -30.25
CA LYS D 427 -26.07 -33.07 -31.17
C LYS D 427 -26.00 -33.96 -32.41
N GLN D 428 -25.97 -33.34 -33.59
CA GLN D 428 -25.91 -34.08 -34.85
C GLN D 428 -25.05 -33.33 -35.85
N ALA D 429 -24.11 -34.05 -36.44
CA ALA D 429 -23.31 -33.55 -37.56
C ALA D 429 -23.15 -34.71 -38.53
N ASP D 430 -23.73 -34.59 -39.71
CA ASP D 430 -23.64 -35.61 -40.76
C ASP D 430 -24.09 -36.95 -40.19
N ASP D 431 -23.27 -38.01 -40.24
CA ASP D 431 -23.67 -39.32 -39.76
C ASP D 431 -23.43 -39.52 -38.26
N ASP D 432 -22.72 -38.59 -37.59
CA ASP D 432 -22.52 -38.63 -36.16
C ASP D 432 -23.76 -38.06 -35.47
N ALA D 433 -24.28 -38.77 -34.49
CA ALA D 433 -25.43 -38.30 -33.73
C ALA D 433 -25.28 -38.80 -32.30
N LEU D 434 -25.48 -37.91 -31.31
CA LEU D 434 -25.41 -38.37 -29.94
C LEU D 434 -26.28 -37.51 -29.05
N ILE D 435 -26.60 -38.07 -27.88
CA ILE D 435 -27.26 -37.36 -26.79
C ILE D 435 -26.20 -36.99 -25.77
N TYR D 436 -26.22 -35.73 -25.32
CA TYR D 436 -25.42 -35.28 -24.20
C TYR D 436 -26.33 -34.98 -23.01
N MET D 437 -26.04 -35.58 -21.86
CA MET D 437 -26.84 -35.33 -20.68
C MET D 437 -25.96 -35.12 -19.46
N VAL D 438 -26.30 -34.14 -18.63
CA VAL D 438 -25.58 -33.85 -17.41
C VAL D 438 -26.60 -33.53 -16.33
N SER D 439 -26.33 -34.01 -15.11
CA SER D 439 -27.15 -33.70 -13.95
C SER D 439 -26.79 -32.33 -13.37
N THR D 440 -27.81 -31.55 -13.01
CA THR D 440 -27.60 -30.27 -12.33
C THR D 440 -28.13 -30.32 -10.89
N THR D 441 -27.94 -31.45 -10.21
CA THR D 441 -28.47 -31.64 -8.89
C THR D 441 -27.59 -32.60 -8.10
N ALA D 442 -27.61 -32.43 -6.78
CA ALA D 442 -26.81 -33.27 -5.92
C ALA D 442 -27.51 -34.58 -5.57
N ASP D 443 -28.76 -34.76 -5.99
CA ASP D 443 -29.45 -36.01 -5.81
C ASP D 443 -29.20 -36.95 -7.00
N GLN D 444 -29.41 -38.24 -6.75
CA GLN D 444 -29.43 -39.25 -7.79
C GLN D 444 -30.75 -39.16 -8.57
N ASP D 445 -30.73 -39.57 -9.83
CA ASP D 445 -31.94 -39.46 -10.64
C ASP D 445 -31.94 -40.49 -11.76
N THR D 446 -33.12 -40.69 -12.33
CA THR D 446 -33.30 -41.55 -13.50
C THR D 446 -34.04 -40.76 -14.59
N VAL D 447 -33.44 -40.76 -15.78
CA VAL D 447 -33.95 -40.02 -16.94
C VAL D 447 -34.67 -40.98 -17.87
N GLU D 448 -35.83 -40.58 -18.35
CA GLU D 448 -36.61 -41.36 -19.30
C GLU D 448 -36.66 -40.58 -20.61
N LEU D 449 -36.12 -41.18 -21.67
CA LEU D 449 -36.09 -40.57 -23.00
C LEU D 449 -36.92 -41.42 -23.95
N LYS D 450 -37.99 -40.84 -24.49
CA LYS D 450 -38.75 -41.51 -25.54
C LYS D 450 -37.91 -41.55 -26.80
N ALA D 451 -37.61 -42.76 -27.27
CA ALA D 451 -36.75 -42.97 -28.43
C ALA D 451 -37.15 -42.13 -29.64
N SER D 452 -38.44 -41.86 -29.82
CA SER D 452 -38.87 -41.14 -31.00
C SER D 452 -38.66 -39.64 -30.89
N ASP D 453 -38.51 -39.09 -29.67
CA ASP D 453 -38.21 -37.67 -29.49
C ASP D 453 -36.74 -37.32 -29.72
N ILE D 454 -35.87 -38.33 -29.74
CA ILE D 454 -34.46 -38.13 -30.02
C ILE D 454 -34.06 -38.82 -31.32
N ALA D 455 -35.05 -39.27 -32.12
CA ALA D 455 -34.83 -39.87 -33.42
C ALA D 455 -33.80 -40.99 -33.36
N SER D 456 -34.02 -41.93 -32.44
CA SER D 456 -33.16 -43.07 -32.24
C SER D 456 -33.94 -44.35 -32.56
N ASP D 457 -33.46 -45.13 -33.51
CA ASP D 457 -34.10 -46.38 -33.86
C ASP D 457 -33.47 -47.59 -33.18
N GLY D 458 -32.24 -47.48 -32.72
CA GLY D 458 -31.54 -48.61 -32.15
C GLY D 458 -31.10 -48.38 -30.73
N GLN D 459 -29.83 -48.64 -30.45
CA GLN D 459 -29.37 -48.54 -29.08
C GLN D 459 -28.61 -47.24 -28.85
N LEU D 460 -28.49 -46.87 -27.58
CA LEU D 460 -27.60 -45.81 -27.13
C LEU D 460 -26.41 -46.47 -26.46
N VAL D 461 -25.21 -46.21 -26.99
CA VAL D 461 -23.98 -46.71 -26.39
C VAL D 461 -23.27 -45.56 -25.70
N ASP D 462 -23.04 -45.72 -24.40
CA ASP D 462 -22.24 -44.78 -23.63
C ASP D 462 -20.82 -44.73 -24.19
N LEU D 463 -20.40 -43.53 -24.63
CA LEU D 463 -19.20 -43.34 -25.43
C LEU D 463 -17.92 -43.43 -24.62
N LEU D 464 -18.00 -43.36 -23.31
CA LEU D 464 -16.83 -43.48 -22.45
C LEU D 464 -16.77 -44.81 -21.72
N THR D 465 -17.89 -45.31 -21.20
CA THR D 465 -17.86 -46.57 -20.47
C THR D 465 -18.16 -47.76 -21.36
N GLY D 466 -18.89 -47.57 -22.46
CA GLY D 466 -19.23 -48.66 -23.37
C GLY D 466 -20.61 -49.25 -23.17
N LYS D 467 -21.28 -48.96 -22.05
CA LYS D 467 -22.51 -49.65 -21.72
C LYS D 467 -23.61 -49.33 -22.74
N VAL D 468 -24.33 -50.36 -23.15
CA VAL D 468 -25.42 -50.22 -24.09
C VAL D 468 -26.73 -49.99 -23.34
N HIS D 469 -27.60 -49.18 -23.91
CA HIS D 469 -28.90 -48.89 -23.33
C HIS D 469 -29.96 -49.22 -24.36
N SER D 470 -30.82 -50.16 -24.06
CA SER D 470 -31.79 -50.62 -25.04
C SER D 470 -33.14 -49.95 -24.79
N ALA D 471 -33.86 -49.73 -25.87
CA ALA D 471 -35.19 -49.17 -25.73
C ALA D 471 -36.16 -50.28 -25.34
N ILE D 472 -37.05 -49.96 -24.41
CA ILE D 472 -38.11 -50.86 -23.99
C ILE D 472 -39.42 -50.09 -24.13
N ASN D 473 -40.28 -50.57 -25.03
CA ASN D 473 -41.58 -49.92 -25.28
C ASN D 473 -41.37 -48.45 -25.67
N GLY D 474 -40.37 -48.19 -26.49
CA GLY D 474 -40.09 -46.85 -26.97
C GLY D 474 -39.41 -45.91 -25.99
N GLU D 475 -38.92 -46.42 -24.86
CA GLU D 475 -38.32 -45.60 -23.81
C GLU D 475 -36.93 -46.09 -23.45
N TYR D 476 -36.02 -45.17 -23.16
CA TYR D 476 -34.74 -45.50 -22.52
C TYR D 476 -34.79 -45.03 -21.08
N GLN D 477 -34.18 -45.82 -20.17
CA GLN D 477 -34.05 -45.44 -18.77
C GLN D 477 -32.56 -45.29 -18.49
N ILE D 478 -32.13 -44.05 -18.24
CA ILE D 478 -30.74 -43.75 -17.93
C ILE D 478 -30.71 -43.14 -16.54
N SER D 479 -29.83 -43.64 -15.68
CA SER D 479 -29.68 -43.08 -14.35
C SER D 479 -28.43 -42.21 -14.29
N LEU D 480 -28.57 -41.04 -13.67
CA LEU D 480 -27.48 -40.09 -13.55
C LEU D 480 -27.14 -39.93 -12.08
N ALA D 481 -25.89 -40.19 -11.73
CA ALA D 481 -25.43 -39.85 -10.39
C ALA D 481 -25.38 -38.33 -10.24
N PRO D 482 -25.30 -37.81 -9.01
CA PRO D 482 -25.24 -36.36 -8.84
C PRO D 482 -24.13 -35.71 -9.66
N PHE D 483 -24.52 -34.69 -10.45
CA PHE D 483 -23.62 -33.93 -11.34
C PHE D 483 -22.82 -34.83 -12.26
N GLU D 484 -23.39 -35.96 -12.65
CA GLU D 484 -22.75 -36.83 -13.62
C GLU D 484 -23.16 -36.45 -15.03
N ALA D 485 -22.23 -36.63 -15.97
CA ALA D 485 -22.47 -36.41 -17.38
C ALA D 485 -22.29 -37.73 -18.14
N LYS D 486 -23.09 -37.90 -19.20
CA LYS D 486 -23.00 -39.07 -20.07
C LYS D 486 -23.01 -38.62 -21.53
N PHE D 487 -22.14 -39.24 -22.33
CA PHE D 487 -22.14 -39.07 -23.79
C PHE D 487 -22.64 -40.38 -24.39
N LEU D 488 -23.81 -40.32 -25.03
CA LEU D 488 -24.52 -41.49 -25.52
C LEU D 488 -24.61 -41.40 -27.03
N LEU D 489 -23.93 -42.32 -27.72
CA LEU D 489 -24.04 -42.39 -29.18
C LEU D 489 -25.41 -42.89 -29.58
N ILE D 490 -26.05 -42.19 -30.50
CA ILE D 490 -27.27 -42.71 -31.11
C ILE D 490 -26.85 -43.66 -32.22
N GLU D 491 -26.73 -44.94 -31.88
CA GLU D 491 -26.11 -45.91 -32.78
C GLU D 491 -26.86 -46.06 -34.10
N THR D 492 -28.19 -45.88 -34.09
CA THR D 492 -28.99 -45.93 -35.31
C THR D 492 -29.91 -44.72 -35.37
N PRO D 493 -29.41 -43.58 -35.82
CA PRO D 493 -30.29 -42.41 -36.00
C PRO D 493 -31.47 -42.74 -36.90
N SER D 494 -32.57 -42.01 -36.70
CA SER D 494 -33.77 -42.20 -37.50
C SER D 494 -33.62 -41.61 -38.89
N ALA D 495 -34.25 -42.28 -39.87
CA ALA D 495 -34.06 -41.96 -41.29
C ALA D 495 -34.16 -40.47 -41.57
N SER D 496 -35.25 -39.84 -41.13
CA SER D 496 -35.42 -38.41 -41.33
C SER D 496 -34.49 -37.60 -40.40
N GLY D 497 -34.63 -37.79 -39.10
CA GLY D 497 -33.82 -37.08 -38.13
C GLY D 497 -34.65 -36.26 -37.17
#